data_4LG6
# 
_entry.id   4LG6 
# 
_audit_conform.dict_name       mmcif_pdbx.dic 
_audit_conform.dict_version    5.379 
_audit_conform.dict_location   http://mmcif.pdb.org/dictionaries/ascii/mmcif_pdbx.dic 
# 
loop_
_database_2.database_id 
_database_2.database_code 
_database_2.pdbx_database_accession 
_database_2.pdbx_DOI 
PDB   4LG6         pdb_00004lg6 10.2210/pdb4lg6/pdb 
RCSB  RCSB080588   ?            ?                   
WWPDB D_1000080588 ?            ?                   
# 
_pdbx_database_status.entry_id                        4LG6 
_pdbx_database_status.status_code                     REL 
_pdbx_database_status.deposit_site                    RCSB 
_pdbx_database_status.process_site                    RCSB 
_pdbx_database_status.recvd_initial_deposition_date   2013-06-27 
_pdbx_database_status.status_code_sf                  REL 
_pdbx_database_status.status_code_mr                  ? 
_pdbx_database_status.SG_entry                        Y 
_pdbx_database_status.status_code_cs                  ? 
_pdbx_database_status.methods_development_category    ? 
_pdbx_database_status.pdb_format_compatible           Y 
_pdbx_database_status.status_code_nmr_data            ? 
# 
loop_
_audit_author.name 
_audit_author.pdbx_ordinal 
'Xu, C.'                               1 
'Bian, C.'                             2 
'Tempel, W.'                           3 
'Mackenzie, F.'                        4 
'Bountra, C.'                          5 
'Arrowsmith, C.H.'                     6 
'Edwards, A.M.'                        7 
'Min, J.'                              8 
'Structural Genomics Consortium (SGC)' 9 
# 
_citation.id                        primary 
_citation.title                     'Ankyrin Repeats of ANKRA2 Recognize a PxLPxL Motif on the 3M Syndrome Protein CCDC8.' 
_citation.journal_abbrev            Structure 
_citation.journal_volume            23 
_citation.page_first                700 
_citation.page_last                 712 
_citation.year                      2015 
_citation.journal_id_ASTM           STRUE6 
_citation.country                   UK 
_citation.journal_id_ISSN           0969-2126 
_citation.journal_id_CSD            2005 
_citation.book_publisher            ? 
_citation.pdbx_database_id_PubMed   25752541 
_citation.pdbx_database_id_DOI      10.1016/j.str.2015.02.001 
# 
loop_
_citation_author.citation_id 
_citation_author.name 
_citation_author.ordinal 
_citation_author.identifier_ORCID 
primary 'Nie, J.'    1  ? 
primary 'Xu, C.'     2  ? 
primary 'Jin, J.'    3  ? 
primary 'Aka, J.A.'  4  ? 
primary 'Tempel, W.' 5  ? 
primary 'Nguyen, V.' 6  ? 
primary 'You, L.'    7  ? 
primary 'Weist, R.'  8  ? 
primary 'Min, J.'    9  ? 
primary 'Pawson, T.' 10 ? 
primary 'Yang, X.J.' 11 ? 
# 
_cell.entry_id           4LG6 
_cell.length_a           38.726 
_cell.length_b           49.791 
_cell.length_c           41.243 
_cell.angle_alpha        90.000 
_cell.angle_beta         98.230 
_cell.angle_gamma        90.000 
_cell.pdbx_unique_axis   ? 
_cell.Z_PDB              2 
_cell.length_a_esd       ? 
_cell.length_b_esd       ? 
_cell.length_c_esd       ? 
_cell.angle_alpha_esd    ? 
_cell.angle_beta_esd     ? 
_cell.angle_gamma_esd    ? 
# 
_symmetry.entry_id                         4LG6 
_symmetry.space_group_name_H-M             'P 1 21 1' 
_symmetry.Int_Tables_number                4 
_symmetry.pdbx_full_space_group_name_H-M   ? 
_symmetry.cell_setting                     ? 
_symmetry.space_group_name_Hall            ? 
# 
loop_
_entity.id 
_entity.type 
_entity.src_method 
_entity.pdbx_description 
_entity.formula_weight 
_entity.pdbx_number_of_molecules 
_entity.pdbx_ec 
_entity.pdbx_mutation 
_entity.pdbx_fragment 
_entity.details 
1 polymer     man 'Ankyrin repeat family A protein 2'       18784.270 1  ? ? ? ? 
2 polymer     syn 'Coiled-coil domain-containing protein 8' 2077.498  1  ? ? ? ? 
3 non-polymer syn 'UNKNOWN ATOM OR ION'                     ?         3  ? ? ? ? 
4 water       nat water                                     18.015    53 ? ? ? ? 
# 
_entity_name_com.entity_id   1 
_entity_name_com.name        'RFXANK-like protein 2' 
# 
loop_
_entity_poly.entity_id 
_entity_poly.type 
_entity_poly.nstd_linkage 
_entity_poly.nstd_monomer 
_entity_poly.pdbx_seq_one_letter_code 
_entity_poly.pdbx_seq_one_letter_code_can 
_entity_poly.pdbx_strand_id 
_entity_poly.pdbx_target_identifier 
1 'polypeptide(L)' no no 
;GSTTPLLANSLSVHQLAAQGEMLYLATRIEQENVINHTDEEGFTPLMWAAAHGQIAVVEFLLQNGADPQLLGKGRESALS
LACSKGYTDIVKMLLDCGVDVNEYDWNGGTPLLYAVHGNHVKCVKMLLESGADPTIETDSGYNSMDLAVALGYRSVQQVI
ESHLLKLLQNIKE
;
;GSTTPLLANSLSVHQLAAQGEMLYLATRIEQENVINHTDEEGFTPLMWAAAHGQIAVVEFLLQNGADPQLLGKGRESALS
LACSKGYTDIVKMLLDCGVDVNEYDWNGGTPLLYAVHGNHVKCVKMLLESGADPTIETDSGYNSMDLAVALGYRSVQQVI
ESHLLKLLQNIKE
;
A ? 
2 'polypeptide(L)' no no RAFWHTPRLPTLPKRVP RAFWHTPRLPTLPKRVP B ? 
# 
loop_
_entity_poly_seq.entity_id 
_entity_poly_seq.num 
_entity_poly_seq.mon_id 
_entity_poly_seq.hetero 
1 1   GLY n 
1 2   SER n 
1 3   THR n 
1 4   THR n 
1 5   PRO n 
1 6   LEU n 
1 7   LEU n 
1 8   ALA n 
1 9   ASN n 
1 10  SER n 
1 11  LEU n 
1 12  SER n 
1 13  VAL n 
1 14  HIS n 
1 15  GLN n 
1 16  LEU n 
1 17  ALA n 
1 18  ALA n 
1 19  GLN n 
1 20  GLY n 
1 21  GLU n 
1 22  MET n 
1 23  LEU n 
1 24  TYR n 
1 25  LEU n 
1 26  ALA n 
1 27  THR n 
1 28  ARG n 
1 29  ILE n 
1 30  GLU n 
1 31  GLN n 
1 32  GLU n 
1 33  ASN n 
1 34  VAL n 
1 35  ILE n 
1 36  ASN n 
1 37  HIS n 
1 38  THR n 
1 39  ASP n 
1 40  GLU n 
1 41  GLU n 
1 42  GLY n 
1 43  PHE n 
1 44  THR n 
1 45  PRO n 
1 46  LEU n 
1 47  MET n 
1 48  TRP n 
1 49  ALA n 
1 50  ALA n 
1 51  ALA n 
1 52  HIS n 
1 53  GLY n 
1 54  GLN n 
1 55  ILE n 
1 56  ALA n 
1 57  VAL n 
1 58  VAL n 
1 59  GLU n 
1 60  PHE n 
1 61  LEU n 
1 62  LEU n 
1 63  GLN n 
1 64  ASN n 
1 65  GLY n 
1 66  ALA n 
1 67  ASP n 
1 68  PRO n 
1 69  GLN n 
1 70  LEU n 
1 71  LEU n 
1 72  GLY n 
1 73  LYS n 
1 74  GLY n 
1 75  ARG n 
1 76  GLU n 
1 77  SER n 
1 78  ALA n 
1 79  LEU n 
1 80  SER n 
1 81  LEU n 
1 82  ALA n 
1 83  CYS n 
1 84  SER n 
1 85  LYS n 
1 86  GLY n 
1 87  TYR n 
1 88  THR n 
1 89  ASP n 
1 90  ILE n 
1 91  VAL n 
1 92  LYS n 
1 93  MET n 
1 94  LEU n 
1 95  LEU n 
1 96  ASP n 
1 97  CYS n 
1 98  GLY n 
1 99  VAL n 
1 100 ASP n 
1 101 VAL n 
1 102 ASN n 
1 103 GLU n 
1 104 TYR n 
1 105 ASP n 
1 106 TRP n 
1 107 ASN n 
1 108 GLY n 
1 109 GLY n 
1 110 THR n 
1 111 PRO n 
1 112 LEU n 
1 113 LEU n 
1 114 TYR n 
1 115 ALA n 
1 116 VAL n 
1 117 HIS n 
1 118 GLY n 
1 119 ASN n 
1 120 HIS n 
1 121 VAL n 
1 122 LYS n 
1 123 CYS n 
1 124 VAL n 
1 125 LYS n 
1 126 MET n 
1 127 LEU n 
1 128 LEU n 
1 129 GLU n 
1 130 SER n 
1 131 GLY n 
1 132 ALA n 
1 133 ASP n 
1 134 PRO n 
1 135 THR n 
1 136 ILE n 
1 137 GLU n 
1 138 THR n 
1 139 ASP n 
1 140 SER n 
1 141 GLY n 
1 142 TYR n 
1 143 ASN n 
1 144 SER n 
1 145 MET n 
1 146 ASP n 
1 147 LEU n 
1 148 ALA n 
1 149 VAL n 
1 150 ALA n 
1 151 LEU n 
1 152 GLY n 
1 153 TYR n 
1 154 ARG n 
1 155 SER n 
1 156 VAL n 
1 157 GLN n 
1 158 GLN n 
1 159 VAL n 
1 160 ILE n 
1 161 GLU n 
1 162 SER n 
1 163 HIS n 
1 164 LEU n 
1 165 LEU n 
1 166 LYS n 
1 167 LEU n 
1 168 LEU n 
1 169 GLN n 
1 170 ASN n 
1 171 ILE n 
1 172 LYS n 
1 173 GLU n 
2 1   ARG n 
2 2   ALA n 
2 3   PHE n 
2 4   TRP n 
2 5   HIS n 
2 6   THR n 
2 7   PRO n 
2 8   ARG n 
2 9   LEU n 
2 10  PRO n 
2 11  THR n 
2 12  LEU n 
2 13  PRO n 
2 14  LYS n 
2 15  ARG n 
2 16  VAL n 
2 17  PRO n 
# 
_entity_src_gen.entity_id                          1 
_entity_src_gen.pdbx_src_id                        1 
_entity_src_gen.pdbx_alt_source_flag               sample 
_entity_src_gen.pdbx_seq_type                      ? 
_entity_src_gen.pdbx_beg_seq_num                   ? 
_entity_src_gen.pdbx_end_seq_num                   ? 
_entity_src_gen.gene_src_common_name               human 
_entity_src_gen.gene_src_genus                     ? 
_entity_src_gen.pdbx_gene_src_gene                 'ANKRA2, ANKRA' 
_entity_src_gen.gene_src_species                   ? 
_entity_src_gen.gene_src_strain                    ? 
_entity_src_gen.gene_src_tissue                    ? 
_entity_src_gen.gene_src_tissue_fraction           ? 
_entity_src_gen.gene_src_details                   ? 
_entity_src_gen.pdbx_gene_src_fragment             ? 
_entity_src_gen.pdbx_gene_src_scientific_name      'Homo sapiens' 
_entity_src_gen.pdbx_gene_src_ncbi_taxonomy_id     9606 
_entity_src_gen.pdbx_gene_src_variant              ? 
_entity_src_gen.pdbx_gene_src_cell_line            ? 
_entity_src_gen.pdbx_gene_src_atcc                 ? 
_entity_src_gen.pdbx_gene_src_organ                ? 
_entity_src_gen.pdbx_gene_src_organelle            ? 
_entity_src_gen.pdbx_gene_src_cell                 ? 
_entity_src_gen.pdbx_gene_src_cellular_location    ? 
_entity_src_gen.host_org_common_name               ? 
_entity_src_gen.pdbx_host_org_scientific_name      'Escherichia coli' 
_entity_src_gen.pdbx_host_org_ncbi_taxonomy_id     511693 
_entity_src_gen.host_org_genus                     ? 
_entity_src_gen.pdbx_host_org_gene                 ? 
_entity_src_gen.pdbx_host_org_organ                ? 
_entity_src_gen.host_org_species                   ? 
_entity_src_gen.pdbx_host_org_tissue               ? 
_entity_src_gen.pdbx_host_org_tissue_fraction      ? 
_entity_src_gen.pdbx_host_org_strain               BL21-V2R-pRARE2 
_entity_src_gen.pdbx_host_org_variant              ? 
_entity_src_gen.pdbx_host_org_cell_line            ? 
_entity_src_gen.pdbx_host_org_atcc                 ? 
_entity_src_gen.pdbx_host_org_culture_collection   ? 
_entity_src_gen.pdbx_host_org_cell                 ? 
_entity_src_gen.pdbx_host_org_organelle            ? 
_entity_src_gen.pdbx_host_org_cellular_location    ? 
_entity_src_gen.pdbx_host_org_vector_type          ? 
_entity_src_gen.pdbx_host_org_vector               ? 
_entity_src_gen.host_org_details                   ? 
_entity_src_gen.expression_system_id               ? 
_entity_src_gen.plasmid_name                       pET28-MHL 
_entity_src_gen.plasmid_details                    ? 
_entity_src_gen.pdbx_description                   ? 
# 
_pdbx_entity_src_syn.entity_id              2 
_pdbx_entity_src_syn.pdbx_src_id            1 
_pdbx_entity_src_syn.pdbx_alt_source_flag   sample 
_pdbx_entity_src_syn.pdbx_beg_seq_num       ? 
_pdbx_entity_src_syn.pdbx_end_seq_num       ? 
_pdbx_entity_src_syn.organism_scientific    'Homo sapiens' 
_pdbx_entity_src_syn.organism_common_name   human 
_pdbx_entity_src_syn.ncbi_taxonomy_id       9606 
_pdbx_entity_src_syn.details                'synthetic peptide' 
# 
loop_
_struct_ref.id 
_struct_ref.db_name 
_struct_ref.db_code 
_struct_ref.pdbx_db_accession 
_struct_ref.entity_id 
_struct_ref.pdbx_seq_one_letter_code 
_struct_ref.pdbx_align_begin 
_struct_ref.pdbx_db_isoform 
1 UNP ANRA2_HUMAN Q9H9E1 1 
;STTPLLANSLSVHQLAAQGEMLYLATRIEQENVINHTDEEGFTPLMWAAAHGQIAVVEFLLQNGADPQLLGKGRESALSL
ACSKGYTDIVKMLLDCGVDVNEYDWNGGTPLLYAVHGNHVKCVKMLLESGADPTIETDSGYNSMDLAVALGYRSVQQVIE
SHLLKLLQNIKE
;
142 ? 
2 UNP CCDC8_HUMAN Q9H0W5 2 RAFWHTPRLPTLPKRVP 494 ? 
# 
loop_
_struct_ref_seq.align_id 
_struct_ref_seq.ref_id 
_struct_ref_seq.pdbx_PDB_id_code 
_struct_ref_seq.pdbx_strand_id 
_struct_ref_seq.seq_align_beg 
_struct_ref_seq.pdbx_seq_align_beg_ins_code 
_struct_ref_seq.seq_align_end 
_struct_ref_seq.pdbx_seq_align_end_ins_code 
_struct_ref_seq.pdbx_db_accession 
_struct_ref_seq.db_align_beg 
_struct_ref_seq.pdbx_db_align_beg_ins_code 
_struct_ref_seq.db_align_end 
_struct_ref_seq.pdbx_db_align_end_ins_code 
_struct_ref_seq.pdbx_auth_seq_align_beg 
_struct_ref_seq.pdbx_auth_seq_align_end 
1 1 4LG6 A 2 ? 173 ? Q9H9E1 142 ? 313 ? 142 313 
2 2 4LG6 B 1 ? 17  ? Q9H0W5 494 ? 510 ? 494 510 
# 
_struct_ref_seq_dif.align_id                     1 
_struct_ref_seq_dif.pdbx_pdb_id_code             4LG6 
_struct_ref_seq_dif.mon_id                       GLY 
_struct_ref_seq_dif.pdbx_pdb_strand_id           A 
_struct_ref_seq_dif.seq_num                      1 
_struct_ref_seq_dif.pdbx_pdb_ins_code            ? 
_struct_ref_seq_dif.pdbx_seq_db_name             UNP 
_struct_ref_seq_dif.pdbx_seq_db_accession_code   Q9H9E1 
_struct_ref_seq_dif.db_mon_id                    ? 
_struct_ref_seq_dif.pdbx_seq_db_seq_num          ? 
_struct_ref_seq_dif.details                      'expression tag' 
_struct_ref_seq_dif.pdbx_auth_seq_num            141 
_struct_ref_seq_dif.pdbx_ordinal                 1 
# 
loop_
_chem_comp.id 
_chem_comp.type 
_chem_comp.mon_nstd_flag 
_chem_comp.name 
_chem_comp.pdbx_synonyms 
_chem_comp.formula 
_chem_comp.formula_weight 
ALA 'L-peptide linking' y ALANINE               ? 'C3 H7 N O2'     89.093  
ARG 'L-peptide linking' y ARGININE              ? 'C6 H15 N4 O2 1' 175.209 
ASN 'L-peptide linking' y ASPARAGINE            ? 'C4 H8 N2 O3'    132.118 
ASP 'L-peptide linking' y 'ASPARTIC ACID'       ? 'C4 H7 N O4'     133.103 
CYS 'L-peptide linking' y CYSTEINE              ? 'C3 H7 N O2 S'   121.158 
GLN 'L-peptide linking' y GLUTAMINE             ? 'C5 H10 N2 O3'   146.144 
GLU 'L-peptide linking' y 'GLUTAMIC ACID'       ? 'C5 H9 N O4'     147.129 
GLY 'peptide linking'   y GLYCINE               ? 'C2 H5 N O2'     75.067  
HIS 'L-peptide linking' y HISTIDINE             ? 'C6 H10 N3 O2 1' 156.162 
HOH non-polymer         . WATER                 ? 'H2 O'           18.015  
ILE 'L-peptide linking' y ISOLEUCINE            ? 'C6 H13 N O2'    131.173 
LEU 'L-peptide linking' y LEUCINE               ? 'C6 H13 N O2'    131.173 
LYS 'L-peptide linking' y LYSINE                ? 'C6 H15 N2 O2 1' 147.195 
MET 'L-peptide linking' y METHIONINE            ? 'C5 H11 N O2 S'  149.211 
PHE 'L-peptide linking' y PHENYLALANINE         ? 'C9 H11 N O2'    165.189 
PRO 'L-peptide linking' y PROLINE               ? 'C5 H9 N O2'     115.130 
SER 'L-peptide linking' y SERINE                ? 'C3 H7 N O3'     105.093 
THR 'L-peptide linking' y THREONINE             ? 'C4 H9 N O3'     119.119 
TRP 'L-peptide linking' y TRYPTOPHAN            ? 'C11 H12 N2 O2'  204.225 
TYR 'L-peptide linking' y TYROSINE              ? 'C9 H11 N O3'    181.189 
UNX non-polymer         . 'UNKNOWN ATOM OR ION' ? ?                ?       
VAL 'L-peptide linking' y VALINE                ? 'C5 H11 N O2'    117.146 
# 
_exptl.crystals_number   1 
_exptl.entry_id          4LG6 
_exptl.method            'X-RAY DIFFRACTION' 
# 
_exptl_crystal.id                    1 
_exptl_crystal.density_percent_sol   39.5 
_exptl_crystal.density_Matthews      2.0 
_exptl_crystal.density_meas          ? 
_exptl_crystal.description           ? 
_exptl_crystal.F_000                 ? 
_exptl_crystal.preparation           ? 
# 
_exptl_crystal_grow.crystal_id      1 
_exptl_crystal_grow.method          'VAPOR DIFFUSION' 
_exptl_crystal_grow.pH              7.5 
_exptl_crystal_grow.temp            291 
_exptl_crystal_grow.pdbx_details    '25% PEG3350, 0.2 M sodium chloride, 0.1 M HEPES, pH 7.5, vapor diffusion, temperature 291K' 
_exptl_crystal_grow.temp_details    ? 
_exptl_crystal_grow.pdbx_pH_range   ? 
# 
_diffrn.id                     1 
_diffrn.ambient_temp           100 
_diffrn.ambient_temp_details   ? 
_diffrn.crystal_id             1 
# 
_diffrn_detector.diffrn_id              1 
_diffrn_detector.detector               'IMAGE PLATE' 
_diffrn_detector.type                   'RIGAKU RAXIS' 
_diffrn_detector.pdbx_collection_date   2011-11-09 
_diffrn_detector.details                ? 
# 
_diffrn_radiation.diffrn_id                        1 
_diffrn_radiation.pdbx_diffrn_protocol             'SINGLE WAVELENGTH' 
_diffrn_radiation.monochromator                    ? 
_diffrn_radiation.wavelength_id                    1 
_diffrn_radiation.pdbx_monochromatic_or_laue_m_l   M 
_diffrn_radiation.pdbx_scattering_type             x-ray 
# 
_diffrn_radiation_wavelength.id           1 
_diffrn_radiation_wavelength.wavelength   1.5418 
_diffrn_radiation_wavelength.wt           1.0 
# 
_diffrn_source.diffrn_id                   1 
_diffrn_source.source                      'ROTATING ANODE' 
_diffrn_source.type                        'RIGAKU FR-E' 
_diffrn_source.pdbx_wavelength_list        1.5418 
_diffrn_source.pdbx_wavelength             ? 
_diffrn_source.pdbx_synchrotron_site       ? 
_diffrn_source.pdbx_synchrotron_beamline   ? 
# 
_reflns.entry_id                     4LG6 
_reflns.d_resolution_high            1.800 
_reflns.d_resolution_low             40.818 
_reflns.number_all                   14082 
_reflns.number_obs                   14082 
_reflns.pdbx_netI_over_sigmaI        16.200 
_reflns.pdbx_Rsym_value              0.047 
_reflns.pdbx_redundancy              3.700 
_reflns.percent_possible_obs         97.000 
_reflns.observed_criterion_sigma_F   ? 
_reflns.observed_criterion_sigma_I   ? 
_reflns.pdbx_Rmerge_I_obs            ? 
_reflns.B_iso_Wilson_estimate        ? 
_reflns.R_free_details               ? 
_reflns.limit_h_max                  ? 
_reflns.limit_h_min                  ? 
_reflns.limit_k_max                  ? 
_reflns.limit_k_min                  ? 
_reflns.limit_l_max                  ? 
_reflns.limit_l_min                  ? 
_reflns.observed_criterion_F_max     ? 
_reflns.observed_criterion_F_min     ? 
_reflns.pdbx_chi_squared             ? 
_reflns.pdbx_scaling_rejects         ? 
_reflns.pdbx_ordinal                 1 
_reflns.pdbx_diffrn_id               1 
# 
loop_
_reflns_shell.d_res_high 
_reflns_shell.d_res_low 
_reflns_shell.number_measured_obs 
_reflns_shell.number_measured_all 
_reflns_shell.number_unique_obs 
_reflns_shell.Rmerge_I_obs 
_reflns_shell.meanI_over_sigI_obs 
_reflns_shell.pdbx_Rsym_value 
_reflns_shell.pdbx_chi_squared 
_reflns_shell.pdbx_redundancy 
_reflns_shell.percent_possible_obs 
_reflns_shell.number_unique_all 
_reflns_shell.percent_possible_all 
_reflns_shell.pdbx_ordinal 
_reflns_shell.pdbx_diffrn_id 
1.800 1.900  ? 7328 ? 0.650 1.200  0.650 ? 3.700 ? 1988 94.800 1  1 
1.900 2.010  ? 7099 ? 0.320 2.400  0.320 ? 3.700 ? 1917 95.700 2  1 
2.010 2.150  ? 6708 ? 0.170 4.600  0.170 ? 3.700 ? 1809 96.100 3  1 
2.150 2.320  ? 6268 ? 0.118 6.600  0.118 ? 3.700 ? 1682 97.100 4  1 
2.320 2.550  ? 5834 ? 0.079 9.800  0.079 ? 3.700 ? 1565 97.200 5  1 
2.550 2.850  ? 5332 ? 0.055 13.800 0.055 ? 3.700 ? 1429 98.000 6  1 
2.850 3.290  ? 4776 ? 0.035 20.000 0.035 ? 3.700 ? 1290 99.000 7  1 
3.290 4.020  ? 3965 ? 0.027 23.100 0.027 ? 3.700 ? 1080 98.800 8  1 
4.020 5.690  ? 3057 ? 0.024 26.200 0.024 ? 3.600 ? 845  99.100 9  1 
5.690 26.135 ? 1688 ? 0.020 24.800 0.020 ? 3.500 ? 477  98.500 10 1 
# 
_refine.entry_id                                 4LG6 
_refine.ls_d_res_high                            1.8000 
_refine.ls_d_res_low                             26.1490 
_refine.pdbx_ls_sigma_F                          ? 
_refine.pdbx_data_cutoff_high_absF               ? 
_refine.pdbx_data_cutoff_low_absF                ? 
_refine.ls_percent_reflns_obs                    97.0230 
_refine.ls_number_reflns_obs                     14080 
_refine.ls_number_reflns_all                     ? 
_refine.pdbx_ls_cross_valid_method               THROUGHOUT 
_refine.pdbx_R_Free_selection_details            RANDOM 
_refine.details                                  
;HYDROGENS HAVE BEEN ADDED IN THE RIDING POSITIONS.   
THE program coot and the molprobity server were also used during refinement.
;
_refine.ls_R_factor_all                          ? 
_refine.ls_R_factor_obs                          0.1970 
_refine.ls_R_factor_R_work                       0.1960 
_refine.ls_wR_factor_R_work                      0.1860 
_refine.ls_R_factor_R_free                       0.2085 
_refine.ls_wR_factor_R_free                      0.2020 
_refine.ls_percent_reflns_R_free                 5.0570 
_refine.ls_number_reflns_R_free                  712 
_refine.ls_R_factor_R_free_error                 ? 
_refine.B_iso_mean                               29.6290 
_refine.solvent_model_param_bsol                 ? 
_refine.solvent_model_param_ksol                 ? 
_refine.pdbx_isotropic_thermal_model             ? 
_refine.aniso_B[1][1]                            1.7160 
_refine.aniso_B[2][2]                            -0.2910 
_refine.aniso_B[3][3]                            -1.2150 
_refine.aniso_B[1][2]                            0.0000 
_refine.aniso_B[1][3]                            -1.0990 
_refine.aniso_B[2][3]                            0.0000 
_refine.correlation_coeff_Fo_to_Fc               0.9600 
_refine.correlation_coeff_Fo_to_Fc_free          0.9560 
_refine.overall_SU_R_Cruickshank_DPI             ? 
_refine.overall_SU_R_free                        ? 
_refine.pdbx_overall_ESU_R                       0.1530 
_refine.pdbx_overall_ESU_R_Free                  0.1240 
_refine.overall_SU_ML                            0.1060 
_refine.overall_SU_B                             3.4650 
_refine.solvent_model_details                    'MASK BULK SOLVENT' 
_refine.pdbx_solvent_vdw_probe_radii             1.2000 
_refine.pdbx_solvent_ion_probe_radii             0.8000 
_refine.pdbx_solvent_shrinkage_radii             0.8000 
_refine.ls_number_parameters                     ? 
_refine.ls_number_restraints                     ? 
_refine.pdbx_starting_model                      'PDB ENTRY 3SO8' 
_refine.pdbx_method_to_determine_struct          'MOLECULAR REPLACEMENT' 
_refine.pdbx_stereochemistry_target_values       'MAXIMUM LIKELIHOOD' 
_refine.pdbx_stereochem_target_val_spec_case     ? 
_refine.overall_FOM_work_R_set                   ? 
_refine.B_iso_max                                73.830 
_refine.B_iso_min                                13.250 
_refine.pdbx_overall_phase_error                 ? 
_refine.occupancy_max                            1.000 
_refine.occupancy_min                            0.300 
_refine.pdbx_ls_sigma_I                          ? 
_refine.ls_redundancy_reflns_obs                 ? 
_refine.ls_R_factor_R_free_error_details         ? 
_refine.pdbx_data_cutoff_high_rms_absF           ? 
_refine.overall_FOM_free_R_set                   ? 
_refine.pdbx_diffrn_id                           1 
_refine.pdbx_refine_id                           'X-RAY DIFFRACTION' 
_refine.pdbx_TLS_residual_ADP_flag               ? 
_refine.pdbx_overall_SU_R_free_Cruickshank_DPI   ? 
_refine.pdbx_overall_SU_R_Blow_DPI               ? 
_refine.pdbx_overall_SU_R_free_Blow_DPI          ? 
# 
_refine_hist.pdbx_refine_id                   'X-RAY DIFFRACTION' 
_refine_hist.cycle_id                         LAST 
_refine_hist.pdbx_number_atoms_protein        1300 
_refine_hist.pdbx_number_atoms_nucleic_acid   0 
_refine_hist.pdbx_number_atoms_ligand         3 
_refine_hist.number_atoms_solvent             53 
_refine_hist.number_atoms_total               1356 
_refine_hist.d_res_high                       1.8000 
_refine_hist.d_res_low                        26.1490 
# 
loop_
_refine_ls_restr.type 
_refine_ls_restr.number 
_refine_ls_restr.dev_ideal 
_refine_ls_restr.dev_ideal_target 
_refine_ls_restr.weight 
_refine_ls_restr.pdbx_restraint_function 
_refine_ls_restr.pdbx_refine_id 
r_bond_refined_d       1363 0.014  0.019  ? ? 'X-RAY DIFFRACTION' 
r_bond_other_d         1278 0.001  0.020  ? ? 'X-RAY DIFFRACTION' 
r_angle_refined_deg    1869 1.352  1.970  ? ? 'X-RAY DIFFRACTION' 
r_angle_other_deg      2948 0.788  3.000  ? ? 'X-RAY DIFFRACTION' 
r_dihedral_angle_1_deg 186  5.041  5.000  ? ? 'X-RAY DIFFRACTION' 
r_dihedral_angle_2_deg 55   34.456 26.364 ? ? 'X-RAY DIFFRACTION' 
r_dihedral_angle_3_deg 219  12.641 15.000 ? ? 'X-RAY DIFFRACTION' 
r_dihedral_angle_4_deg 2    9.074  15.000 ? ? 'X-RAY DIFFRACTION' 
r_chiral_restr         223  0.074  0.200  ? ? 'X-RAY DIFFRACTION' 
r_gen_planes_refined   1575 0.005  0.021  ? ? 'X-RAY DIFFRACTION' 
r_gen_planes_other     284  0.001  0.020  ? ? 'X-RAY DIFFRACTION' 
r_mcbond_it            712  2.043  2.897  ? ? 'X-RAY DIFFRACTION' 
r_mcbond_other         713  2.042  2.902  ? ? 'X-RAY DIFFRACTION' 
r_mcangle_it           890  3.186  4.324  ? ? 'X-RAY DIFFRACTION' 
# 
loop_
_refine_ls_shell.pdbx_total_number_of_bins_used 
_refine_ls_shell.d_res_low 
_refine_ls_shell.d_res_high 
_refine_ls_shell.number_reflns_all 
_refine_ls_shell.percent_reflns_obs 
_refine_ls_shell.number_reflns_R_work 
_refine_ls_shell.R_factor_R_work 
_refine_ls_shell.number_reflns_R_free 
_refine_ls_shell.R_factor_R_free 
_refine_ls_shell.number_reflns_obs 
_refine_ls_shell.R_factor_R_free_error 
_refine_ls_shell.percent_reflns_R_free 
_refine_ls_shell.redundancy_reflns_obs 
_refine_ls_shell.R_factor_all 
_refine_ls_shell.pdbx_refine_id 
20 1.847  1.800 1072 94.403 966 0.299 46 0.339 . . . . . 'X-RAY DIFFRACTION' 
20 1.897  1.847 1022 95.205 927 0.259 46 0.300 . . . . . 'X-RAY DIFFRACTION' 
20 1.952  1.897 1010 95.743 919 0.244 48 0.264 . . . . . 'X-RAY DIFFRACTION' 
20 2.012  1.952 977  95.906 884 0.220 53 0.297 . . . . . 'X-RAY DIFFRACTION' 
20 2.077  2.012 948  95.570 865 0.204 41 0.252 . . . . . 'X-RAY DIFFRACTION' 
20 2.150  2.077 927  96.980 858 0.215 41 0.247 . . . . . 'X-RAY DIFFRACTION' 
20 2.231  2.150 873  96.564 807 0.220 36 0.188 . . . . . 'X-RAY DIFFRACTION' 
20 2.321  2.231 856  97.547 797 0.212 38 0.284 . . . . . 'X-RAY DIFFRACTION' 
20 2.424  2.321 844  97.038 787 0.210 32 0.243 . . . . . 'X-RAY DIFFRACTION' 
20 2.541  2.424 762  97.375 702 0.208 40 0.232 . . . . . 'X-RAY DIFFRACTION' 
20 2.677  2.541 748  97.727 690 0.222 41 0.255 . . . . . 'X-RAY DIFFRACTION' 
20 2.838  2.677 713  98.317 665 0.205 36 0.312 . . . . . 'X-RAY DIFFRACTION' 
20 3.033  2.838 663  98.793 616 0.201 39 0.164 . . . . . 'X-RAY DIFFRACTION' 
20 3.273  3.033 630  99.048 596 0.181 28 0.217 . . . . . 'X-RAY DIFFRACTION' 
20 3.581  3.273 579  98.273 538 0.178 31 0.194 . . . . . 'X-RAY DIFFRACTION' 
20 3.996  3.581 520  99.231 489 0.158 27 0.174 . . . . . 'X-RAY DIFFRACTION' 
20 4.601  3.996 467  98.929 429 0.143 33 0.125 . . . . . 'X-RAY DIFFRACTION' 
20 5.602  4.601 393  98.982 361 0.163 28 0.184 . . . . . 'X-RAY DIFFRACTION' 
20 7.788  5.602 314  99.682 299 0.224 14 0.139 . . . . . 'X-RAY DIFFRACTION' 
20 30.000 7.788 189  98.942 173 0.196 14 0.227 . . . . . 'X-RAY DIFFRACTION' 
# 
_struct.entry_id                  4LG6 
_struct.title                     'Crystal structure of ANKRA2-CCDC8 complex' 
_struct.pdbx_model_details        ? 
_struct.pdbx_CASP_flag            ? 
_struct.pdbx_model_type_details   ? 
# 
_struct_keywords.entry_id        4LG6 
_struct_keywords.text            'Structural Genomics Consortium, SGC, ankyrin repeat, STRUCTURAL PROTEIN' 
_struct_keywords.pdbx_keywords   'STRUCTURAL PROTEIN' 
# 
loop_
_struct_asym.id 
_struct_asym.pdbx_blank_PDB_chainid_flag 
_struct_asym.pdbx_modified 
_struct_asym.entity_id 
_struct_asym.details 
A N N 1 ? 
B N N 2 ? 
C N N 3 ? 
D N N 3 ? 
E N N 3 ? 
F N N 4 ? 
G N N 4 ? 
# 
_struct_biol.id        1 
_struct_biol.details   ? 
# 
loop_
_struct_conf.conf_type_id 
_struct_conf.id 
_struct_conf.pdbx_PDB_helix_id 
_struct_conf.beg_label_comp_id 
_struct_conf.beg_label_asym_id 
_struct_conf.beg_label_seq_id 
_struct_conf.pdbx_beg_PDB_ins_code 
_struct_conf.end_label_comp_id 
_struct_conf.end_label_asym_id 
_struct_conf.end_label_seq_id 
_struct_conf.pdbx_end_PDB_ins_code 
_struct_conf.beg_auth_comp_id 
_struct_conf.beg_auth_asym_id 
_struct_conf.beg_auth_seq_id 
_struct_conf.end_auth_comp_id 
_struct_conf.end_auth_asym_id 
_struct_conf.end_auth_seq_id 
_struct_conf.pdbx_PDB_helix_class 
_struct_conf.details 
_struct_conf.pdbx_PDB_helix_length 
HELX_P HELX_P1  1  SER A 12  ? GLY A 20  ? SER A 152 GLY A 160 1 ? 9  
HELX_P HELX_P2  2  GLU A 21  ? GLU A 32  ? GLU A 161 GLU A 172 1 ? 12 
HELX_P HELX_P3  3  THR A 44  ? HIS A 52  ? THR A 184 HIS A 192 1 ? 9  
HELX_P HELX_P4  4  GLN A 54  ? ASN A 64  ? GLN A 194 ASN A 204 1 ? 11 
HELX_P HELX_P5  5  SER A 77  ? GLY A 86  ? SER A 217 GLY A 226 1 ? 10 
HELX_P HELX_P6  6  TYR A 87  ? CYS A 97  ? TYR A 227 CYS A 237 1 ? 11 
HELX_P HELX_P7  7  THR A 110 ? GLY A 118 ? THR A 250 GLY A 258 1 ? 9  
HELX_P HELX_P8  8  HIS A 120 ? SER A 130 ? HIS A 260 SER A 270 1 ? 11 
HELX_P HELX_P9  9  ASN A 143 ? GLY A 152 ? ASN A 283 GLY A 292 1 ? 10 
HELX_P HELX_P10 10 TYR A 153 ? ASN A 170 ? TYR A 293 ASN A 310 1 ? 18 
# 
_struct_conf_type.id          HELX_P 
_struct_conf_type.criteria    ? 
_struct_conf_type.reference   ? 
# 
_atom_sites.entry_id                    4LG6 
_atom_sites.fract_transf_matrix[1][1]   0.01327135 
_atom_sites.fract_transf_matrix[1][2]   -0.01860684 
_atom_sites.fract_transf_matrix[1][3]   0.01258532 
_atom_sites.fract_transf_matrix[2][1]   0.01210976 
_atom_sites.fract_transf_matrix[2][2]   -0.00210601 
_atom_sites.fract_transf_matrix[2][3]   -0.01588350 
_atom_sites.fract_transf_matrix[3][1]   0.01668589 
_atom_sites.fract_transf_matrix[3][2]   0.01430395 
_atom_sites.fract_transf_matrix[3][3]   0.01082494 
_atom_sites.fract_transf_vector[1]      0.273554 
_atom_sites.fract_transf_vector[2]      -0.051911 
_atom_sites.fract_transf_vector[3]      0.308705 
# 
loop_
_atom_type.symbol 
_atom_type.scat_Cromer_Mann_a1 
_atom_type.scat_Cromer_Mann_b1 
_atom_type.scat_Cromer_Mann_a2 
_atom_type.scat_Cromer_Mann_b2 
_atom_type.scat_Cromer_Mann_a3 
_atom_type.scat_Cromer_Mann_b3 
_atom_type.scat_Cromer_Mann_a4 
_atom_type.scat_Cromer_Mann_b4 
_atom_type.scat_Cromer_Mann_c 
C 2.310  20.844 1.020 10.208 1.589 0.569  0.865 51.651 0.216   
H 0.493  10.511 0.323 26.126 0.140 3.142  0.041 57.800 0.003   
N 12.213 0.006  3.132 9.893  2.013 28.997 1.166 0.583  -11.529 
O 3.049  13.277 2.287 5.701  1.546 0.324  0.867 32.909 0.251   
S 6.905  1.468  5.203 22.215 1.438 0.254  1.586 56.172 1.184   
X ?      ?      ?     ?      ?     ?      ?     ?      ?       
# 
loop_
_atom_site.group_PDB 
_atom_site.id 
_atom_site.type_symbol 
_atom_site.label_atom_id 
_atom_site.label_alt_id 
_atom_site.label_comp_id 
_atom_site.label_asym_id 
_atom_site.label_entity_id 
_atom_site.label_seq_id 
_atom_site.pdbx_PDB_ins_code 
_atom_site.Cartn_x 
_atom_site.Cartn_y 
_atom_site.Cartn_z 
_atom_site.occupancy 
_atom_site.B_iso_or_equiv 
_atom_site.pdbx_formal_charge 
_atom_site.auth_seq_id 
_atom_site.auth_comp_id 
_atom_site.auth_asym_id 
_atom_site.auth_atom_id 
_atom_site.pdbx_PDB_model_num 
ATOM   1    N N   . ALA A 1 8   ? 19.073  -8.812  18.804  1.00 62.85 ? 148 ALA A N   1 
ATOM   2    C CA  . ALA A 1 8   ? 18.969  -7.800  17.713  1.00 66.44 ? 148 ALA A CA  1 
ATOM   3    C C   . ALA A 1 8   ? 20.112  -7.910  16.694  1.00 69.17 ? 148 ALA A C   1 
ATOM   4    O O   . ALA A 1 8   ? 19.907  -7.663  15.503  1.00 73.83 ? 148 ALA A O   1 
ATOM   5    C CB  . ALA A 1 8   ? 18.916  -6.396  18.297  1.00 69.11 ? 148 ALA A CB  1 
ATOM   6    N N   . ASN A 1 9   ? 21.312  -8.274  17.156  1.00 68.94 ? 149 ASN A N   1 
ATOM   7    C CA  . ASN A 1 9   ? 22.446  -8.592  16.251  1.00 69.34 ? 149 ASN A CA  1 
ATOM   8    C C   . ASN A 1 9   ? 22.051  -9.490  15.038  1.00 68.71 ? 149 ASN A C   1 
ATOM   9    O O   . ASN A 1 9   ? 22.540  -9.300  13.908  1.00 67.65 ? 149 ASN A O   1 
ATOM   10   C CB  . ASN A 1 9   ? 23.659  -9.208  17.032  1.00 68.01 ? 149 ASN A CB  1 
ATOM   11   C CG  . ASN A 1 9   ? 23.268  -10.335 18.025  1.00 69.99 ? 149 ASN A CG  1 
ATOM   12   O OD1 . ASN A 1 9   ? 22.179  -10.338 18.618  1.00 70.48 ? 149 ASN A OD1 1 
ATOM   13   N ND2 . ASN A 1 9   ? 24.190  -11.283 18.228  1.00 68.01 ? 149 ASN A ND2 1 
ATOM   14   N N   . SER A 1 10  ? 21.155  -10.445 15.294  1.00 66.12 ? 150 SER A N   1 
ATOM   15   C CA  . SER A 1 10  ? 20.658  -11.361 14.280  1.00 64.07 ? 150 SER A CA  1 
ATOM   16   C C   . SER A 1 10  ? 19.703  -10.675 13.299  1.00 61.52 ? 150 SER A C   1 
ATOM   17   O O   . SER A 1 10  ? 19.563  -11.135 12.172  1.00 62.94 ? 150 SER A O   1 
ATOM   18   C CB  . SER A 1 10  ? 19.928  -12.525 14.952  1.00 64.29 ? 150 SER A CB  1 
ATOM   19   O OG  . SER A 1 10  ? 20.635  -12.972 16.098  1.00 68.17 ? 150 SER A OG  1 
ATOM   20   N N   . LEU A 1 11  ? 19.055  -9.583  13.724  1.00 55.70 ? 151 LEU A N   1 
ATOM   21   C CA  . LEU A 1 11  ? 17.988  -8.949  12.922  1.00 54.82 ? 151 LEU A CA  1 
ATOM   22   C C   . LEU A 1 11  ? 18.515  -8.019  11.850  1.00 47.82 ? 151 LEU A C   1 
ATOM   23   O O   . LEU A 1 11  ? 19.433  -7.265  12.082  1.00 51.38 ? 151 LEU A O   1 
ATOM   24   C CB  . LEU A 1 11  ? 17.002  -8.190  13.819  1.00 56.70 ? 151 LEU A CB  1 
ATOM   25   C CG  . LEU A 1 11  ? 16.324  -9.017  14.921  1.00 59.71 ? 151 LEU A CG  1 
ATOM   26   C CD1 . LEU A 1 11  ? 15.184  -8.228  15.556  1.00 62.41 ? 151 LEU A CD1 1 
ATOM   27   C CD2 . LEU A 1 11  ? 15.815  -10.355 14.393  1.00 58.74 ? 151 LEU A CD2 1 
ATOM   28   N N   . SER A 1 12  ? 17.907  -8.096  10.667  1.00 44.12 ? 152 SER A N   1 
ATOM   29   C CA  . SER A 1 12  ? 18.209  -7.199  9.557   1.00 37.81 ? 152 SER A CA  1 
ATOM   30   C C   . SER A 1 12  ? 17.551  -5.888  9.815   1.00 35.43 ? 152 SER A C   1 
ATOM   31   O O   . SER A 1 12  ? 16.711  -5.782  10.706  1.00 36.84 ? 152 SER A O   1 
ATOM   32   C CB  . SER A 1 12  ? 17.645  -7.773  8.253   1.00 38.12 ? 152 SER A CB  1 
ATOM   33   O OG  . SER A 1 12  ? 16.246  -8.028  8.388   1.00 34.59 ? 152 SER A OG  1 
ATOM   34   N N   . VAL A 1 13  ? 17.902  -4.891  9.015   1.00 31.55 ? 153 VAL A N   1 
ATOM   35   C CA  . VAL A 1 13  ? 17.246  -3.578  9.065   1.00 30.75 ? 153 VAL A CA  1 
ATOM   36   C C   . VAL A 1 13  ? 15.704  -3.655  8.781   1.00 30.79 ? 153 VAL A C   1 
ATOM   37   O O   . VAL A 1 13  ? 14.868  -2.883  9.351   1.00 27.80 ? 153 VAL A O   1 
ATOM   38   C CB  . VAL A 1 13  ? 17.925  -2.627  8.049   1.00 32.86 ? 153 VAL A CB  1 
ATOM   39   C CG1 . VAL A 1 13  ? 17.725  -3.096  6.602   1.00 36.12 ? 153 VAL A CG1 1 
ATOM   40   C CG2 . VAL A 1 13  ? 17.425  -1.209  8.216   1.00 32.50 ? 153 VAL A CG2 1 
ATOM   41   N N   . HIS A 1 14  ? 15.352  -4.591  7.901   1.00 28.39 ? 154 HIS A N   1 
ATOM   42   C CA  . HIS A 1 14  ? 13.955  -4.839  7.494   1.00 28.04 ? 154 HIS A CA  1 
ATOM   43   C C   . HIS A 1 14  ? 13.147  -5.316  8.689   1.00 27.56 ? 154 HIS A C   1 
ATOM   44   O O   . HIS A 1 14  ? 12.046  -4.824  8.959   1.00 24.09 ? 154 HIS A O   1 
ATOM   45   C CB  . HIS A 1 14  ? 13.940  -5.872  6.368   1.00 26.71 ? 154 HIS A CB  1 
ATOM   46   C CG  . HIS A 1 14  ? 14.790  -5.467  5.212   1.00 29.18 ? 154 HIS A CG  1 
ATOM   47   N ND1 . HIS A 1 14  ? 16.134  -5.774  5.143   1.00 29.01 ? 154 HIS A ND1 1 
ATOM   48   C CD2 . HIS A 1 14  ? 14.523  -4.682  4.135   1.00 28.72 ? 154 HIS A CD2 1 
ATOM   49   C CE1 . HIS A 1 14  ? 16.650  -5.234  4.053   1.00 29.92 ? 154 HIS A CE1 1 
ATOM   50   N NE2 . HIS A 1 14  ? 15.697  -4.566  3.425   1.00 30.31 ? 154 HIS A NE2 1 
ATOM   51   N N   . GLN A 1 15  ? 13.705  -6.289  9.395   1.00 28.85 ? 155 GLN A N   1 
ATOM   52   C CA  . GLN A 1 15  ? 13.069  -6.806  10.576  1.00 31.36 ? 155 GLN A CA  1 
ATOM   53   C C   . GLN A 1 15  ? 12.953  -5.768  11.680  1.00 30.53 ? 155 GLN A C   1 
ATOM   54   O O   . GLN A 1 15  ? 11.911  -5.716  12.368  1.00 27.65 ? 155 GLN A O   1 
ATOM   55   C CB  . GLN A 1 15  ? 13.803  -8.037  11.069  1.00 35.83 ? 155 GLN A CB  1 
ATOM   56   C CG  . GLN A 1 15  ? 13.489  -9.246  10.237  1.00 38.41 ? 155 GLN A CG  1 
ATOM   57   C CD  . GLN A 1 15  ? 14.449  -10.382 10.501  1.00 45.38 ? 155 GLN A CD  1 
ATOM   58   O OE1 . GLN A 1 15  ? 15.670  -10.238 10.327  1.00 45.85 ? 155 GLN A OE1 1 
ATOM   59   N NE2 . GLN A 1 15  ? 13.906  -11.529 10.920  1.00 47.93 ? 155 GLN A NE2 1 
ATOM   60   N N   . LEU A 1 16  ? 13.994  -4.935  11.846  1.00 27.91 ? 156 LEU A N   1 
ATOM   61   C CA  . LEU A 1 16  ? 13.935  -3.880  12.862  1.00 28.59 ? 156 LEU A CA  1 
ATOM   62   C C   . LEU A 1 16  ? 12.784  -2.951  12.547  1.00 25.42 ? 156 LEU A C   1 
ATOM   63   O O   . LEU A 1 16  ? 12.032  -2.569  13.432  1.00 25.12 ? 156 LEU A O   1 
ATOM   64   C CB  . LEU A 1 16  ? 15.234  -3.078  12.957  1.00 28.83 ? 156 LEU A CB  1 
ATOM   65   C CG  . LEU A 1 16  ? 16.494  -3.866  13.386  1.00 32.35 ? 156 LEU A CG  1 
ATOM   66   C CD1 . LEU A 1 16  ? 17.706  -2.959  13.383  1.00 33.34 ? 156 LEU A CD1 1 
ATOM   67   C CD2 . LEU A 1 16  ? 16.304  -4.492  14.748  1.00 32.94 ? 156 LEU A CD2 1 
ATOM   68   N N   . ALA A 1 17  ? 12.626  -2.631  11.274  1.00 24.89 ? 157 ALA A N   1 
ATOM   69   C CA  . ALA A 1 17  ? 11.587  -1.689  10.844  1.00 23.87 ? 157 ALA A CA  1 
ATOM   70   C C   . ALA A 1 17  ? 10.198  -2.271  11.067  1.00 22.71 ? 157 ALA A C   1 
ATOM   71   O O   . ALA A 1 17  ? 9.313   -1.595  11.574  1.00 23.51 ? 157 ALA A O   1 
ATOM   72   C CB  . ALA A 1 17  ? 11.798  -1.324  9.378   1.00 24.85 ? 157 ALA A CB  1 
ATOM   73   N N   . ALA A 1 18  ? 10.041  -3.550  10.715  1.00 24.72 ? 158 ALA A N   1 
ATOM   74   C CA  . ALA A 1 18  ? 8.812   -4.337  10.914  1.00 25.04 ? 158 ALA A CA  1 
ATOM   75   C C   . ALA A 1 18  ? 8.374   -4.396  12.373  1.00 25.86 ? 158 ALA A C   1 
ATOM   76   O O   . ALA A 1 18  ? 7.188   -4.324  12.661  1.00 25.19 ? 158 ALA A O   1 
ATOM   77   C CB  . ALA A 1 18  ? 9.024   -5.780  10.415  1.00 25.79 ? 158 ALA A CB  1 
ATOM   78   N N   . GLN A 1 19  ? 9.344   -4.566  13.267  1.00 27.92 ? 159 GLN A N   1 
ATOM   79   C CA  . GLN A 1 19  ? 9.110   -4.639  14.732  1.00 27.95 ? 159 GLN A CA  1 
ATOM   80   C C   . GLN A 1 19  ? 8.923   -3.274  15.406  1.00 27.80 ? 159 GLN A C   1 
ATOM   81   O O   . GLN A 1 19  ? 8.435   -3.219  16.537  1.00 26.82 ? 159 GLN A O   1 
ATOM   82   C CB  . GLN A 1 19  ? 10.268  -5.356  15.438  1.00 30.40 ? 159 GLN A CB  1 
ATOM   83   C CG  . GLN A 1 19  ? 10.437  -6.800  15.026  1.00 35.60 ? 159 GLN A CG  1 
ATOM   84   N N   . GLY A 1 20  ? 9.271   -2.176  14.710  1.00 26.52 ? 160 GLY A N   1 
ATOM   85   C CA  . GLY A 1 20  ? 9.174   -0.836  15.283  1.00 27.41 ? 160 GLY A CA  1 
ATOM   86   C C   . GLY A 1 20  ? 10.268  -0.526  16.302  1.00 28.49 ? 160 GLY A C   1 
ATOM   87   O O   . GLY A 1 20  ? 10.035  0.273   17.245  1.00 27.61 ? 160 GLY A O   1 
ATOM   88   N N   . GLU A 1 21  ? 11.456  -1.137  16.108  1.00 29.23 ? 161 GLU A N   1 
ATOM   89   C CA  A GLU A 1 21  ? 12.632  -0.941  16.983  0.50 29.13 ? 161 GLU A CA  1 
ATOM   90   C CA  B GLU A 1 21  ? 12.606  -0.945  16.992  0.50 29.32 ? 161 GLU A CA  1 
ATOM   91   C C   . GLU A 1 21  ? 13.428  0.303   16.568  1.00 27.59 ? 161 GLU A C   1 
ATOM   92   O O   . GLU A 1 21  ? 14.498  0.201   15.998  1.00 29.40 ? 161 GLU A O   1 
ATOM   93   C CB  A GLU A 1 21  ? 13.562  -2.167  16.928  0.50 28.43 ? 161 GLU A CB  1 
ATOM   94   C CB  B GLU A 1 21  ? 13.468  -2.220  17.005  0.50 28.87 ? 161 GLU A CB  1 
ATOM   95   C CG  A GLU A 1 21  ? 13.040  -3.378  17.664  0.50 28.88 ? 161 GLU A CG  1 
ATOM   96   C CG  B GLU A 1 21  ? 14.624  -2.174  17.973  0.50 29.79 ? 161 GLU A CG  1 
ATOM   97   C CD  A GLU A 1 21  ? 13.429  -3.374  19.120  0.50 28.37 ? 161 GLU A CD  1 
ATOM   98   C CD  B GLU A 1 21  ? 14.345  -1.281  19.153  0.50 29.00 ? 161 GLU A CD  1 
ATOM   99   O OE1 A GLU A 1 21  ? 14.228  -2.508  19.520  0.50 29.26 ? 161 GLU A OE1 1 
ATOM   100  O OE1 B GLU A 1 21  ? 13.377  -1.555  19.906  0.50 28.62 ? 161 GLU A OE1 1 
ATOM   101  O OE2 A GLU A 1 21  ? 12.945  -4.250  19.856  0.50 27.77 ? 161 GLU A OE2 1 
ATOM   102  O OE2 B GLU A 1 21  ? 15.090  -0.302  19.305  0.50 27.15 ? 161 GLU A OE2 1 
ATOM   103  N N   . MET A 1 22  ? 12.898  1.469   16.881  1.00 29.67 ? 162 MET A N   1 
ATOM   104  C CA  . MET A 1 22  ? 13.444  2.730   16.430  1.00 34.18 ? 162 MET A CA  1 
ATOM   105  C C   . MET A 1 22  ? 14.903  2.906   16.819  1.00 33.75 ? 162 MET A C   1 
ATOM   106  O O   . MET A 1 22  ? 15.699  3.415   16.032  1.00 31.51 ? 162 MET A O   1 
ATOM   107  C CB  . MET A 1 22  ? 12.632  3.869   17.031  1.00 40.27 ? 162 MET A CB  1 
ATOM   108  C CG  . MET A 1 22  ? 12.963  5.247   16.463  1.00 48.12 ? 162 MET A CG  1 
ATOM   109  S SD  . MET A 1 22  ? 12.145  5.507   14.892  1.00 53.15 ? 162 MET A SD  1 
ATOM   110  C CE  . MET A 1 22  ? 10.430  5.513   15.437  1.00 49.31 ? 162 MET A CE  1 
ATOM   111  N N   . LEU A 1 23  ? 15.266  2.489   18.041  1.00 35.59 ? 163 LEU A N   1 
ATOM   112  C CA  . LEU A 1 23  ? 16.640  2.724   18.515  1.00 34.79 ? 163 LEU A CA  1 
ATOM   113  C C   . LEU A 1 23  ? 17.697  1.964   17.722  1.00 33.03 ? 163 LEU A C   1 
ATOM   114  O O   . LEU A 1 23  ? 18.618  2.558   17.194  1.00 33.55 ? 163 LEU A O   1 
ATOM   115  C CB  . LEU A 1 23  ? 16.777  2.423   20.027  1.00 35.86 ? 163 LEU A CB  1 
ATOM   116  C CG  . LEU A 1 23  ? 18.154  2.833   20.599  1.00 36.61 ? 163 LEU A CG  1 
ATOM   117  C CD1 . LEU A 1 23  ? 18.415  4.315   20.404  1.00 36.01 ? 163 LEU A CD1 1 
ATOM   118  C CD2 . LEU A 1 23  ? 18.244  2.477   22.074  1.00 40.92 ? 163 LEU A CD2 1 
ATOM   119  N N   . TYR A 1 24  ? 17.566  0.654   17.634  1.00 31.64 ? 164 TYR A N   1 
ATOM   120  C CA  . TYR A 1 24  ? 18.503  -0.137  16.879  1.00 35.53 ? 164 TYR A CA  1 
ATOM   121  C C   . TYR A 1 24  ? 18.451  0.245   15.417  1.00 35.04 ? 164 TYR A C   1 
ATOM   122  O O   . TYR A 1 24  ? 19.455  0.233   14.748  1.00 30.99 ? 164 TYR A O   1 
ATOM   123  C CB  . TYR A 1 24  ? 18.214  -1.628  17.000  1.00 39.37 ? 164 TYR A CB  1 
ATOM   124  C CG  . TYR A 1 24  ? 18.534  -2.234  18.346  1.00 46.28 ? 164 TYR A CG  1 
ATOM   125  C CD1 . TYR A 1 24  ? 19.632  -3.087  18.503  1.00 50.21 ? 164 TYR A CD1 1 
ATOM   126  C CD2 . TYR A 1 24  ? 17.736  -1.972  19.464  1.00 49.33 ? 164 TYR A CD2 1 
ATOM   127  C CE1 . TYR A 1 24  ? 19.927  -3.655  19.747  1.00 53.06 ? 164 TYR A CE1 1 
ATOM   128  C CE2 . TYR A 1 24  ? 18.014  -2.530  20.708  1.00 52.72 ? 164 TYR A CE2 1 
ATOM   129  C CZ  . TYR A 1 24  ? 19.102  -3.376  20.848  1.00 53.62 ? 164 TYR A CZ  1 
ATOM   130  O OH  . TYR A 1 24  ? 19.383  -3.937  22.073  1.00 53.76 ? 164 TYR A OH  1 
ATOM   131  N N   . LEU A 1 25  ? 17.259  0.578   14.931  1.00 34.90 ? 165 LEU A N   1 
ATOM   132  C CA  . LEU A 1 25  ? 17.097  0.913   13.537  1.00 36.77 ? 165 LEU A CA  1 
ATOM   133  C C   . LEU A 1 25  ? 17.887  2.160   13.236  1.00 38.35 ? 165 LEU A C   1 
ATOM   134  O O   . LEU A 1 25  ? 18.597  2.214   12.235  1.00 36.63 ? 165 LEU A O   1 
ATOM   135  C CB  . LEU A 1 25  ? 15.617  1.136   13.196  1.00 36.78 ? 165 LEU A CB  1 
ATOM   136  C CG  . LEU A 1 25  ? 15.272  1.502   11.738  1.00 36.80 ? 165 LEU A CG  1 
ATOM   137  C CD1 . LEU A 1 25  ? 15.867  0.521   10.729  1.00 35.44 ? 165 LEU A CD1 1 
ATOM   138  C CD2 . LEU A 1 25  ? 13.758  1.570   11.590  1.00 38.94 ? 165 LEU A CD2 1 
ATOM   139  N N   . ALA A 1 26  ? 17.763  3.157   14.106  1.00 39.85 ? 166 ALA A N   1 
ATOM   140  C CA  . ALA A 1 26  ? 18.509  4.417   13.933  1.00 45.10 ? 166 ALA A CA  1 
ATOM   141  C C   . ALA A 1 26  ? 20.032  4.213   13.979  1.00 46.49 ? 166 ALA A C   1 
ATOM   142  O O   . ALA A 1 26  ? 20.783  4.933   13.310  1.00 48.91 ? 166 ALA A O   1 
ATOM   143  C CB  . ALA A 1 26  ? 18.079  5.428   14.975  1.00 46.60 ? 166 ALA A CB  1 
ATOM   144  N N   . THR A 1 27  ? 20.473  3.226   14.751  1.00 47.11 ? 167 THR A N   1 
ATOM   145  C CA  . THR A 1 27  ? 21.895  2.927   14.914  1.00 48.44 ? 167 THR A CA  1 
ATOM   146  C C   . THR A 1 27  ? 22.452  2.237   13.673  1.00 50.27 ? 167 THR A C   1 
ATOM   147  O O   . THR A 1 27  ? 23.490  2.630   13.135  1.00 48.80 ? 167 THR A O   1 
ATOM   148  C CB  . THR A 1 27  ? 22.131  2.021   16.149  1.00 47.97 ? 167 THR A CB  1 
ATOM   149  O OG1 . THR A 1 27  ? 21.632  2.671   17.330  1.00 44.13 ? 167 THR A OG1 1 
ATOM   150  C CG2 . THR A 1 27  ? 23.605  1.713   16.334  1.00 48.02 ? 167 THR A CG2 1 
ATOM   151  N N   . ARG A 1 28  ? 21.745  1.206   13.230  1.00 49.02 ? 168 ARG A N   1 
ATOM   152  C CA  . ARG A 1 28  ? 22.114  0.463   12.039  1.00 48.87 ? 168 ARG A CA  1 
ATOM   153  C C   . ARG A 1 28  ? 22.234  1.370   10.779  1.00 49.93 ? 168 ARG A C   1 
ATOM   154  O O   . ARG A 1 28  ? 23.079  1.105   9.903   1.00 46.77 ? 168 ARG A O   1 
ATOM   155  C CB  . ARG A 1 28  ? 21.100  -0.644  11.812  1.00 50.39 ? 168 ARG A CB  1 
ATOM   156  C CG  . ARG A 1 28  ? 21.593  -1.742  10.915  1.00 51.05 ? 168 ARG A CG  1 
ATOM   157  C CD  . ARG A 1 28  ? 22.558  -2.666  11.622  1.00 51.70 ? 168 ARG A CD  1 
ATOM   158  N NE  . ARG A 1 28  ? 21.920  -3.429  12.693  1.00 52.14 ? 168 ARG A NE  1 
ATOM   159  C CZ  . ARG A 1 28  ? 21.233  -4.568  12.536  1.00 54.22 ? 168 ARG A CZ  1 
ATOM   160  N NH1 . ARG A 1 28  ? 20.722  -5.173  13.610  1.00 54.64 ? 168 ARG A NH1 1 
ATOM   161  N NH2 . ARG A 1 28  ? 21.056  -5.120  11.332  1.00 52.26 ? 168 ARG A NH2 1 
ATOM   162  N N   . ILE A 1 29  ? 21.416  2.435   10.719  1.00 48.01 ? 169 ILE A N   1 
ATOM   163  C CA  . ILE A 1 29  ? 21.488  3.466   9.662   1.00 52.19 ? 169 ILE A CA  1 
ATOM   164  C C   . ILE A 1 29  ? 22.748  4.350   9.754   1.00 54.65 ? 169 ILE A C   1 
ATOM   165  O O   . ILE A 1 29  ? 23.270  4.787   8.726   1.00 56.14 ? 169 ILE A O   1 
ATOM   166  C CB  . ILE A 1 29  ? 20.253  4.418   9.693   1.00 52.20 ? 169 ILE A CB  1 
ATOM   167  C CG1 . ILE A 1 29  ? 18.940  3.663   9.439   1.00 54.84 ? 169 ILE A CG1 1 
ATOM   168  C CG2 . ILE A 1 29  ? 20.403  5.565   8.692   1.00 53.16 ? 169 ILE A CG2 1 
ATOM   169  C CD1 . ILE A 1 29  ? 18.849  2.959   8.109   1.00 54.84 ? 169 ILE A CD1 1 
ATOM   170  N N   . GLU A 1 30  ? 23.212  4.657   10.974  1.00 60.24 ? 170 GLU A N   1 
ATOM   171  C CA  . GLU A 1 30  ? 24.468  5.423   11.155  1.00 56.82 ? 170 GLU A CA  1 
ATOM   172  C C   . GLU A 1 30  ? 25.668  4.536   10.791  1.00 58.76 ? 170 GLU A C   1 
ATOM   173  O O   . GLU A 1 30  ? 26.558  4.969   10.067  1.00 55.95 ? 170 GLU A O   1 
ATOM   174  C CB  . GLU A 1 30  ? 24.614  5.947   12.587  1.00 57.88 ? 170 GLU A CB  1 
ATOM   175  N N   . GLN A 1 31  ? 25.664  3.290   11.280  1.00 60.74 ? 171 GLN A N   1 
ATOM   176  C CA  . GLN A 1 31  ? 26.723  2.314   10.956  1.00 65.70 ? 171 GLN A CA  1 
ATOM   177  C C   . GLN A 1 31  ? 26.959  2.181   9.432   1.00 68.09 ? 171 GLN A C   1 
ATOM   178  O O   . GLN A 1 31  ? 28.122  2.124   8.983   1.00 69.26 ? 171 GLN A O   1 
ATOM   179  C CB  . GLN A 1 31  ? 26.423  0.920   11.569  1.00 66.00 ? 171 GLN A CB  1 
ATOM   180  C CG  . GLN A 1 31  ? 26.569  0.824   13.087  1.00 64.25 ? 171 GLN A CG  1 
ATOM   181  N N   . GLU A 1 32  ? 25.873  2.156   8.646   1.00 66.36 ? 172 GLU A N   1 
ATOM   182  C CA  . GLU A 1 32  ? 25.972  1.910   7.190   1.00 63.29 ? 172 GLU A CA  1 
ATOM   183  C C   . GLU A 1 32  ? 24.892  2.672   6.406   1.00 58.76 ? 172 GLU A C   1 
ATOM   184  O O   . GLU A 1 32  ? 23.800  2.876   6.924   1.00 61.71 ? 172 GLU A O   1 
ATOM   185  C CB  . GLU A 1 32  ? 25.850  0.402   6.944   1.00 65.20 ? 172 GLU A CB  1 
ATOM   186  C CG  . GLU A 1 32  ? 26.826  -0.152  5.919   1.00 66.38 ? 172 GLU A CG  1 
ATOM   187  C CD  . GLU A 1 32  ? 27.221  -1.604  6.192   1.00 65.94 ? 172 GLU A CD  1 
ATOM   188  O OE1 . GLU A 1 32  ? 27.428  -2.351  5.212   1.00 59.80 ? 172 GLU A OE1 1 
ATOM   189  O OE2 . GLU A 1 32  ? 27.349  -1.995  7.379   1.00 66.25 ? 172 GLU A OE2 1 
ATOM   190  N N   . ASN A 1 33  ? 25.186  3.097   5.168   1.00 52.55 ? 173 ASN A N   1 
ATOM   191  C CA  . ASN A 1 33  ? 24.125  3.669   4.310   1.00 50.93 ? 173 ASN A CA  1 
ATOM   192  C C   . ASN A 1 33  ? 23.230  2.540   3.734   1.00 46.86 ? 173 ASN A C   1 
ATOM   193  O O   . ASN A 1 33  ? 23.453  2.034   2.612   1.00 46.37 ? 173 ASN A O   1 
ATOM   194  C CB  . ASN A 1 33  ? 24.673  4.538   3.187   1.00 53.57 ? 173 ASN A CB  1 
ATOM   195  C CG  . ASN A 1 33  ? 23.557  5.150   2.329   1.00 61.18 ? 173 ASN A CG  1 
ATOM   196  O OD1 . ASN A 1 33  ? 22.421  5.348   2.796   1.00 61.40 ? 173 ASN A OD1 1 
ATOM   197  N ND2 . ASN A 1 33  ? 23.875  5.442   1.064   1.00 64.98 ? 173 ASN A ND2 1 
ATOM   198  N N   . VAL A 1 34  ? 22.242  2.142   4.529   1.00 42.57 ? 174 VAL A N   1 
ATOM   199  C CA  . VAL A 1 34  ? 21.376  1.014   4.196   1.00 40.69 ? 174 VAL A CA  1 
ATOM   200  C C   . VAL A 1 34  ? 19.899  1.379   4.253   1.00 34.81 ? 174 VAL A C   1 
ATOM   201  O O   . VAL A 1 34  ? 19.068  0.493   4.279   1.00 34.87 ? 174 VAL A O   1 
ATOM   202  C CB  . VAL A 1 34  ? 21.642  -0.231  5.108   1.00 40.28 ? 174 VAL A CB  1 
ATOM   203  C CG1 . VAL A 1 34  ? 23.003  -0.856  4.799   1.00 41.72 ? 174 VAL A CG1 1 
ATOM   204  C CG2 . VAL A 1 34  ? 21.526  0.135   6.584   1.00 41.93 ? 174 VAL A CG2 1 
ATOM   205  N N   . ILE A 1 35  ? 19.567  2.665   4.238   1.00 31.32 ? 175 ILE A N   1 
ATOM   206  C CA  . ILE A 1 35  ? 18.183  3.064   4.361   1.00 31.21 ? 175 ILE A CA  1 
ATOM   207  C C   . ILE A 1 35  ? 17.273  2.545   3.203   1.00 30.85 ? 175 ILE A C   1 
ATOM   208  O O   . ILE A 1 35  ? 16.114  2.200   3.435   1.00 30.83 ? 175 ILE A O   1 
ATOM   209  C CB  . ILE A 1 35  ? 18.015  4.586   4.577   1.00 33.17 ? 175 ILE A CB  1 
ATOM   210  C CG1 . ILE A 1 35  ? 16.597  4.887   5.091   1.00 36.46 ? 175 ILE A CG1 1 
ATOM   211  C CG2 . ILE A 1 35  ? 18.337  5.372   3.319   1.00 33.93 ? 175 ILE A CG2 1 
ATOM   212  C CD1 . ILE A 1 35  ? 16.407  6.292   5.617   1.00 37.77 ? 175 ILE A CD1 1 
ATOM   213  N N   . ASN A 1 36  ? 17.803  2.451   1.987   1.00 30.84 ? 176 ASN A N   1 
ATOM   214  C CA  . ASN A 1 36  ? 17.005  1.963   0.847   1.00 28.72 ? 176 ASN A CA  1 
ATOM   215  C C   . ASN A 1 36  ? 17.486  0.614   0.345   1.00 29.92 ? 176 ASN A C   1 
ATOM   216  O O   . ASN A 1 36  ? 17.153  0.226   -0.776  1.00 30.36 ? 176 ASN A O   1 
ATOM   217  C CB  . ASN A 1 36  ? 17.008  2.989   -0.273  1.00 29.25 ? 176 ASN A CB  1 
ATOM   218  C CG  . ASN A 1 36  ? 16.214  4.219   0.071   1.00 29.37 ? 176 ASN A CG  1 
ATOM   219  O OD1 . ASN A 1 36  ? 15.086  4.143   0.521   1.00 31.54 ? 176 ASN A OD1 1 
ATOM   220  N ND2 . ASN A 1 36  ? 16.811  5.384   -0.144  1.00 30.63 ? 176 ASN A ND2 1 
ATOM   221  N N   . HIS A 1 37  ? 18.238  -0.104  1.183   1.00 28.04 ? 177 HIS A N   1 
ATOM   222  C CA  . HIS A 1 37  ? 18.740  -1.434  0.839   1.00 29.44 ? 177 HIS A CA  1 
ATOM   223  C C   . HIS A 1 37  ? 17.595  -2.421  0.731   1.00 30.53 ? 177 HIS A C   1 
ATOM   224  O O   . HIS A 1 37  ? 16.801  -2.595  1.655   1.00 26.57 ? 177 HIS A O   1 
ATOM   225  C CB  . HIS A 1 37  ? 19.782  -1.957  1.850   1.00 32.10 ? 177 HIS A CB  1 
ATOM   226  C CG  . HIS A 1 37  ? 21.185  -1.559  1.520   1.00 35.25 ? 177 HIS A CG  1 
ATOM   227  N ND1 . HIS A 1 37  ? 22.237  -2.449  1.541   1.00 37.83 ? 177 HIS A ND1 1 
ATOM   228  C CD2 . HIS A 1 37  ? 21.706  -0.365  1.138   1.00 37.92 ? 177 HIS A CD2 1 
ATOM   229  C CE1 . HIS A 1 37  ? 23.353  -1.813  1.214   1.00 39.70 ? 177 HIS A CE1 1 
ATOM   230  N NE2 . HIS A 1 37  ? 23.057  -0.547  0.969   1.00 39.77 ? 177 HIS A NE2 1 
ATOM   231  N N   . THR A 1 38  ? 17.532  -3.076  -0.423  1.00 31.54 ? 178 THR A N   1 
ATOM   232  C CA  . THR A 1 38  ? 16.441  -3.966  -0.757  1.00 33.21 ? 178 THR A CA  1 
ATOM   233  C C   . THR A 1 38  ? 16.840  -5.366  -0.347  1.00 34.40 ? 178 THR A C   1 
ATOM   234  O O   . THR A 1 38  ? 17.999  -5.742  -0.457  1.00 38.47 ? 178 THR A O   1 
ATOM   235  C CB  . THR A 1 38  ? 16.155  -3.893  -2.272  1.00 34.14 ? 178 THR A CB  1 
ATOM   236  O OG1 . THR A 1 38  ? 17.374  -4.145  -2.985  1.00 37.33 ? 178 THR A OG1 1 
ATOM   237  C CG2 . THR A 1 38  ? 15.659  -2.478  -2.662  1.00 33.63 ? 178 THR A CG2 1 
ATOM   238  N N   . ASP A 1 39  ? 15.892  -6.124  0.178   1.00 34.96 ? 179 ASP A N   1 
ATOM   239  C CA  . ASP A 1 39  ? 16.104  -7.563  0.444   1.00 31.99 ? 179 ASP A CA  1 
ATOM   240  C C   . ASP A 1 39  ? 15.965  -8.410  -0.851  1.00 30.27 ? 179 ASP A C   1 
ATOM   241  O O   . ASP A 1 39  ? 15.891  -7.859  -1.967  1.00 28.57 ? 179 ASP A O   1 
ATOM   242  C CB  . ASP A 1 39  ? 15.163  -8.038  1.577   1.00 29.66 ? 179 ASP A CB  1 
ATOM   243  C CG  . ASP A 1 39  ? 13.662  -8.121  1.161   1.00 28.72 ? 179 ASP A CG  1 
ATOM   244  O OD1 . ASP A 1 39  ? 13.289  -7.990  -0.022  1.00 29.61 ? 179 ASP A OD1 1 
ATOM   245  O OD2 . ASP A 1 39  ? 12.841  -8.297  2.079   1.00 28.92 ? 179 ASP A OD2 1 
ATOM   246  N N   . GLU A 1 40  ? 15.930  -9.739  -0.696  1.00 30.87 ? 180 GLU A N   1 
ATOM   247  C CA  . GLU A 1 40  ? 15.800  -10.698 -1.836  1.00 31.52 ? 180 GLU A CA  1 
ATOM   248  C C   . GLU A 1 40  ? 14.597  -10.462 -2.777  1.00 33.35 ? 180 GLU A C   1 
ATOM   249  O O   . GLU A 1 40  ? 14.632  -10.822 -3.994  1.00 32.04 ? 180 GLU A O   1 
ATOM   250  C CB  . GLU A 1 40  ? 15.730  -12.137 -1.298  1.00 31.27 ? 180 GLU A CB  1 
ATOM   251  N N   . GLU A 1 41  ? 13.529  -9.888  -2.216  1.00 31.62 ? 181 GLU A N   1 
ATOM   252  C CA  . GLU A 1 41  ? 12.284  -9.673  -2.942  1.00 33.50 ? 181 GLU A CA  1 
ATOM   253  C C   . GLU A 1 41  ? 12.083  -8.216  -3.384  1.00 30.59 ? 181 GLU A C   1 
ATOM   254  O O   . GLU A 1 41  ? 10.972  -7.835  -3.837  1.00 28.56 ? 181 GLU A O   1 
ATOM   255  C CB  . GLU A 1 41  ? 11.117  -10.092 -2.054  1.00 37.53 ? 181 GLU A CB  1 
ATOM   256  C CG  . GLU A 1 41  ? 11.097  -11.580 -1.700  1.00 42.41 ? 181 GLU A CG  1 
ATOM   257  C CD  . GLU A 1 41  ? 10.288  -12.405 -2.688  1.00 46.56 ? 181 GLU A CD  1 
ATOM   258  O OE1 . GLU A 1 41  ? 9.127   -12.021 -2.992  1.00 51.03 ? 181 GLU A OE1 1 
ATOM   259  O OE2 . GLU A 1 41  ? 10.812  -13.437 -3.157  1.00 50.54 ? 181 GLU A OE2 1 
ATOM   260  N N   . GLY A 1 42  ? 13.141  -7.409  -3.230  1.00 25.50 ? 182 GLY A N   1 
ATOM   261  C CA  . GLY A 1 42  ? 13.123  -5.989  -3.612  1.00 26.92 ? 182 GLY A CA  1 
ATOM   262  C C   . GLY A 1 42  ? 12.476  -5.072  -2.600  1.00 23.06 ? 182 GLY A C   1 
ATOM   263  O O   . GLY A 1 42  ? 12.285  -3.875  -2.895  1.00 25.73 ? 182 GLY A O   1 
ATOM   264  N N   . PHE A 1 43  ? 12.134  -5.623  -1.431  1.00 24.80 ? 183 PHE A N   1 
ATOM   265  C CA  . PHE A 1 43  ? 11.478  -4.859  -0.348  1.00 24.28 ? 183 PHE A CA  1 
ATOM   266  C C   . PHE A 1 43  ? 12.463  -3.964  0.432   1.00 23.31 ? 183 PHE A C   1 
ATOM   267  O O   . PHE A 1 43  ? 13.510  -4.405  0.878   1.00 22.42 ? 183 PHE A O   1 
ATOM   268  C CB  . PHE A 1 43  ? 10.753  -5.795  0.623   1.00 25.63 ? 183 PHE A CB  1 
ATOM   269  C CG  . PHE A 1 43  ? 9.438   -6.322  0.105   1.00 27.17 ? 183 PHE A CG  1 
ATOM   270  C CD1 . PHE A 1 43  ? 9.290   -6.713  -1.227  1.00 28.51 ? 183 PHE A CD1 1 
ATOM   271  C CD2 . PHE A 1 43  ? 8.346   -6.445  0.963   1.00 27.95 ? 183 PHE A CD2 1 
ATOM   272  C CE1 . PHE A 1 43  ? 8.078   -7.218  -1.706  1.00 30.77 ? 183 PHE A CE1 1 
ATOM   273  C CE2 . PHE A 1 43  ? 7.133   -6.944  0.491   1.00 29.86 ? 183 PHE A CE2 1 
ATOM   274  C CZ  . PHE A 1 43  ? 6.996   -7.342  -0.839  1.00 29.25 ? 183 PHE A CZ  1 
ATOM   275  N N   . THR A 1 44  ? 12.099  -2.693  0.586   1.00 22.70 ? 184 THR A N   1 
ATOM   276  C CA  . THR A 1 44  ? 12.880  -1.748  1.355   1.00 20.55 ? 184 THR A CA  1 
ATOM   277  C C   . THR A 1 44  ? 12.426  -1.815  2.831   1.00 22.36 ? 184 THR A C   1 
ATOM   278  O O   . THR A 1 44  ? 11.368  -2.371  3.131   1.00 19.77 ? 184 THR A O   1 
ATOM   279  C CB  . THR A 1 44  ? 12.611  -0.362  0.819   1.00 19.93 ? 184 THR A CB  1 
ATOM   280  O OG1 . THR A 1 44  ? 11.208  -0.177  0.831   1.00 17.88 ? 184 THR A OG1 1 
ATOM   281  C CG2 . THR A 1 44  ? 13.046  -0.275  -0.617  1.00 21.26 ? 184 THR A CG2 1 
ATOM   282  N N   . PRO A 1 45  ? 13.245  -1.266  3.761   1.00 24.49 ? 185 PRO A N   1 
ATOM   283  C CA  . PRO A 1 45  ? 12.804  -1.206  5.163   1.00 23.05 ? 185 PRO A CA  1 
ATOM   284  C C   . PRO A 1 45  ? 11.452  -0.528  5.283   1.00 20.49 ? 185 PRO A C   1 
ATOM   285  O O   . PRO A 1 45  ? 10.619  -0.982  6.041   1.00 19.43 ? 185 PRO A O   1 
ATOM   286  C CB  . PRO A 1 45  ? 13.918  -0.385  5.841   1.00 23.78 ? 185 PRO A CB  1 
ATOM   287  C CG  . PRO A 1 45  ? 15.151  -0.799  5.064   1.00 25.71 ? 185 PRO A CG  1 
ATOM   288  C CD  . PRO A 1 45  ? 14.688  -0.958  3.630   1.00 24.87 ? 185 PRO A CD  1 
ATOM   289  N N   . LEU A 1 46  ? 11.256  0.566   4.529   1.00 18.79 ? 186 LEU A N   1 
ATOM   290  C CA  . LEU A 1 46  ? 9.983   1.243   4.460   1.00 18.81 ? 186 LEU A CA  1 
ATOM   291  C C   . LEU A 1 46  ? 8.801   0.357   4.109   1.00 17.90 ? 186 LEU A C   1 
ATOM   292  O O   . LEU A 1 46  ? 7.730   0.483   4.723   1.00 19.40 ? 186 LEU A O   1 
ATOM   293  C CB  . LEU A 1 46  ? 10.058  2.411   3.456   1.00 19.69 ? 186 LEU A CB  1 
ATOM   294  C CG  . LEU A 1 46  ? 8.829   3.319   3.374   1.00 21.10 ? 186 LEU A CG  1 
ATOM   295  C CD1 . LEU A 1 46  ? 8.573   4.130   4.631   1.00 22.78 ? 186 LEU A CD1 1 
ATOM   296  C CD2 . LEU A 1 46  ? 8.994   4.253   2.184   1.00 23.47 ? 186 LEU A CD2 1 
ATOM   297  N N   . MET A 1 47  ? 8.962   -0.507  3.107   1.00 18.07 ? 187 MET A N   1 
ATOM   298  C CA  . MET A 1 47  ? 7.896   -1.444  2.741   1.00 19.62 ? 187 MET A CA  1 
ATOM   299  C C   . MET A 1 47  ? 7.618   -2.387  3.920   1.00 18.77 ? 187 MET A C   1 
ATOM   300  O O   . MET A 1 47  ? 6.461   -2.693  4.191   1.00 16.71 ? 187 MET A O   1 
ATOM   301  C CB  . MET A 1 47  ? 8.240   -2.239  1.472   1.00 20.28 ? 187 MET A CB  1 
ATOM   302  C CG  . MET A 1 47  ? 8.114   -1.400  0.193   1.00 20.64 ? 187 MET A CG  1 
ATOM   303  S SD  . MET A 1 47  ? 9.000   -2.142  -1.233  1.00 23.72 ? 187 MET A SD  1 
ATOM   304  C CE  . MET A 1 47  ? 8.027   -3.587  -1.504  1.00 24.87 ? 187 MET A CE  1 
ATOM   305  N N   . TRP A 1 48  ? 8.660   -2.868  4.593   1.00 21.00 ? 188 TRP A N   1 
ATOM   306  C CA  . TRP A 1 48  ? 8.416   -3.746  5.761   1.00 21.07 ? 188 TRP A CA  1 
ATOM   307  C C   . TRP A 1 48  ? 7.634   -3.025  6.873   1.00 20.22 ? 188 TRP A C   1 
ATOM   308  O O   . TRP A 1 48  ? 6.736   -3.609  7.544   1.00 19.05 ? 188 TRP A O   1 
ATOM   309  C CB  . TRP A 1 48  ? 9.695   -4.305  6.341   1.00 21.88 ? 188 TRP A CB  1 
ATOM   310  C CG  . TRP A 1 48  ? 10.260  -5.475  5.608   1.00 21.36 ? 188 TRP A CG  1 
ATOM   311  C CD1 . TRP A 1 48  ? 10.872  -5.464  4.407   1.00 22.94 ? 188 TRP A CD1 1 
ATOM   312  C CD2 . TRP A 1 48  ? 10.265  -6.829  6.049   1.00 22.89 ? 188 TRP A CD2 1 
ATOM   313  N NE1 . TRP A 1 48  ? 11.288  -6.720  4.077   1.00 22.81 ? 188 TRP A NE1 1 
ATOM   314  C CE2 . TRP A 1 48  ? 10.923  -7.583  5.063   1.00 22.70 ? 188 TRP A CE2 1 
ATOM   315  C CE3 . TRP A 1 48  ? 9.808   -7.476  7.207   1.00 25.33 ? 188 TRP A CE3 1 
ATOM   316  C CZ2 . TRP A 1 48  ? 11.121  -8.974  5.179   1.00 26.69 ? 188 TRP A CZ2 1 
ATOM   317  C CZ3 . TRP A 1 48  ? 9.999   -8.873  7.323   1.00 27.70 ? 188 TRP A CZ3 1 
ATOM   318  C CH2 . TRP A 1 48  ? 10.657  -9.589  6.311   1.00 26.77 ? 188 TRP A CH2 1 
ATOM   319  N N   . ALA A 1 49  ? 7.977   -1.757  7.079   1.00 20.06 ? 189 ALA A N   1 
ATOM   320  C CA  . ALA A 1 49  ? 7.338   -0.955  8.112   1.00 19.64 ? 189 ALA A CA  1 
ATOM   321  C C   . ALA A 1 49  ? 5.896   -0.673  7.760   1.00 20.05 ? 189 ALA A C   1 
ATOM   322  O O   . ALA A 1 49  ? 4.998   -0.771  8.630   1.00 19.92 ? 189 ALA A O   1 
ATOM   323  C CB  . ALA A 1 49  ? 8.096   0.352   8.335   1.00 18.61 ? 189 ALA A CB  1 
ATOM   324  N N   . ALA A 1 50  ? 5.675   -0.292  6.492   1.00 20.97 ? 190 ALA A N   1 
ATOM   325  C CA  . ALA A 1 50  ? 4.335   -0.060  5.988   1.00 19.79 ? 190 ALA A CA  1 
ATOM   326  C C   . ALA A 1 50  ? 3.484   -1.312  6.155   1.00 19.74 ? 190 ALA A C   1 
ATOM   327  O O   . ALA A 1 50  ? 2.335   -1.246  6.609   1.00 19.41 ? 190 ALA A O   1 
ATOM   328  C CB  . ALA A 1 50  ? 4.377   0.389   4.513   1.00 20.31 ? 190 ALA A CB  1 
ATOM   329  N N   . ALA A 1 51  ? 4.073   -2.488  5.871   1.00 18.00 ? 191 ALA A N   1 
ATOM   330  C CA  . ALA A 1 51  ? 3.286   -3.743  5.889   1.00 19.89 ? 191 ALA A CA  1 
ATOM   331  C C   . ALA A 1 51  ? 2.845   -4.176  7.279   1.00 21.62 ? 191 ALA A C   1 
ATOM   332  O O   . ALA A 1 51  ? 1.882   -4.947  7.420   1.00 19.72 ? 191 ALA A O   1 
ATOM   333  C CB  . ALA A 1 51  ? 4.090   -4.851  5.261   1.00 19.64 ? 191 ALA A CB  1 
ATOM   334  N N   . HIS A 1 52  ? 3.592   -3.722  8.295   1.00 23.01 ? 192 HIS A N   1 
ATOM   335  C CA  . HIS A 1 52  ? 3.341   -4.109  9.680   1.00 22.82 ? 192 HIS A CA  1 
ATOM   336  C C   . HIS A 1 52  ? 2.801   -2.927  10.465  1.00 22.61 ? 192 HIS A C   1 
ATOM   337  O O   . HIS A 1 52  ? 2.786   -2.966  11.670  1.00 20.72 ? 192 HIS A O   1 
ATOM   338  C CB  . HIS A 1 52  ? 4.615   -4.640  10.323  1.00 26.86 ? 192 HIS A CB  1 
ATOM   339  C CG  . HIS A 1 52  ? 5.047   -5.961  9.773   1.00 27.99 ? 192 HIS A CG  1 
ATOM   340  N ND1 . HIS A 1 52  ? 5.892   -6.074  8.689   1.00 28.72 ? 192 HIS A ND1 1 
ATOM   341  C CD2 . HIS A 1 52  ? 4.717   -7.220  10.128  1.00 28.12 ? 192 HIS A CD2 1 
ATOM   342  C CE1 . HIS A 1 52  ? 6.073   -7.353  8.415   1.00 30.05 ? 192 HIS A CE1 1 
ATOM   343  N NE2 . HIS A 1 52  ? 5.371   -8.066  9.271   1.00 28.82 ? 192 HIS A NE2 1 
ATOM   344  N N   . GLY A 1 53  ? 2.401   -1.854  9.773   1.00 21.02 ? 193 GLY A N   1 
ATOM   345  C CA  . GLY A 1 53  ? 1.701   -0.738  10.413  1.00 21.74 ? 193 GLY A CA  1 
ATOM   346  C C   . GLY A 1 53  ? 2.458   0.084   11.452  1.00 23.58 ? 193 GLY A C   1 
ATOM   347  O O   . GLY A 1 53  ? 1.859   0.600   12.440  1.00 22.76 ? 193 GLY A O   1 
ATOM   348  N N   . GLN A 1 54  ? 3.764   0.243   11.232  1.00 23.61 ? 194 GLN A N   1 
ATOM   349  C CA  . GLN A 1 54  ? 4.667   0.944   12.152  1.00 23.27 ? 194 GLN A CA  1 
ATOM   350  C C   . GLN A 1 54  ? 4.753   2.422   11.736  1.00 24.61 ? 194 GLN A C   1 
ATOM   351  O O   . GLN A 1 54  ? 5.655   2.817   11.000  1.00 24.11 ? 194 GLN A O   1 
ATOM   352  C CB  . GLN A 1 54  ? 6.043   0.299   12.099  1.00 24.40 ? 194 GLN A CB  1 
ATOM   353  C CG  . GLN A 1 54  ? 6.025   -1.174  12.509  1.00 25.25 ? 194 GLN A CG  1 
ATOM   354  C CD  . GLN A 1 54  ? 5.732   -1.317  13.975  1.00 27.33 ? 194 GLN A CD  1 
ATOM   355  O OE1 . GLN A 1 54  ? 5.737   -0.350  14.706  1.00 25.21 ? 194 GLN A OE1 1 
ATOM   356  N NE2 . GLN A 1 54  ? 5.523   -2.522  14.418  1.00 30.24 ? 194 GLN A NE2 1 
ATOM   357  N N   . ILE A 1 55  ? 3.777   3.209   12.185  1.00 25.84 ? 195 ILE A N   1 
ATOM   358  C CA  . ILE A 1 55  ? 3.613   4.598   11.740  1.00 25.87 ? 195 ILE A CA  1 
ATOM   359  C C   . ILE A 1 55  ? 4.877   5.393   12.042  1.00 26.44 ? 195 ILE A C   1 
ATOM   360  O O   . ILE A 1 55  ? 5.378   6.144   11.185  1.00 23.54 ? 195 ILE A O   1 
ATOM   361  C CB  . ILE A 1 55  ? 2.376   5.277   12.404  1.00 25.77 ? 195 ILE A CB  1 
ATOM   362  C CG1 . ILE A 1 55  ? 1.057   4.690   11.871  1.00 28.12 ? 195 ILE A CG1 1 
ATOM   363  C CG2 . ILE A 1 55  ? 2.412   6.792   12.195  1.00 25.37 ? 195 ILE A CG2 1 
ATOM   364  C CD1 . ILE A 1 55  ? -0.179  4.916   12.742  1.00 28.14 ? 195 ILE A CD1 1 
ATOM   365  N N   . ALA A 1 56  ? 5.380   5.261   13.271  1.00 26.07 ? 196 ALA A N   1 
ATOM   366  C CA  . ALA A 1 56  ? 6.516   6.055   13.718  1.00 26.78 ? 196 ALA A CA  1 
ATOM   367  C C   . ALA A 1 56  ? 7.780   5.737   12.900  1.00 25.16 ? 196 ALA A C   1 
ATOM   368  O O   . ALA A 1 56  ? 8.481   6.623   12.481  1.00 26.03 ? 196 ALA A O   1 
ATOM   369  C CB  . ALA A 1 56  ? 6.763   5.854   15.214  1.00 27.13 ? 196 ALA A CB  1 
ATOM   370  N N   . VAL A 1 57  ? 8.018   4.459   12.649  1.00 23.82 ? 197 VAL A N   1 
ATOM   371  C CA  . VAL A 1 57  ? 9.106   4.053   11.800  1.00 22.74 ? 197 VAL A CA  1 
ATOM   372  C C   . VAL A 1 57  ? 8.982   4.575   10.343  1.00 22.70 ? 197 VAL A C   1 
ATOM   373  O O   . VAL A 1 57  ? 9.988   4.968   9.741   1.00 22.34 ? 197 VAL A O   1 
ATOM   374  C CB  . VAL A 1 57  ? 9.243   2.529   11.784  1.00 22.85 ? 197 VAL A CB  1 
ATOM   375  C CG1 . VAL A 1 57  ? 10.201  2.089   10.703  1.00 22.65 ? 197 VAL A CG1 1 
ATOM   376  C CG2 . VAL A 1 57  ? 9.703   2.055   13.138  1.00 23.69 ? 197 VAL A CG2 1 
ATOM   377  N N   . VAL A 1 58  ? 7.769   4.540   9.798   1.00 22.63 ? 198 VAL A N   1 
ATOM   378  C CA  . VAL A 1 58  ? 7.522   5.066   8.456   1.00 22.68 ? 198 VAL A CA  1 
ATOM   379  C C   . VAL A 1 58  ? 7.911   6.553   8.444   1.00 24.45 ? 198 VAL A C   1 
ATOM   380  O O   . VAL A 1 58  ? 8.695   6.981   7.588   1.00 24.85 ? 198 VAL A O   1 
ATOM   381  C CB  . VAL A 1 58  ? 6.053   4.838   7.995   1.00 20.54 ? 198 VAL A CB  1 
ATOM   382  C CG1 . VAL A 1 58  ? 5.747   5.587   6.719   1.00 19.76 ? 198 VAL A CG1 1 
ATOM   383  C CG2 . VAL A 1 58  ? 5.823   3.368   7.692   1.00 19.43 ? 198 VAL A CG2 1 
ATOM   384  N N   . GLU A 1 59  ? 7.411   7.302   9.430   1.00 24.93 ? 199 GLU A N   1 
ATOM   385  C CA  . GLU A 1 59  ? 7.746   8.746   9.546   1.00 28.25 ? 199 GLU A CA  1 
ATOM   386  C C   . GLU A 1 59  ? 9.238   8.934   9.602   1.00 26.02 ? 199 GLU A C   1 
ATOM   387  O O   . GLU A 1 59  ? 9.797   9.699   8.846   1.00 26.85 ? 199 GLU A O   1 
ATOM   388  C CB  . GLU A 1 59  ? 7.125   9.376   10.805  1.00 30.24 ? 199 GLU A CB  1 
ATOM   389  C CG  . GLU A 1 59  ? 7.338   10.898  10.852  1.00 33.87 ? 199 GLU A CG  1 
ATOM   390  C CD  . GLU A 1 59  ? 6.575   11.557  11.972  1.00 37.92 ? 199 GLU A CD  1 
ATOM   391  O OE1 . GLU A 1 59  ? 6.774   11.170  13.139  1.00 41.17 ? 199 GLU A OE1 1 
ATOM   392  O OE2 . GLU A 1 59  ? 5.779   12.458  11.682  1.00 42.70 ? 199 GLU A OE2 1 
ATOM   393  N N   . PHE A 1 60  ? 9.872   8.199   10.499  1.00 26.31 ? 200 PHE A N   1 
ATOM   394  C CA  . PHE A 1 60  ? 11.334  8.264   10.676  1.00 27.13 ? 200 PHE A CA  1 
ATOM   395  C C   . PHE A 1 60  ? 12.109  7.930   9.400   1.00 26.76 ? 200 PHE A C   1 
ATOM   396  O O   . PHE A 1 60  ? 13.028  8.652   9.034   1.00 28.42 ? 200 PHE A O   1 
ATOM   397  C CB  . PHE A 1 60  ? 11.781  7.351   11.834  1.00 29.51 ? 200 PHE A CB  1 
ATOM   398  C CG  . PHE A 1 60  ? 13.277  7.088   11.889  1.00 31.43 ? 200 PHE A CG  1 
ATOM   399  C CD1 . PHE A 1 60  ? 14.151  8.016   12.472  1.00 34.62 ? 200 PHE A CD1 1 
ATOM   400  C CD2 . PHE A 1 60  ? 13.804  5.893   11.402  1.00 34.35 ? 200 PHE A CD2 1 
ATOM   401  C CE1 . PHE A 1 60  ? 15.515  7.768   12.523  1.00 32.39 ? 200 PHE A CE1 1 
ATOM   402  C CE2 . PHE A 1 60  ? 15.163  5.646   11.443  1.00 32.39 ? 200 PHE A CE2 1 
ATOM   403  C CZ  . PHE A 1 60  ? 16.021  6.581   12.006  1.00 35.04 ? 200 PHE A CZ  1 
ATOM   404  N N   . LEU A 1 61  ? 11.744  6.843   8.713   1.00 24.61 ? 201 LEU A N   1 
ATOM   405  C CA  . LEU A 1 61  ? 12.438  6.484   7.469   1.00 23.08 ? 201 LEU A CA  1 
ATOM   406  C C   . LEU A 1 61  ? 12.274  7.528   6.366   1.00 24.32 ? 201 LEU A C   1 
ATOM   407  O O   . LEU A 1 61  ? 13.264  7.873   5.714   1.00 24.93 ? 201 LEU A O   1 
ATOM   408  C CB  . LEU A 1 61  ? 11.969  5.139   6.965   1.00 23.67 ? 201 LEU A CB  1 
ATOM   409  C CG  . LEU A 1 61  ? 12.382  3.948   7.827   1.00 22.72 ? 201 LEU A CG  1 
ATOM   410  C CD1 . LEU A 1 61  ? 11.581  2.716   7.429   1.00 25.23 ? 201 LEU A CD1 1 
ATOM   411  C CD2 . LEU A 1 61  ? 13.881  3.696   7.786   1.00 23.91 ? 201 LEU A CD2 1 
ATOM   412  N N   . LEU A 1 62  ? 11.049  7.994   6.157   1.00 23.27 ? 202 LEU A N   1 
ATOM   413  C CA  . LEU A 1 62  ? 10.757  9.061   5.157   1.00 24.68 ? 202 LEU A CA  1 
ATOM   414  C C   . LEU A 1 62  ? 11.517  10.349  5.468   1.00 28.35 ? 202 LEU A C   1 
ATOM   415  O O   . LEU A 1 62  ? 12.057  10.996  4.553   1.00 29.04 ? 202 LEU A O   1 
ATOM   416  C CB  . LEU A 1 62  ? 9.273   9.389   5.062   1.00 24.51 ? 202 LEU A CB  1 
ATOM   417  C CG  . LEU A 1 62  ? 8.323   8.308   4.504   1.00 23.75 ? 202 LEU A CG  1 
ATOM   418  C CD1 . LEU A 1 62  ? 6.862   8.626   4.766   1.00 22.87 ? 202 LEU A CD1 1 
ATOM   419  C CD2 . LEU A 1 62  ? 8.568   8.057   3.018   1.00 23.80 ? 202 LEU A CD2 1 
ATOM   420  N N   . GLN A 1 63  ? 11.559  10.732  6.738   1.00 28.59 ? 203 GLN A N   1 
ATOM   421  C CA  . GLN A 1 63  ? 12.394  11.897  7.158   1.00 32.17 ? 203 GLN A CA  1 
ATOM   422  C C   . GLN A 1 63  ? 13.876  11.749  6.885   1.00 31.26 ? 203 GLN A C   1 
ATOM   423  O O   . GLN A 1 63  ? 14.546  12.729  6.663   1.00 35.86 ? 203 GLN A O   1 
ATOM   424  C CB  . GLN A 1 63  ? 12.194  12.187  8.621   1.00 33.55 ? 203 GLN A CB  1 
ATOM   425  C CG  . GLN A 1 63  ? 10.932  12.953  8.871   1.00 37.96 ? 203 GLN A CG  1 
ATOM   426  C CD  . GLN A 1 63  ? 10.894  13.532  10.265  1.00 44.79 ? 203 GLN A CD  1 
ATOM   427  O OE1 . GLN A 1 63  ? 11.936  13.908  10.839  1.00 47.44 ? 203 GLN A OE1 1 
ATOM   428  N NE2 . GLN A 1 63  ? 9.699   13.611  10.825  1.00 48.87 ? 203 GLN A NE2 1 
ATOM   429  N N   . ASN A 1 64  ? 14.376  10.516  6.891   1.00 30.69 ? 204 ASN A N   1 
ATOM   430  C CA  . ASN A 1 64  ? 15.780  10.242  6.680   1.00 31.38 ? 204 ASN A CA  1 
ATOM   431  C C   . ASN A 1 64  ? 16.117  9.786   5.265   1.00 28.06 ? 204 ASN A C   1 
ATOM   432  O O   . ASN A 1 64  ? 17.176  9.245   5.029   1.00 30.34 ? 204 ASN A O   1 
ATOM   433  C CB  . ASN A 1 64  ? 16.259  9.236   7.720   1.00 33.27 ? 204 ASN A CB  1 
ATOM   434  C CG  . ASN A 1 64  ? 16.443  9.880   9.075   1.00 37.47 ? 204 ASN A CG  1 
ATOM   435  O OD1 . ASN A 1 64  ? 17.397  10.639  9.281   1.00 38.70 ? 204 ASN A OD1 1 
ATOM   436  N ND2 . ASN A 1 64  ? 15.509  9.628   9.999   1.00 40.01 ? 204 ASN A ND2 1 
ATOM   437  N N   . GLY A 1 65  ? 15.209  10.038  4.336   1.00 27.32 ? 205 GLY A N   1 
ATOM   438  C CA  . GLY A 1 65  ? 15.492  9.884   2.910   1.00 27.20 ? 205 GLY A CA  1 
ATOM   439  C C   . GLY A 1 65  ? 15.058  8.565   2.299   1.00 27.98 ? 205 GLY A C   1 
ATOM   440  O O   . GLY A 1 65  ? 15.483  8.230   1.190   1.00 27.31 ? 205 GLY A O   1 
ATOM   441  N N   . ALA A 1 66  ? 14.202  7.799   2.990   1.00 25.94 ? 206 ALA A N   1 
ATOM   442  C CA  . ALA A 1 66  ? 13.753  6.519   2.388   1.00 26.85 ? 206 ALA A CA  1 
ATOM   443  C C   . ALA A 1 66  ? 12.842  6.863   1.205   1.00 26.08 ? 206 ALA A C   1 
ATOM   444  O O   . ALA A 1 66  ? 11.997  7.763   1.292   1.00 26.76 ? 206 ALA A O   1 
ATOM   445  C CB  . ALA A 1 66  ? 13.044  5.634   3.394   1.00 25.83 ? 206 ALA A CB  1 
ATOM   446  N N   . ASP A 1 67  ? 13.054  6.161   0.093   1.00 27.36 ? 207 ASP A N   1 
ATOM   447  C CA  . ASP A 1 67  ? 12.361  6.446   -1.159  1.00 25.93 ? 207 ASP A CA  1 
ATOM   448  C C   . ASP A 1 67  ? 11.058  5.614   -1.241  1.00 23.85 ? 207 ASP A C   1 
ATOM   449  O O   . ASP A 1 67  ? 11.127  4.390   -1.306  1.00 23.74 ? 207 ASP A O   1 
ATOM   450  C CB  . ASP A 1 67  ? 13.286  6.126   -2.318  1.00 27.03 ? 207 ASP A CB  1 
ATOM   451  C CG  . ASP A 1 67  ? 12.666  6.439   -3.677  1.00 27.33 ? 207 ASP A CG  1 
ATOM   452  O OD1 . ASP A 1 67  ? 11.489  6.837   -3.748  1.00 27.04 ? 207 ASP A OD1 1 
ATOM   453  O OD2 . ASP A 1 67  ? 13.373  6.267   -4.679  1.00 31.32 ? 207 ASP A OD2 1 
ATOM   454  N N   . PRO A 1 68  ? 9.885   6.282   -1.173  1.00 24.21 ? 208 PRO A N   1 
ATOM   455  C CA  . PRO A 1 68  ? 8.640   5.540   -1.115  1.00 25.19 ? 208 PRO A CA  1 
ATOM   456  C C   . PRO A 1 68  ? 8.168   5.025   -2.483  1.00 26.00 ? 208 PRO A C   1 
ATOM   457  O O   . PRO A 1 68  ? 7.190   4.292   -2.546  1.00 26.10 ? 208 PRO A O   1 
ATOM   458  C CB  . PRO A 1 68  ? 7.650   6.569   -0.536  1.00 26.91 ? 208 PRO A CB  1 
ATOM   459  C CG  . PRO A 1 68  ? 8.177   7.912   -1.034  1.00 27.14 ? 208 PRO A CG  1 
ATOM   460  C CD  . PRO A 1 68  ? 9.661   7.745   -1.216  1.00 26.81 ? 208 PRO A CD  1 
ATOM   461  N N   . GLN A 1 69  ? 8.858   5.402   -3.570  1.00 27.41 ? 209 GLN A N   1 
ATOM   462  C CA  . GLN A 1 69  ? 8.473   4.982   -4.909  1.00 27.70 ? 209 GLN A CA  1 
ATOM   463  C C   . GLN A 1 69  ? 9.141   3.707   -5.359  1.00 26.97 ? 209 GLN A C   1 
ATOM   464  O O   . GLN A 1 69  ? 8.781   3.174   -6.408  1.00 29.06 ? 209 GLN A O   1 
ATOM   465  C CB  . GLN A 1 69  ? 8.781   6.095   -5.896  1.00 31.53 ? 209 GLN A CB  1 
ATOM   466  C CG  . GLN A 1 69  ? 7.951   7.341   -5.617  1.00 38.00 ? 209 GLN A CG  1 
ATOM   467  C CD  . GLN A 1 69  ? 7.713   8.219   -6.844  1.00 44.27 ? 209 GLN A CD  1 
ATOM   468  O OE1 . GLN A 1 69  ? 6.854   9.104   -6.824  1.00 52.30 ? 209 GLN A OE1 1 
ATOM   469  N NE2 . GLN A 1 69  ? 8.471   7.979   -7.919  1.00 49.42 ? 209 GLN A NE2 1 
ATOM   470  N N   . LEU A 1 70  ? 10.099  3.210   -4.588  1.00 25.64 ? 210 LEU A N   1 
ATOM   471  C CA  . LEU A 1 70  ? 10.806  1.952   -4.925  1.00 26.05 ? 210 LEU A CA  1 
ATOM   472  C C   . LEU A 1 70  ? 9.863   0.803   -4.802  1.00 26.28 ? 210 LEU A C   1 
ATOM   473  O O   . LEU A 1 70  ? 9.058   0.756   -3.863  1.00 24.91 ? 210 LEU A O   1 
ATOM   474  C CB  . LEU A 1 70  ? 12.026  1.719   -4.007  1.00 27.49 ? 210 LEU A CB  1 
ATOM   475  C CG  . LEU A 1 70  ? 13.137  2.782   -4.091  1.00 28.22 ? 210 LEU A CG  1 
ATOM   476  C CD1 . LEU A 1 70  ? 14.273  2.434   -3.157  1.00 30.26 ? 210 LEU A CD1 1 
ATOM   477  C CD2 . LEU A 1 70  ? 13.612  2.956   -5.523  1.00 27.82 ? 210 LEU A CD2 1 
ATOM   478  N N   . LEU A 1 71  ? 9.953   -0.153  -5.727  1.00 24.70 ? 211 LEU A N   1 
ATOM   479  C CA  . LEU A 1 71  ? 8.965   -1.205  -5.780  1.00 24.01 ? 211 LEU A CA  1 
ATOM   480  C C   . LEU A 1 71  ? 9.618   -2.525  -5.576  1.00 21.77 ? 211 LEU A C   1 
ATOM   481  O O   . LEU A 1 71  ? 10.799  -2.664  -5.820  1.00 20.88 ? 211 LEU A O   1 
ATOM   482  C CB  . LEU A 1 71  ? 8.252   -1.214  -7.153  1.00 25.93 ? 211 LEU A CB  1 
ATOM   483  C CG  . LEU A 1 71  ? 7.620   0.077   -7.656  1.00 27.80 ? 211 LEU A CG  1 
ATOM   484  C CD1 . LEU A 1 71  ? 7.042   -0.155  -9.018  1.00 28.08 ? 211 LEU A CD1 1 
ATOM   485  C CD2 . LEU A 1 71  ? 6.533   0.569   -6.715  1.00 29.54 ? 211 LEU A CD2 1 
ATOM   486  N N   . GLY A 1 72  ? 8.846   -3.484  -5.136  1.00 20.94 ? 212 GLY A N   1 
ATOM   487  C CA  . GLY A 1 72  ? 9.330   -4.872  -4.973  1.00 22.57 ? 212 GLY A CA  1 
ATOM   488  C C   . GLY A 1 72  ? 9.494   -5.568  -6.318  1.00 24.93 ? 212 GLY A C   1 
ATOM   489  O O   . GLY A 1 72  ? 9.228   -4.992  -7.363  1.00 23.46 ? 212 GLY A O   1 
ATOM   490  N N   . LYS A 1 73  ? 9.958   -6.812  -6.240  1.00 27.48 ? 213 LYS A N   1 
ATOM   491  C CA  . LYS A 1 73  ? 10.228  -7.700  -7.381  1.00 34.11 ? 213 LYS A CA  1 
ATOM   492  C C   . LYS A 1 73  ? 8.993   -7.876  -8.282  1.00 32.76 ? 213 LYS A C   1 
ATOM   493  O O   . LYS A 1 73  ? 9.099   -7.841  -9.538  1.00 34.28 ? 213 LYS A O   1 
ATOM   494  C CB  . LYS A 1 73  ? 10.643  -9.050  -6.769  1.00 37.67 ? 213 LYS A CB  1 
ATOM   495  C CG  . LYS A 1 73  ? 10.906  -10.197 -7.706  1.00 42.99 ? 213 LYS A CG  1 
ATOM   496  C CD  . LYS A 1 73  ? 11.098  -11.462 -6.883  1.00 44.92 ? 213 LYS A CD  1 
ATOM   497  C CE  . LYS A 1 73  ? 11.289  -12.657 -7.790  1.00 46.52 ? 213 LYS A CE  1 
ATOM   498  N NZ  . LYS A 1 73  ? 12.229  -13.626 -7.168  1.00 47.54 ? 213 LYS A NZ  1 
ATOM   499  N N   . GLY A 1 74  ? 7.837   -8.051  -7.631  1.00 29.75 ? 214 GLY A N   1 
ATOM   500  C CA  . GLY A 1 74  ? 6.545   -8.065  -8.308  1.00 30.54 ? 214 GLY A CA  1 
ATOM   501  C C   . GLY A 1 74  ? 5.827   -6.714  -8.375  1.00 29.79 ? 214 GLY A C   1 
ATOM   502  O O   . GLY A 1 74  ? 4.622   -6.688  -8.514  1.00 27.97 ? 214 GLY A O   1 
ATOM   503  N N   . ARG A 1 75  ? 6.590   -5.614  -8.306  1.00 28.59 ? 215 ARG A N   1 
ATOM   504  C CA  . ARG A 1 75  ? 6.081   -4.224  -8.311  1.00 28.87 ? 215 ARG A CA  1 
ATOM   505  C C   . ARG A 1 75  ? 5.135   -3.912  -7.099  1.00 24.75 ? 215 ARG A C   1 
ATOM   506  O O   . ARG A 1 75  ? 4.266   -3.018  -7.180  1.00 22.13 ? 215 ARG A O   1 
ATOM   507  C CB  . ARG A 1 75  ? 5.424   -3.856  -9.670  1.00 32.07 ? 215 ARG A CB  1 
ATOM   508  C CG  . ARG A 1 75  ? 6.379   -3.790  -10.884 1.00 35.01 ? 215 ARG A CG  1 
ATOM   509  C CD  . ARG A 1 75  ? 5.799   -2.936  -12.033 1.00 35.93 ? 215 ARG A CD  1 
ATOM   510  N N   . GLU A 1 76  ? 5.337   -4.636  -5.992  1.00 23.02 ? 216 GLU A N   1 
ATOM   511  C CA  . GLU A 1 76  ? 4.680   -4.339  -4.708  1.00 22.59 ? 216 GLU A CA  1 
ATOM   512  C C   . GLU A 1 76  ? 5.154   -2.982  -4.263  1.00 23.11 ? 216 GLU A C   1 
ATOM   513  O O   . GLU A 1 76  ? 6.342   -2.691  -4.384  1.00 24.25 ? 216 GLU A O   1 
ATOM   514  C CB  . GLU A 1 76  ? 5.101   -5.305  -3.609  1.00 23.89 ? 216 GLU A CB  1 
ATOM   515  C CG  . GLU A 1 76  ? 4.779   -6.778  -3.830  1.00 26.45 ? 216 GLU A CG  1 
ATOM   516  C CD  . GLU A 1 76  ? 5.847   -7.566  -4.595  1.00 28.78 ? 216 GLU A CD  1 
ATOM   517  O OE1 . GLU A 1 76  ? 6.699   -6.960  -5.291  1.00 27.97 ? 216 GLU A OE1 1 
ATOM   518  O OE2 . GLU A 1 76  ? 5.809   -8.821  -4.515  1.00 31.43 ? 216 GLU A OE2 1 
ATOM   519  N N   . SER A 1 77  ? 4.250   -2.178  -3.735  1.00 21.33 ? 217 SER A N   1 
ATOM   520  C CA  . SER A 1 77  ? 4.562   -0.872  -3.240  1.00 20.09 ? 217 SER A CA  1 
ATOM   521  C C   . SER A 1 77  ? 4.236   -0.791  -1.747  1.00 19.66 ? 217 SER A C   1 
ATOM   522  O O   . SER A 1 77  ? 3.364   -1.516  -1.228  1.00 20.67 ? 217 SER A O   1 
ATOM   523  C CB  . SER A 1 77  ? 3.744   0.195   -3.982  1.00 17.57 ? 217 SER A CB  1 
ATOM   524  O OG  . SER A 1 77  ? 2.358   -0.045  -3.776  1.00 19.28 ? 217 SER A OG  1 
ATOM   525  N N   . ALA A 1 78  ? 4.928   0.115   -1.071  1.00 19.83 ? 218 ALA A N   1 
ATOM   526  C CA  . ALA A 1 78  ? 4.634   0.469   0.311   1.00 19.83 ? 218 ALA A CA  1 
ATOM   527  C C   . ALA A 1 78  ? 3.183   0.899   0.413   1.00 18.64 ? 218 ALA A C   1 
ATOM   528  O O   . ALA A 1 78  ? 2.478   0.504   1.343   1.00 17.02 ? 218 ALA A O   1 
ATOM   529  C CB  . ALA A 1 78  ? 5.570   1.590   0.786   1.00 21.34 ? 218 ALA A CB  1 
ATOM   530  N N   . LEU A 1 79  ? 2.736   1.710   -0.551  1.00 18.58 ? 219 LEU A N   1 
ATOM   531  C CA  . LEU A 1 79  ? 1.353   2.142   -0.582  1.00 19.06 ? 219 LEU A CA  1 
ATOM   532  C C   . LEU A 1 79  ? 0.370   0.947   -0.601  1.00 18.87 ? 219 LEU A C   1 
ATOM   533  O O   . LEU A 1 79  ? -0.538  0.886   0.207   1.00 18.69 ? 219 LEU A O   1 
ATOM   534  C CB  . LEU A 1 79  ? 1.077   3.071   -1.750  1.00 19.96 ? 219 LEU A CB  1 
ATOM   535  C CG  . LEU A 1 79  ? -0.360  3.608   -1.789  1.00 22.10 ? 219 LEU A CG  1 
ATOM   536  C CD1 . LEU A 1 79  ? -0.764  4.325   -0.507  1.00 22.55 ? 219 LEU A CD1 1 
ATOM   537  C CD2 . LEU A 1 79  ? -0.531  4.528   -3.012  1.00 24.00 ? 219 LEU A CD2 1 
ATOM   538  N N   . SER A 1 80  ? 0.565   0.000   -1.512  1.00 18.45 ? 220 SER A N   1 
ATOM   539  C CA  A SER A 1 80  ? -0.327  -1.149  -1.613  0.50 18.73 ? 220 SER A CA  1 
ATOM   540  C CA  B SER A 1 80  ? -0.347  -1.133  -1.596  0.50 17.44 ? 220 SER A CA  1 
ATOM   541  C C   . SER A 1 80  ? -0.295  -2.016  -0.326  1.00 17.68 ? 220 SER A C   1 
ATOM   542  O O   . SER A 1 80  ? -1.351  -2.500  0.145   1.00 17.34 ? 220 SER A O   1 
ATOM   543  C CB  A SER A 1 80  ? 0.009   -1.992  -2.852  0.50 19.39 ? 220 SER A CB  1 
ATOM   544  C CB  B SER A 1 80  ? -0.105  -1.957  -2.865  0.50 16.78 ? 220 SER A CB  1 
ATOM   545  O OG  A SER A 1 80  ? 1.305   -2.563  -2.753  0.50 20.44 ? 220 SER A OG  1 
ATOM   546  O OG  B SER A 1 80  ? -0.748  -1.344  -3.962  0.50 14.57 ? 220 SER A OG  1 
ATOM   547  N N   . LEU A 1 81  ? 0.899   -2.191  0.236   1.00 16.83 ? 221 LEU A N   1 
ATOM   548  C CA  . LEU A 1 81  ? 1.046   -2.997  1.467   1.00 17.13 ? 221 LEU A CA  1 
ATOM   549  C C   . LEU A 1 81  ? 0.207   -2.355  2.567   1.00 17.79 ? 221 LEU A C   1 
ATOM   550  O O   . LEU A 1 81  ? -0.525  -3.049  3.256   1.00 19.65 ? 221 LEU A O   1 
ATOM   551  C CB  . LEU A 1 81  ? 2.505   -3.118  1.898   1.00 17.74 ? 221 LEU A CB  1 
ATOM   552  C CG  . LEU A 1 81  ? 3.275   -4.043  0.963   1.00 18.17 ? 221 LEU A CG  1 
ATOM   553  C CD1 . LEU A 1 81  ? 4.754   -3.760  1.020   1.00 18.32 ? 221 LEU A CD1 1 
ATOM   554  C CD2 . LEU A 1 81  ? 2.998   -5.490  1.298   1.00 18.30 ? 221 LEU A CD2 1 
ATOM   555  N N   . ALA A 1 82  ? 0.318   -1.036  2.720   1.00 16.94 ? 222 ALA A N   1 
ATOM   556  C CA  . ALA A 1 82  ? -0.395  -0.317  3.756   1.00 17.13 ? 222 ALA A CA  1 
ATOM   557  C C   . ALA A 1 82  ? -1.905  -0.381  3.487   1.00 17.33 ? 222 ALA A C   1 
ATOM   558  O O   . ALA A 1 82  ? -2.739  -0.522  4.425   1.00 16.58 ? 222 ALA A O   1 
ATOM   559  C CB  . ALA A 1 82  ? 0.115   1.145   3.834   1.00 17.37 ? 222 ALA A CB  1 
ATOM   560  N N   . CYS A 1 83  ? -2.274  -0.201  2.223   1.00 18.66 ? 223 CYS A N   1 
ATOM   561  C CA  . CYS A 1 83  ? -3.688  -0.203  1.828   1.00 17.73 ? 223 CYS A CA  1 
ATOM   562  C C   . CYS A 1 83  ? -4.320  -1.565  2.115   1.00 17.96 ? 223 CYS A C   1 
ATOM   563  O O   . CYS A 1 83  ? -5.480  -1.644  2.488   1.00 18.09 ? 223 CYS A O   1 
ATOM   564  C CB  . CYS A 1 83  ? -3.829  0.049   0.361   1.00 16.94 ? 223 CYS A CB  1 
ATOM   565  S SG  . CYS A 1 83  ? -3.705  1.817   -0.048  1.00 19.07 ? 223 CYS A SG  1 
ATOM   566  N N   . SER A 1 84  ? -3.571  -2.615  1.839   1.00 19.15 ? 224 SER A N   1 
ATOM   567  C CA  . SER A 1 84  ? -4.101  -3.974  1.984   1.00 20.51 ? 224 SER A CA  1 
ATOM   568  C C   . SER A 1 84  ? -4.501  -4.299  3.415   1.00 21.11 ? 224 SER A C   1 
ATOM   569  O O   . SER A 1 84  ? -5.385  -5.089  3.624   1.00 21.87 ? 224 SER A O   1 
ATOM   570  C CB  . SER A 1 84  ? -3.132  -5.018  1.462   1.00 21.22 ? 224 SER A CB  1 
ATOM   571  O OG  . SER A 1 84  ? -2.079  -5.258  2.359   1.00 23.83 ? 224 SER A OG  1 
ATOM   572  N N   . LYS A 1 85  ? -3.843  -3.684  4.382   1.00 23.50 ? 225 LYS A N   1 
ATOM   573  C CA  . LYS A 1 85  ? -4.115  -3.939  5.803   1.00 23.97 ? 225 LYS A CA  1 
ATOM   574  C C   . LYS A 1 85  ? -4.931  -2.832  6.468   1.00 24.45 ? 225 LYS A C   1 
ATOM   575  O O   . LYS A 1 85  ? -5.208  -2.920  7.652   1.00 24.60 ? 225 LYS A O   1 
ATOM   576  C CB  . LYS A 1 85  ? -2.808  -4.070  6.554   1.00 27.30 ? 225 LYS A CB  1 
ATOM   577  C CG  . LYS A 1 85  ? -1.875  -5.141  6.033   1.00 29.48 ? 225 LYS A CG  1 
ATOM   578  C CD  . LYS A 1 85  ? -2.379  -6.536  6.320   1.00 34.41 ? 225 LYS A CD  1 
ATOM   579  C CE  . LYS A 1 85  ? -1.266  -7.537  5.996   1.00 36.79 ? 225 LYS A CE  1 
ATOM   580  N NZ  . LYS A 1 85  ? -1.458  -8.866  6.635   1.00 42.38 ? 225 LYS A NZ  1 
ATOM   581  N N   . GLY A 1 86  ? -5.247  -1.766  5.721   1.00 23.44 ? 226 GLY A N   1 
ATOM   582  C CA  . GLY A 1 86  ? -6.011  -0.644  6.217   1.00 23.28 ? 226 GLY A CA  1 
ATOM   583  C C   . GLY A 1 86  ? -5.295  0.258   7.194   1.00 22.33 ? 226 GLY A C   1 
ATOM   584  O O   . GLY A 1 86  ? -5.917  0.765   8.133   1.00 24.01 ? 226 GLY A O   1 
ATOM   585  N N   . TYR A 1 87  ? -4.004  0.486   6.980   1.00 23.02 ? 227 TYR A N   1 
ATOM   586  C CA  . TYR A 1 87  ? -3.215  1.381   7.821   1.00 22.79 ? 227 TYR A CA  1 
ATOM   587  C C   . TYR A 1 87  ? -3.322  2.824   7.277   1.00 22.89 ? 227 TYR A C   1 
ATOM   588  O O   . TYR A 1 87  ? -2.391  3.351   6.669   1.00 23.01 ? 227 TYR A O   1 
ATOM   589  C CB  . TYR A 1 87  ? -1.733  0.957   7.842   1.00 23.52 ? 227 TYR A CB  1 
ATOM   590  C CG  . TYR A 1 87  ? -1.499  -0.378  8.476   1.00 23.61 ? 227 TYR A CG  1 
ATOM   591  C CD1 . TYR A 1 87  ? -2.056  -0.705  9.707   1.00 27.23 ? 227 TYR A CD1 1 
ATOM   592  C CD2 . TYR A 1 87  ? -0.721  -1.317  7.852   1.00 24.00 ? 227 TYR A CD2 1 
ATOM   593  C CE1 . TYR A 1 87  ? -1.825  -1.957  10.289  1.00 26.00 ? 227 TYR A CE1 1 
ATOM   594  C CE2 . TYR A 1 87  ? -0.504  -2.551  8.413   1.00 23.75 ? 227 TYR A CE2 1 
ATOM   595  C CZ  . TYR A 1 87  ? -1.068  -2.863  9.622   1.00 26.10 ? 227 TYR A CZ  1 
ATOM   596  O OH  . TYR A 1 87  ? -0.819  -4.106  10.145  1.00 27.14 ? 227 TYR A OH  1 
ATOM   597  N N   . THR A 1 88  ? -4.480  3.422   7.505   1.00 24.55 ? 228 THR A N   1 
ATOM   598  C CA  . THR A 1 88  ? -4.810  4.762   7.012   1.00 24.66 ? 228 THR A CA  1 
ATOM   599  C C   . THR A 1 88  ? -3.767  5.869   7.221   1.00 24.20 ? 228 THR A C   1 
ATOM   600  O O   . THR A 1 88  ? -3.450  6.657   6.281   1.00 23.20 ? 228 THR A O   1 
ATOM   601  C CB  . THR A 1 88  ? -6.124  5.184   7.690   1.00 26.71 ? 228 THR A CB  1 
ATOM   602  O OG1 . THR A 1 88  ? -7.069  4.090   7.602   1.00 27.69 ? 228 THR A OG1 1 
ATOM   603  C CG2 . THR A 1 88  ? -6.702  6.409   7.034   1.00 29.83 ? 228 THR A CG2 1 
ATOM   604  N N   . ASP A 1 89  ? -3.241  5.957   8.441   1.00 26.00 ? 229 ASP A N   1 
ATOM   605  C CA  . ASP A 1 89  ? -2.246  6.982   8.783   1.00 26.76 ? 229 ASP A CA  1 
ATOM   606  C C   . ASP A 1 89  ? -0.991  6.858   7.905   1.00 24.98 ? 229 ASP A C   1 
ATOM   607  O O   . ASP A 1 89  ? -0.456  7.854   7.419   1.00 23.79 ? 229 ASP A O   1 
ATOM   608  C CB  . ASP A 1 89  ? -1.881  6.923   10.261  1.00 30.28 ? 229 ASP A CB  1 
ATOM   609  C CG  . ASP A 1 89  ? -3.072  7.248   11.185  1.00 35.78 ? 229 ASP A CG  1 
ATOM   610  O OD1 . ASP A 1 89  ? -3.689  8.324   11.055  1.00 38.70 ? 229 ASP A OD1 1 
ATOM   611  O OD2 . ASP A 1 89  ? -3.397  6.416   12.043  1.00 38.27 ? 229 ASP A OD2 1 
ATOM   612  N N   . ILE A 1 90  ? -0.536  5.628   7.682   1.00 22.65 ? 230 ILE A N   1 
ATOM   613  C CA  . ILE A 1 90  ? 0.586   5.357   6.758   1.00 21.59 ? 230 ILE A CA  1 
ATOM   614  C C   . ILE A 1 90  ? 0.202   5.661   5.286   1.00 21.38 ? 230 ILE A C   1 
ATOM   615  O O   . ILE A 1 90  ? 0.990   6.256   4.531   1.00 20.41 ? 230 ILE A O   1 
ATOM   616  C CB  . ILE A 1 90  ? 1.066   3.903   6.939   1.00 22.22 ? 230 ILE A CB  1 
ATOM   617  C CG1 . ILE A 1 90  ? 1.747   3.795   8.311   1.00 21.58 ? 230 ILE A CG1 1 
ATOM   618  C CG2 . ILE A 1 90  ? 2.050   3.484   5.855   1.00 23.98 ? 230 ILE A CG2 1 
ATOM   619  C CD1 . ILE A 1 90  ? 1.974   2.382   8.775   1.00 20.35 ? 230 ILE A CD1 1 
ATOM   620  N N   . VAL A 1 91  ? -1.009  5.291   4.886   1.00 20.99 ? 231 VAL A N   1 
ATOM   621  C CA  . VAL A 1 91  ? -1.456  5.615   3.545   1.00 22.10 ? 231 VAL A CA  1 
ATOM   622  C C   . VAL A 1 91  ? -1.352  7.156   3.347   1.00 23.80 ? 231 VAL A C   1 
ATOM   623  O O   . VAL A 1 91  ? -0.807  7.616   2.328   1.00 22.69 ? 231 VAL A O   1 
ATOM   624  C CB  . VAL A 1 91  ? -2.888  5.100   3.251   1.00 22.45 ? 231 VAL A CB  1 
ATOM   625  C CG1 . VAL A 1 91  ? -3.380  5.609   1.905   1.00 22.79 ? 231 VAL A CG1 1 
ATOM   626  C CG2 . VAL A 1 91  ? -2.908  3.550   3.234   1.00 22.21 ? 231 VAL A CG2 1 
ATOM   627  N N   . LYS A 1 92  ? -1.852  7.920   4.313   1.00 25.92 ? 232 LYS A N   1 
ATOM   628  C CA  . LYS A 1 92  ? -1.835  9.403   4.197   1.00 27.72 ? 232 LYS A CA  1 
ATOM   629  C C   . LYS A 1 92  ? -0.410  9.913   4.033   1.00 27.12 ? 232 LYS A C   1 
ATOM   630  O O   . LYS A 1 92  ? -0.164  10.755  3.178   1.00 29.31 ? 232 LYS A O   1 
ATOM   631  C CB  . LYS A 1 92  ? -2.491  10.069  5.399   1.00 29.15 ? 232 LYS A CB  1 
ATOM   632  C CG  . LYS A 1 92  ? -2.424  11.597  5.331   1.00 32.81 ? 232 LYS A CG  1 
ATOM   633  C CD  . LYS A 1 92  ? -3.478  12.250  6.196   1.00 35.44 ? 232 LYS A CD  1 
ATOM   634  C CE  . LYS A 1 92  ? -3.450  13.777  6.043   1.00 35.41 ? 232 LYS A CE  1 
ATOM   635  N N   . MET A 1 93  ? 0.531   9.381   4.845   1.00 27.46 ? 233 MET A N   1 
ATOM   636  C CA  . MET A 1 93  ? 1.942   9.821   4.798   1.00 29.62 ? 233 MET A CA  1 
ATOM   637  C C   . MET A 1 93  ? 2.559   9.590   3.422   1.00 27.48 ? 233 MET A C   1 
ATOM   638  O O   . MET A 1 93  ? 3.160   10.485  2.864   1.00 25.86 ? 233 MET A O   1 
ATOM   639  C CB  . MET A 1 93  ? 2.797   9.122   5.852   1.00 31.65 ? 233 MET A CB  1 
ATOM   640  C CG  . MET A 1 93  ? 2.620   9.649   7.267   1.00 35.87 ? 233 MET A CG  1 
ATOM   641  S SD  . MET A 1 93  ? 3.812   8.919   8.432   1.00 42.44 ? 233 MET A SD  1 
ATOM   642  C CE  . MET A 1 93  ? 3.127   7.320   8.730   1.00 40.36 ? 233 MET A CE  1 
ATOM   643  N N   . LEU A 1 94  ? 2.354   8.393   2.872   1.00 25.80 ? 234 LEU A N   1 
ATOM   644  C CA  . LEU A 1 94  ? 2.892   8.032   1.551   1.00 24.50 ? 234 LEU A CA  1 
ATOM   645  C C   . LEU A 1 94  ? 2.261   8.877   0.413   1.00 25.97 ? 234 LEU A C   1 
ATOM   646  O O   . LEU A 1 94  ? 2.963   9.326   -0.479  1.00 28.55 ? 234 LEU A O   1 
ATOM   647  C CB  . LEU A 1 94  ? 2.700   6.514   1.295   1.00 26.03 ? 234 LEU A CB  1 
ATOM   648  C CG  . LEU A 1 94  ? 3.461   5.590   2.302   1.00 24.22 ? 234 LEU A CG  1 
ATOM   649  C CD1 . LEU A 1 94  ? 3.045   4.107   2.267   1.00 24.06 ? 234 LEU A CD1 1 
ATOM   650  C CD2 . LEU A 1 94  ? 4.941   5.726   2.051   1.00 23.97 ? 234 LEU A CD2 1 
ATOM   651  N N   . LEU A 1 95  ? 0.947   9.051   0.447   1.00 27.15 ? 235 LEU A N   1 
ATOM   652  C CA  . LEU A 1 95  ? 0.232   9.870   -0.526  1.00 28.72 ? 235 LEU A CA  1 
ATOM   653  C C   . LEU A 1 95  ? 0.788   11.301  -0.527  1.00 31.19 ? 235 LEU A C   1 
ATOM   654  O O   . LEU A 1 95  ? 0.974   11.900  -1.602  1.00 31.72 ? 235 LEU A O   1 
ATOM   655  C CB  . LEU A 1 95  ? -1.277  9.895   -0.216  1.00 29.36 ? 235 LEU A CB  1 
ATOM   656  C CG  . LEU A 1 95  ? -2.060  8.637   -0.582  1.00 28.87 ? 235 LEU A CG  1 
ATOM   657  C CD1 . LEU A 1 95  ? -3.483  8.709   -0.069  1.00 29.25 ? 235 LEU A CD1 1 
ATOM   658  C CD2 . LEU A 1 95  ? -2.018  8.383   -2.086  1.00 30.04 ? 235 LEU A CD2 1 
ATOM   659  N N   . ASP A 1 96  ? 1.075   11.820  0.660   1.00 33.78 ? 236 ASP A N   1 
ATOM   660  C CA  . ASP A 1 96  ? 1.662   13.178  0.819   1.00 37.09 ? 236 ASP A CA  1 
ATOM   661  C C   . ASP A 1 96  ? 3.069   13.264  0.221   1.00 38.45 ? 236 ASP A C   1 
ATOM   662  O O   . ASP A 1 96  ? 3.514   14.347  -0.131  1.00 39.79 ? 236 ASP A O   1 
ATOM   663  C CB  . ASP A 1 96  ? 1.646   13.633  2.298   1.00 38.14 ? 236 ASP A CB  1 
ATOM   664  C CG  . ASP A 1 96  ? 0.218   13.951  2.820   1.00 40.22 ? 236 ASP A CG  1 
ATOM   665  O OD1 . ASP A 1 96  ? -0.687  14.217  2.000   1.00 41.35 ? 236 ASP A OD1 1 
ATOM   666  O OD2 . ASP A 1 96  ? -0.009  13.936  4.057   1.00 40.53 ? 236 ASP A OD2 1 
ATOM   667  N N   . CYS A 1 97  ? 3.740   12.124  0.052   1.00 34.58 ? 237 CYS A N   1 
ATOM   668  C CA  . CYS A 1 97  ? 4.991   12.049  -0.735  1.00 37.72 ? 237 CYS A CA  1 
ATOM   669  C C   . CYS A 1 97  ? 4.780   12.057  -2.256  1.00 37.54 ? 237 CYS A C   1 
ATOM   670  O O   . CYS A 1 97  ? 5.753   12.045  -3.000  1.00 41.32 ? 237 CYS A O   1 
ATOM   671  C CB  . CYS A 1 97  ? 5.787   10.790  -0.376  1.00 38.74 ? 237 CYS A CB  1 
ATOM   672  S SG  . CYS A 1 97  ? 6.317   10.756  1.337   1.00 41.51 ? 237 CYS A SG  1 
ATOM   673  N N   . GLY A 1 98  ? 3.527   12.048  -2.710  1.00 36.06 ? 238 GLY A N   1 
ATOM   674  C CA  . GLY A 1 98  ? 3.213   12.084  -4.133  1.00 34.07 ? 238 GLY A CA  1 
ATOM   675  C C   . GLY A 1 98  ? 3.518   10.817  -4.931  1.00 31.99 ? 238 GLY A C   1 
ATOM   676  O O   . GLY A 1 98  ? 3.906   10.889  -6.088  1.00 32.50 ? 238 GLY A O   1 
ATOM   677  N N   . VAL A 1 99  ? 3.345   9.646   -4.322  1.00 30.04 ? 239 VAL A N   1 
ATOM   678  C CA  . VAL A 1 99  ? 3.520   8.403   -5.054  1.00 28.29 ? 239 VAL A CA  1 
ATOM   679  C C   . VAL A 1 99  ? 2.388   8.183   -6.036  1.00 26.19 ? 239 VAL A C   1 
ATOM   680  O O   . VAL A 1 99  ? 1.340   8.790   -5.893  1.00 28.64 ? 239 VAL A O   1 
ATOM   681  C CB  . VAL A 1 99  ? 3.602   7.175   -4.092  1.00 26.09 ? 239 VAL A CB  1 
ATOM   682  C CG1 . VAL A 1 99  ? 4.819   7.318   -3.197  1.00 29.12 ? 239 VAL A CG1 1 
ATOM   683  C CG2 . VAL A 1 99  ? 2.337   7.044   -3.260  1.00 27.04 ? 239 VAL A CG2 1 
ATOM   684  N N   . ASP A 1 100 ? 2.612   7.309   -7.028  1.00 25.89 ? 240 ASP A N   1 
ATOM   685  C CA  A ASP A 1 100 ? 1.553   6.945   -7.997  0.50 26.18 ? 240 ASP A CA  1 
ATOM   686  C CA  B ASP A 1 100 ? 1.586   6.929   -7.981  0.50 26.25 ? 240 ASP A CA  1 
ATOM   687  C C   . ASP A 1 100 ? 0.494   6.119   -7.274  1.00 27.39 ? 240 ASP A C   1 
ATOM   688  O O   . ASP A 1 100 ? 0.808   5.130   -6.559  1.00 30.40 ? 240 ASP A O   1 
ATOM   689  C CB  A ASP A 1 100 ? 2.092   6.166   -9.205  0.50 27.30 ? 240 ASP A CB  1 
ATOM   690  C CB  B ASP A 1 100 ? 2.226   6.106   -9.076  0.50 27.39 ? 240 ASP A CB  1 
ATOM   691  C CG  A ASP A 1 100 ? 1.058   6.074   -10.397 0.50 26.36 ? 240 ASP A CG  1 
ATOM   692  C CG  B ASP A 1 100 ? 3.371   6.839   -9.747  0.50 27.12 ? 240 ASP A CG  1 
ATOM   693  O OD1 A ASP A 1 100 ? -0.098  6.529   -10.264 0.50 25.39 ? 240 ASP A OD1 1 
ATOM   694  O OD1 B ASP A 1 100 ? 3.313   8.095   -9.794  0.50 27.12 ? 240 ASP A OD1 1 
ATOM   695  O OD2 A ASP A 1 100 ? 1.425   5.542   -11.467 0.50 26.00 ? 240 ASP A OD2 1 
ATOM   696  O OD2 B ASP A 1 100 ? 4.319   6.167   -10.183 0.50 25.62 ? 240 ASP A OD2 1 
ATOM   697  N N   . VAL A 1 101 ? -0.754  6.532   -7.412  1.00 23.69 ? 241 VAL A N   1 
ATOM   698  C CA  . VAL A 1 101 ? -1.851  5.828   -6.759  1.00 24.32 ? 241 VAL A CA  1 
ATOM   699  C C   . VAL A 1 101 ? -2.544  4.773   -7.647  1.00 22.99 ? 241 VAL A C   1 
ATOM   700  O O   . VAL A 1 101 ? -3.358  4.039   -7.149  1.00 24.51 ? 241 VAL A O   1 
ATOM   701  C CB  . VAL A 1 101 ? -2.935  6.796   -6.180  1.00 24.70 ? 241 VAL A CB  1 
ATOM   702  C CG1 . VAL A 1 101 ? -2.323  7.794   -5.240  1.00 27.58 ? 241 VAL A CG1 1 
ATOM   703  C CG2 . VAL A 1 101 ? -3.700  7.507   -7.281  1.00 26.07 ? 241 VAL A CG2 1 
ATOM   704  N N   . ASN A 1 102 ? -2.239  4.730   -8.952  1.00 21.62 ? 242 ASN A N   1 
ATOM   705  C CA  . ASN A 1 102 ? -2.950  3.893   -9.877  1.00 23.19 ? 242 ASN A CA  1 
ATOM   706  C C   . ASN A 1 102 ? -2.138  2.777   -10.512 1.00 22.70 ? 242 ASN A C   1 
ATOM   707  O O   . ASN A 1 102 ? -2.600  2.182   -11.495 1.00 25.02 ? 242 ASN A O   1 
ATOM   708  C CB  . ASN A 1 102 ? -3.570  4.758   -10.993 1.00 22.94 ? 242 ASN A CB  1 
ATOM   709  C CG  . ASN A 1 102 ? -4.812  5.488   -10.539 1.00 23.94 ? 242 ASN A CG  1 
ATOM   710  O OD1 . ASN A 1 102 ? -5.769  4.882   -10.050 1.00 23.61 ? 242 ASN A OD1 1 
ATOM   711  N ND2 . ASN A 1 102 ? -4.799  6.808   -10.680 1.00 22.46 ? 242 ASN A ND2 1 
ATOM   712  N N   . GLU A 1 103 ? -0.972  2.464   -9.961  1.00 23.57 ? 243 GLU A N   1 
ATOM   713  C CA  A GLU A 1 103 ? -0.101  1.493   -10.612 0.50 25.04 ? 243 GLU A CA  1 
ATOM   714  C CA  B GLU A 1 103 ? -0.076  1.497   -10.585 0.50 24.70 ? 243 GLU A CA  1 
ATOM   715  C C   . GLU A 1 103 ? -0.448  0.074   -10.171 1.00 23.70 ? 243 GLU A C   1 
ATOM   716  O O   . GLU A 1 103 ? -0.887  -0.149  -9.048  1.00 23.80 ? 243 GLU A O   1 
ATOM   717  C CB  A GLU A 1 103 ? 1.382   1.823   -10.397 0.50 26.51 ? 243 GLU A CB  1 
ATOM   718  C CB  B GLU A 1 103 ? 1.389   1.800   -10.248 0.50 25.61 ? 243 GLU A CB  1 
ATOM   719  C CG  A GLU A 1 103 ? 1.923   1.460   -9.034  0.50 27.22 ? 243 GLU A CG  1 
ATOM   720  C CG  B GLU A 1 103 ? 1.873   3.203   -10.639 0.50 26.17 ? 243 GLU A CG  1 
ATOM   721  C CD  A GLU A 1 103 ? 3.280   2.092   -8.725  0.50 29.47 ? 243 GLU A CD  1 
ATOM   722  C CD  B GLU A 1 103 ? 1.703   3.533   -12.118 0.50 24.84 ? 243 GLU A CD  1 
ATOM   723  O OE1 A GLU A 1 103 ? 4.044   2.461   -9.650  0.50 31.73 ? 243 GLU A OE1 1 
ATOM   724  O OE1 B GLU A 1 103 ? 1.916   2.669   -12.981 0.50 27.83 ? 243 GLU A OE1 1 
ATOM   725  O OE2 A GLU A 1 103 ? 3.577   2.221   -7.531  0.50 27.92 ? 243 GLU A OE2 1 
ATOM   726  O OE2 B GLU A 1 103 ? 1.344   4.682   -12.435 0.50 25.15 ? 243 GLU A OE2 1 
ATOM   727  N N   . TYR A 1 104 ? -0.285  -0.852  -11.102 1.00 22.24 ? 244 TYR A N   1 
ATOM   728  C CA  . TYR A 1 104 ? -0.577  -2.276  -10.937 1.00 22.93 ? 244 TYR A CA  1 
ATOM   729  C C   . TYR A 1 104 ? 0.687   -2.999  -10.615 1.00 21.84 ? 244 TYR A C   1 
ATOM   730  O O   . TYR A 1 104 ? 1.735   -2.627  -11.136 1.00 20.28 ? 244 TYR A O   1 
ATOM   731  C CB  A TYR A 1 104 ? -1.040  -2.905  -12.250 0.50 23.71 ? 244 TYR A CB  1 
ATOM   732  C CB  B TYR A 1 104 ? -1.163  -2.832  -12.256 0.50 23.13 ? 244 TYR A CB  1 
ATOM   733  C CG  A TYR A 1 104 ? -2.395  -2.562  -12.750 0.50 24.01 ? 244 TYR A CG  1 
ATOM   734  C CD1 A TYR A 1 104 ? -3.479  -3.414  -12.527 0.50 24.38 ? 244 TYR A CD1 1 
ATOM   735  C CD2 A TYR A 1 104 ? -2.589  -1.435  -13.524 0.50 24.02 ? 244 TYR A CD2 1 
ATOM   736  C CE1 A TYR A 1 104 ? -4.724  -3.110  -13.028 0.50 24.50 ? 244 TYR A CE1 1 
ATOM   737  C CE2 A TYR A 1 104 ? -3.827  -1.132  -14.019 0.50 25.29 ? 244 TYR A CE2 1 
ATOM   738  C CZ  A TYR A 1 104 ? -4.873  -1.968  -13.775 0.50 24.68 ? 244 TYR A CZ  1 
ATOM   739  O OH  A TYR A 1 104 ? -6.074  -1.651  -14.285 0.50 26.86 ? 244 TYR A OH  1 
ATOM   740  N N   . ASP A 1 105 ? 0.593   -4.050  -9.794  1.00 21.30 ? 245 ASP A N   1 
ATOM   741  C CA  . ASP A 1 105 ? 1.687   -4.998  -9.630  1.00 20.97 ? 245 ASP A CA  1 
ATOM   742  C C   . ASP A 1 105 ? 1.459   -6.218  -10.543 1.00 22.09 ? 245 ASP A C   1 
ATOM   743  O O   . ASP A 1 105 ? 0.533   -6.271  -11.318 1.00 20.79 ? 245 ASP A O   1 
ATOM   744  C CB  . ASP A 1 105 ? 1.865   -5.390  -8.138  1.00 19.61 ? 245 ASP A CB  1 
ATOM   745  C CG  . ASP A 1 105 ? 0.635   -6.010  -7.536  1.00 19.38 ? 245 ASP A CG  1 
ATOM   746  O OD1 . ASP A 1 105 ? 0.448   -5.811  -6.319  1.00 20.08 ? 245 ASP A OD1 1 
ATOM   747  O OD2 . ASP A 1 105 ? -0.130  -6.719  -8.249  1.00 18.76 ? 245 ASP A OD2 1 
ATOM   748  N N   . TRP A 1 106 ? 2.366   -7.151  -10.481 1.00 25.91 ? 246 TRP A N   1 
ATOM   749  C CA  . TRP A 1 106 ? 2.289   -8.358  -11.279 1.00 29.67 ? 246 TRP A CA  1 
ATOM   750  C C   . TRP A 1 106 ? 1.100   -9.243  -10.972 1.00 32.71 ? 246 TRP A C   1 
ATOM   751  O O   . TRP A 1 106 ? 0.683   -10.034 -11.823 1.00 35.55 ? 246 TRP A O   1 
ATOM   752  C CB  . TRP A 1 106 ? 3.534   -9.173  -11.041 1.00 30.86 ? 246 TRP A CB  1 
ATOM   753  C CG  . TRP A 1 106 ? 4.696   -8.685  -11.738 1.00 30.43 ? 246 TRP A CG  1 
ATOM   754  C CD1 . TRP A 1 106 ? 4.879   -7.461  -12.339 1.00 29.70 ? 246 TRP A CD1 1 
ATOM   755  C CD2 . TRP A 1 106 ? 5.893   -9.413  -11.930 1.00 33.78 ? 246 TRP A CD2 1 
ATOM   756  N NE1 . TRP A 1 106 ? 6.125   -7.401  -12.902 1.00 29.63 ? 246 TRP A NE1 1 
ATOM   757  C CE2 . TRP A 1 106 ? 6.773   -8.585  -12.664 1.00 32.89 ? 246 TRP A CE2 1 
ATOM   758  C CE3 . TRP A 1 106 ? 6.309   -10.702 -11.563 1.00 35.53 ? 246 TRP A CE3 1 
ATOM   759  C CZ2 . TRP A 1 106 ? 8.061   -8.999  -13.029 1.00 35.81 ? 246 TRP A CZ2 1 
ATOM   760  C CZ3 . TRP A 1 106 ? 7.600   -11.121 -11.930 1.00 39.05 ? 246 TRP A CZ3 1 
ATOM   761  C CH2 . TRP A 1 106 ? 8.454   -10.264 -12.663 1.00 36.67 ? 246 TRP A CH2 1 
ATOM   762  N N   . ASN A 1 107 ? 0.577   -9.179  -9.758  1.00 34.27 ? 247 ASN A N   1 
ATOM   763  C CA  . ASN A 1 107 ? -0.620  -9.941  -9.449  1.00 36.81 ? 247 ASN A CA  1 
ATOM   764  C C   . ASN A 1 107 ? -1.864  -9.155  -9.766  1.00 34.57 ? 247 ASN A C   1 
ATOM   765  O O   . ASN A 1 107 ? -2.926  -9.431  -9.247  1.00 41.86 ? 247 ASN A O   1 
ATOM   766  C CB  . ASN A 1 107 ? -0.580  -10.429 -8.015  1.00 41.80 ? 247 ASN A CB  1 
ATOM   767  C CG  . ASN A 1 107 ? 0.315   -11.629 -7.863  1.00 47.48 ? 247 ASN A CG  1 
ATOM   768  O OD1 . ASN A 1 107 ? 0.583   -12.350 -8.832  1.00 51.02 ? 247 ASN A OD1 1 
ATOM   769  N ND2 . ASN A 1 107 ? 0.790   -11.854 -6.662  1.00 52.23 ? 247 ASN A ND2 1 
ATOM   770  N N   . GLY A 1 108 ? -1.720  -8.180  -10.652 1.00 30.83 ? 248 GLY A N   1 
ATOM   771  C CA  . GLY A 1 108 ? -2.828  -7.336  -11.066 1.00 30.67 ? 248 GLY A CA  1 
ATOM   772  C C   . GLY A 1 108 ? -3.579  -6.606  -9.974  1.00 29.60 ? 248 GLY A C   1 
ATOM   773  O O   . GLY A 1 108 ? -4.785  -6.332  -10.145 1.00 33.98 ? 248 GLY A O   1 
ATOM   774  N N   . GLY A 1 109 ? -2.905  -6.278  -8.866  1.00 26.28 ? 249 GLY A N   1 
ATOM   775  C CA  . GLY A 1 109 ? -3.518  -5.491  -7.788  1.00 23.06 ? 249 GLY A CA  1 
ATOM   776  C C   . GLY A 1 109 ? -3.113  -4.008  -7.886  1.00 21.95 ? 249 GLY A C   1 
ATOM   777  O O   . GLY A 1 109 ? -2.024  -3.695  -8.335  1.00 21.16 ? 249 GLY A O   1 
ATOM   778  N N   . THR A 1 110 ? -3.991  -3.112  -7.454  1.00 20.11 ? 250 THR A N   1 
ATOM   779  C CA  . THR A 1 110 ? -3.663  -1.688  -7.304  1.00 19.57 ? 250 THR A CA  1 
ATOM   780  C C   . THR A 1 110 ? -3.976  -1.322  -5.857  1.00 19.34 ? 250 THR A C   1 
ATOM   781  O O   . THR A 1 110 ? -4.716  -2.055  -5.182  1.00 20.33 ? 250 THR A O   1 
ATOM   782  C CB  . THR A 1 110 ? -4.569  -0.802  -8.196  1.00 18.33 ? 250 THR A CB  1 
ATOM   783  O OG1 . THR A 1 110 ? -5.937  -1.072  -7.844  1.00 18.58 ? 250 THR A OG1 1 
ATOM   784  C CG2 . THR A 1 110 ? -4.369  -1.065  -9.678  1.00 20.41 ? 250 THR A CG2 1 
ATOM   785  N N   . PRO A 1 111 ? -3.458  -0.173  -5.353  1.00 20.06 ? 251 PRO A N   1 
ATOM   786  C CA  . PRO A 1 111 ? -3.800  0.224   -3.973  1.00 20.22 ? 251 PRO A CA  1 
ATOM   787  C C   . PRO A 1 111 ? -5.311  0.157   -3.676  1.00 19.82 ? 251 PRO A C   1 
ATOM   788  O O   . PRO A 1 111 ? -5.693  -0.276  -2.609  1.00 19.37 ? 251 PRO A O   1 
ATOM   789  C CB  . PRO A 1 111 ? -3.294  1.685   -3.905  1.00 19.06 ? 251 PRO A CB  1 
ATOM   790  C CG  . PRO A 1 111 ? -2.127  1.678   -4.829  1.00 19.90 ? 251 PRO A CG  1 
ATOM   791  C CD  . PRO A 1 111 ? -2.469  0.735   -5.968  1.00 19.67 ? 251 PRO A CD  1 
ATOM   792  N N   . LEU A 1 112 ? -6.139  0.631   -4.621  1.00 19.70 ? 252 LEU A N   1 
ATOM   793  C CA  . LEU A 1 112 ? -7.591  0.699   -4.441  1.00 18.91 ? 252 LEU A CA  1 
ATOM   794  C C   . LEU A 1 112 ? -8.195  -0.702  -4.371  1.00 18.59 ? 252 LEU A C   1 
ATOM   795  O O   . LEU A 1 112 ? -9.018  -0.986  -3.522  1.00 17.47 ? 252 LEU A O   1 
ATOM   796  C CB  . LEU A 1 112 ? -8.211  1.508   -5.581  1.00 20.70 ? 252 LEU A CB  1 
ATOM   797  C CG  . LEU A 1 112 ? -9.730  1.791   -5.505  1.00 22.26 ? 252 LEU A CG  1 
ATOM   798  C CD1 . LEU A 1 112 ? -10.152 2.382   -4.168  1.00 22.42 ? 252 LEU A CD1 1 
ATOM   799  C CD2 . LEU A 1 112 ? -10.188 2.697   -6.670  1.00 22.29 ? 252 LEU A CD2 1 
ATOM   800  N N   . LEU A 1 113 ? -7.764  -1.590  -5.245  1.00 18.05 ? 253 LEU A N   1 
ATOM   801  C CA  . LEU A 1 113 ? -8.266  -2.982  -5.212  1.00 19.27 ? 253 LEU A CA  1 
ATOM   802  C C   . LEU A 1 113 ? -7.921  -3.655  -3.892  1.00 18.63 ? 253 LEU A C   1 
ATOM   803  O O   . LEU A 1 113 ? -8.744  -4.434  -3.328  1.00 18.67 ? 253 LEU A O   1 
ATOM   804  C CB  . LEU A 1 113 ? -7.738  -3.780  -6.398  1.00 19.58 ? 253 LEU A CB  1 
ATOM   805  C CG  . LEU A 1 113 ? -8.410  -3.447  -7.748  1.00 20.35 ? 253 LEU A CG  1 
ATOM   806  C CD1 . LEU A 1 113 ? -7.679  -4.055  -8.922  1.00 22.92 ? 253 LEU A CD1 1 
ATOM   807  C CD2 . LEU A 1 113 ? -9.877  -3.822  -7.779  1.00 20.72 ? 253 LEU A CD2 1 
ATOM   808  N N   . TYR A 1 114 ? -6.723  -3.379  -3.376  1.00 19.39 ? 254 TYR A N   1 
ATOM   809  C CA  . TYR A 1 114 ? -6.293  -3.961  -2.071  1.00 19.34 ? 254 TYR A CA  1 
ATOM   810  C C   . TYR A 1 114 ? -7.096  -3.372  -0.906  1.00 18.72 ? 254 TYR A C   1 
ATOM   811  O O   . TYR A 1 114 ? -7.508  -4.110  0.003   1.00 18.73 ? 254 TYR A O   1 
ATOM   812  C CB  . TYR A 1 114 ? -4.762  -3.817  -1.842  1.00 19.88 ? 254 TYR A CB  1 
ATOM   813  C CG  . TYR A 1 114 ? -3.944  -4.658  -2.762  1.00 20.57 ? 254 TYR A CG  1 
ATOM   814  C CD1 . TYR A 1 114 ? -3.023  -4.099  -3.646  1.00 21.18 ? 254 TYR A CD1 1 
ATOM   815  C CD2 . TYR A 1 114 ? -4.076  -6.039  -2.745  1.00 21.16 ? 254 TYR A CD2 1 
ATOM   816  C CE1 . TYR A 1 114 ? -2.254  -4.898  -4.470  1.00 22.09 ? 254 TYR A CE1 1 
ATOM   817  C CE2 . TYR A 1 114 ? -3.327  -6.843  -3.588  1.00 21.73 ? 254 TYR A CE2 1 
ATOM   818  C CZ  . TYR A 1 114 ? -2.428  -6.292  -4.438  1.00 22.21 ? 254 TYR A CZ  1 
ATOM   819  O OH  . TYR A 1 114 ? -1.720  -7.171  -5.262  1.00 22.07 ? 254 TYR A OH  1 
ATOM   820  N N   . ALA A 1 115 ? -7.378  -2.064  -0.947  1.00 17.27 ? 255 ALA A N   1 
ATOM   821  C CA  . ALA A 1 115 ? -8.209  -1.456  0.052   1.00 17.58 ? 255 ALA A CA  1 
ATOM   822  C C   . ALA A 1 115 ? -9.632  -2.059  0.033   1.00 18.11 ? 255 ALA A C   1 
ATOM   823  O O   . ALA A 1 115 ? -10.237 -2.329  1.129   1.00 18.98 ? 255 ALA A O   1 
ATOM   824  C CB  . ALA A 1 115 ? -8.268  0.079   -0.166  1.00 17.65 ? 255 ALA A CB  1 
ATOM   825  N N   . VAL A 1 116 ? -10.168 -2.256  -1.185  1.00 19.96 ? 256 VAL A N   1 
ATOM   826  C CA  . VAL A 1 116 ? -11.513 -2.762  -1.364  1.00 20.27 ? 256 VAL A CA  1 
ATOM   827  C C   . VAL A 1 116 ? -11.501 -4.221  -0.933  1.00 22.65 ? 256 VAL A C   1 
ATOM   828  O O   . VAL A 1 116 ? -12.370 -4.658  -0.206  1.00 20.60 ? 256 VAL A O   1 
ATOM   829  C CB  . VAL A 1 116 ? -11.972 -2.670  -2.817  1.00 19.72 ? 256 VAL A CB  1 
ATOM   830  C CG1 . VAL A 1 116 ? -13.191 -3.550  -3.054  1.00 20.58 ? 256 VAL A CG1 1 
ATOM   831  C CG2 . VAL A 1 116 ? -12.292 -1.184  -3.184  1.00 19.46 ? 256 VAL A CG2 1 
ATOM   832  N N   . HIS A 1 117 ? -10.484 -4.960  -1.374  1.00 22.83 ? 257 HIS A N   1 
ATOM   833  C CA  . HIS A 1 117 ? -10.410 -6.386  -0.980  1.00 25.38 ? 257 HIS A CA  1 
ATOM   834  C C   . HIS A 1 117 ? -10.441 -6.610  0.527   1.00 25.95 ? 257 HIS A C   1 
ATOM   835  O O   . HIS A 1 117 ? -10.979 -7.623  0.991   1.00 26.12 ? 257 HIS A O   1 
ATOM   836  C CB  . HIS A 1 117 ? -9.172  -7.047  -1.591  1.00 25.88 ? 257 HIS A CB  1 
ATOM   837  C CG  . HIS A 1 117 ? -9.064  -8.508  -1.285  1.00 28.27 ? 257 HIS A CG  1 
ATOM   838  N ND1 . HIS A 1 117 ? -9.752  -9.463  -1.998  1.00 29.92 ? 257 HIS A ND1 1 
ATOM   839  C CD2 . HIS A 1 117 ? -8.378  -9.174  -0.325  1.00 31.29 ? 257 HIS A CD2 1 
ATOM   840  C CE1 . HIS A 1 117 ? -9.496  -10.661 -1.495  1.00 31.67 ? 257 HIS A CE1 1 
ATOM   841  N NE2 . HIS A 1 117 ? -8.654  -10.516 -0.488  1.00 32.21 ? 257 HIS A NE2 1 
ATOM   842  N N   . GLY A 1 118 ? -9.854  -5.690  1.292   1.00 25.24 ? 258 GLY A N   1 
ATOM   843  C CA  . GLY A 1 118 ? -9.760  -5.805  2.740   1.00 25.20 ? 258 GLY A CA  1 
ATOM   844  C C   . GLY A 1 118 ? -10.842 -5.075  3.482   1.00 24.46 ? 258 GLY A C   1 
ATOM   845  O O   . GLY A 1 118 ? -10.800 -4.967  4.710   1.00 22.67 ? 258 GLY A O   1 
ATOM   846  N N   . ASN A 1 119 ? -11.797 -4.527  2.735   1.00 24.69 ? 259 ASN A N   1 
ATOM   847  C CA  . ASN A 1 119 ? -12.899 -3.773  3.316   1.00 25.30 ? 259 ASN A CA  1 
ATOM   848  C C   . ASN A 1 119 ? -12.394 -2.633  4.209   1.00 25.26 ? 259 ASN A C   1 
ATOM   849  O O   . ASN A 1 119 ? -12.821 -2.460  5.357   1.00 26.00 ? 259 ASN A O   1 
ATOM   850  C CB  . ASN A 1 119 ? -13.823 -4.758  4.084   1.00 27.26 ? 259 ASN A CB  1 
ATOM   851  C CG  . ASN A 1 119 ? -15.172 -4.168  4.411   1.00 30.18 ? 259 ASN A CG  1 
ATOM   852  O OD1 . ASN A 1 119 ? -15.595 -3.110  3.889   1.00 27.93 ? 259 ASN A OD1 1 
ATOM   853  N ND2 . ASN A 1 119 ? -15.873 -4.852  5.277   1.00 34.17 ? 259 ASN A ND2 1 
ATOM   854  N N   . HIS A 1 120 ? -11.496 -1.822  3.637   1.00 23.82 ? 260 HIS A N   1 
ATOM   855  C CA  . HIS A 1 120 ? -10.850 -0.720  4.317   1.00 21.46 ? 260 HIS A CA  1 
ATOM   856  C C   . HIS A 1 120 ? -11.420 0.616   3.833   1.00 22.15 ? 260 HIS A C   1 
ATOM   857  O O   . HIS A 1 120 ? -10.830 1.280   3.015   1.00 22.64 ? 260 HIS A O   1 
ATOM   858  C CB  . HIS A 1 120 ? -9.319  -0.788  4.107   1.00 22.45 ? 260 HIS A CB  1 
ATOM   859  C CG  . HIS A 1 120 ? -8.707  -2.042  4.674   1.00 22.28 ? 260 HIS A CG  1 
ATOM   860  N ND1 . HIS A 1 120 ? -8.916  -2.429  5.982   1.00 24.02 ? 260 HIS A ND1 1 
ATOM   861  C CD2 . HIS A 1 120 ? -7.921  -2.998  4.119   1.00 23.80 ? 260 HIS A CD2 1 
ATOM   862  C CE1 . HIS A 1 120 ? -8.277  -3.568  6.213   1.00 24.28 ? 260 HIS A CE1 1 
ATOM   863  N NE2 . HIS A 1 120 ? -7.650  -3.925  5.101   1.00 23.58 ? 260 HIS A NE2 1 
ATOM   864  N N   . VAL A 1 121 ? -12.546 1.009   4.407   1.00 23.36 ? 261 VAL A N   1 
ATOM   865  C CA  . VAL A 1 121 ? -13.363 2.090   3.848   1.00 26.00 ? 261 VAL A CA  1 
ATOM   866  C C   . VAL A 1 121 ? -12.670 3.433   3.868   1.00 24.25 ? 261 VAL A C   1 
ATOM   867  O O   . VAL A 1 121 ? -12.723 4.202   2.901   1.00 21.81 ? 261 VAL A O   1 
ATOM   868  C CB  . VAL A 1 121 ? -14.702 2.250   4.645   1.00 28.26 ? 261 VAL A CB  1 
ATOM   869  C CG1 . VAL A 1 121 ? -15.637 3.194   3.921   1.00 30.78 ? 261 VAL A CG1 1 
ATOM   870  C CG2 . VAL A 1 121 ? -15.374 0.914   4.867   1.00 31.28 ? 261 VAL A CG2 1 
ATOM   871  N N   . LYS A 1 122 ? -12.008 3.741   4.988   1.00 25.42 ? 262 LYS A N   1 
ATOM   872  C CA  . LYS A 1 122 ? -11.292 5.026   5.112   1.00 25.47 ? 262 LYS A CA  1 
ATOM   873  C C   . LYS A 1 122 ? -10.148 5.079   4.134   1.00 23.10 ? 262 LYS A C   1 
ATOM   874  O O   . LYS A 1 122 ? -9.900  6.128   3.542   1.00 22.28 ? 262 LYS A O   1 
ATOM   875  C CB  . LYS A 1 122 ? -10.795 5.280   6.549   1.00 26.95 ? 262 LYS A CB  1 
ATOM   876  C CG  . LYS A 1 122 ? -11.920 5.348   7.583   1.00 30.31 ? 262 LYS A CG  1 
ATOM   877  C CD  . LYS A 1 122 ? -12.902 6.503   7.337   1.00 33.43 ? 262 LYS A CD  1 
ATOM   878  N N   . CYS A 1 123 ? -9.455  3.947   3.938   1.00 22.82 ? 263 CYS A N   1 
ATOM   879  C CA  . CYS A 1 123 ? -8.386  3.890   2.895   1.00 21.21 ? 263 CYS A CA  1 
ATOM   880  C C   . CYS A 1 123 ? -8.940  4.095   1.485   1.00 19.51 ? 263 CYS A C   1 
ATOM   881  O O   . CYS A 1 123 ? -8.343  4.838   0.684   1.00 23.34 ? 263 CYS A O   1 
ATOM   882  C CB  . CYS A 1 123 ? -7.560  2.559   2.980   1.00 21.70 ? 263 CYS A CB  1 
ATOM   883  S SG  . CYS A 1 123 ? -6.409  2.542   4.364   1.00 24.92 ? 263 CYS A SG  1 
ATOM   884  N N   . VAL A 1 124 ? -10.087 3.489   1.179   1.00 19.39 ? 264 VAL A N   1 
ATOM   885  C CA  . VAL A 1 124 ? -10.755 3.647   -0.141  1.00 18.51 ? 264 VAL A CA  1 
ATOM   886  C C   . VAL A 1 124 ? -11.054 5.147   -0.342  1.00 19.95 ? 264 VAL A C   1 
ATOM   887  O O   . VAL A 1 124 ? -10.738 5.703   -1.353  1.00 18.13 ? 264 VAL A O   1 
ATOM   888  C CB  . VAL A 1 124 ? -12.053 2.855   -0.203  1.00 19.01 ? 264 VAL A CB  1 
ATOM   889  C CG1 . VAL A 1 124 ? -12.838 3.152   -1.448  1.00 19.63 ? 264 VAL A CG1 1 
ATOM   890  C CG2 . VAL A 1 124 ? -11.749 1.320   -0.139  1.00 19.33 ? 264 VAL A CG2 1 
ATOM   891  N N   . LYS A 1 125 ? -11.635 5.762   0.665   1.00 20.07 ? 265 LYS A N   1 
ATOM   892  C CA  . LYS A 1 125 ? -12.033 7.196   0.555   1.00 22.86 ? 265 LYS A CA  1 
ATOM   893  C C   . LYS A 1 125 ? -10.847 8.062   0.275   1.00 21.72 ? 265 LYS A C   1 
ATOM   894  O O   . LYS A 1 125 ? -10.875 8.944   -0.609  1.00 23.23 ? 265 LYS A O   1 
ATOM   895  C CB  . LYS A 1 125 ? -12.753 7.627   1.841   1.00 26.51 ? 265 LYS A CB  1 
ATOM   896  C CG  . LYS A 1 125 ? -13.439 8.984   1.768   1.00 29.32 ? 265 LYS A CG  1 
ATOM   897  C CD  . LYS A 1 125 ? -14.279 9.216   3.033   1.00 32.84 ? 265 LYS A CD  1 
ATOM   898  N N   . MET A 1 126 ? -9.775  7.819   1.004   1.00 21.65 ? 266 MET A N   1 
ATOM   899  C CA  . MET A 1 126 ? -8.551  8.598   0.891   1.00 23.96 ? 266 MET A CA  1 
ATOM   900  C C   . MET A 1 126 ? -7.913  8.415   -0.443  1.00 21.13 ? 266 MET A C   1 
ATOM   901  O O   . MET A 1 126 ? -7.480  9.372   -1.045  1.00 21.67 ? 266 MET A O   1 
ATOM   902  C CB  . MET A 1 126 ? -7.585  8.188   1.987   1.00 26.59 ? 266 MET A CB  1 
ATOM   903  C CG  . MET A 1 126 ? -6.283  8.962   2.062   1.00 31.61 ? 266 MET A CG  1 
ATOM   904  S SD  . MET A 1 126 ? -5.359  8.628   3.590   1.00 38.17 ? 266 MET A SD  1 
ATOM   905  C CE  . MET A 1 126 ? -6.609  8.885   4.838   1.00 37.98 ? 266 MET A CE  1 
ATOM   906  N N   . LEU A 1 127 ? -7.833  7.179   -0.912  1.00 18.94 ? 267 LEU A N   1 
ATOM   907  C CA  . LEU A 1 127 ? -7.303  6.950   -2.257  1.00 18.60 ? 267 LEU A CA  1 
ATOM   908  C C   . LEU A 1 127 ? -8.078  7.708   -3.387  1.00 19.84 ? 267 LEU A C   1 
ATOM   909  O O   . LEU A 1 127 ? -7.455  8.281   -4.268  1.00 20.24 ? 267 LEU A O   1 
ATOM   910  C CB  . LEU A 1 127 ? -7.303  5.474   -2.569  1.00 18.63 ? 267 LEU A CB  1 
ATOM   911  C CG  . LEU A 1 127 ? -6.267  4.715   -1.765  1.00 17.85 ? 267 LEU A CG  1 
ATOM   912  C CD1 . LEU A 1 127 ? -6.634  3.214   -1.766  1.00 19.38 ? 267 LEU A CD1 1 
ATOM   913  C CD2 . LEU A 1 127 ? -4.890  4.933   -2.331  1.00 17.87 ? 267 LEU A CD2 1 
ATOM   914  N N   . LEU A 1 128 ? -9.416  7.646   -3.345  1.00 20.47 ? 268 LEU A N   1 
ATOM   915  C CA  . LEU A 1 128 ? -10.276 8.303   -4.328  1.00 21.04 ? 268 LEU A CA  1 
ATOM   916  C C   . LEU A 1 128 ? -10.060 9.819   -4.291  1.00 22.09 ? 268 LEU A C   1 
ATOM   917  O O   . LEU A 1 128 ? -10.002 10.454  -5.329  1.00 24.34 ? 268 LEU A O   1 
ATOM   918  C CB  . LEU A 1 128 ? -11.751 7.984   -4.047  1.00 21.26 ? 268 LEU A CB  1 
ATOM   919  C CG  . LEU A 1 128 ? -12.163 6.513   -4.255  1.00 21.99 ? 268 LEU A CG  1 
ATOM   920  C CD1 . LEU A 1 128 ? -13.567 6.288   -3.733  1.00 23.30 ? 268 LEU A CD1 1 
ATOM   921  C CD2 . LEU A 1 128 ? -12.021 6.106   -5.720  1.00 22.34 ? 268 LEU A CD2 1 
ATOM   922  N N   . GLU A 1 129 ? -9.925  10.373  -3.100  1.00 23.77 ? 269 GLU A N   1 
ATOM   923  C CA  . GLU A 1 129 ? -9.684  11.834  -2.954  1.00 26.69 ? 269 GLU A CA  1 
ATOM   924  C C   . GLU A 1 129 ? -8.303  12.251  -3.532  1.00 28.23 ? 269 GLU A C   1 
ATOM   925  O O   . GLU A 1 129 ? -8.127  13.427  -3.941  1.00 25.33 ? 269 GLU A O   1 
ATOM   926  C CB  . GLU A 1 129 ? -9.810  12.271  -1.480  1.00 30.23 ? 269 GLU A CB  1 
ATOM   927  C CG  . GLU A 1 129 ? -11.237 12.198  -0.923  1.00 33.41 ? 269 GLU A CG  1 
ATOM   928  C CD  . GLU A 1 129 ? -11.301 12.305  0.606   1.00 39.34 ? 269 GLU A CD  1 
ATOM   929  O OE1 . GLU A 1 129 ? -10.226 12.295  1.265   1.00 42.91 ? 269 GLU A OE1 1 
ATOM   930  O OE2 . GLU A 1 129 ? -12.422 12.384  1.162   1.00 40.96 ? 269 GLU A OE2 1 
ATOM   931  N N   . SER A 1 130 ? -7.357  11.298  -3.574  1.00 25.02 ? 270 SER A N   1 
ATOM   932  C CA  . SER A 1 130 ? -6.004  11.514  -4.131  1.00 27.09 ? 270 SER A CA  1 
ATOM   933  C C   . SER A 1 130 ? -5.858  11.102  -5.588  1.00 24.54 ? 270 SER A C   1 
ATOM   934  O O   . SER A 1 130 ? -4.763  11.116  -6.128  1.00 27.85 ? 270 SER A O   1 
ATOM   935  C CB  . SER A 1 130 ? -4.957  10.788  -3.307  1.00 28.10 ? 270 SER A CB  1 
ATOM   936  O OG  . SER A 1 130 ? -4.837  11.355  -2.014  1.00 32.77 ? 270 SER A OG  1 
ATOM   937  N N   . GLY A 1 131 ? -6.956  10.764  -6.229  1.00 22.31 ? 271 GLY A N   1 
ATOM   938  C CA  . GLY A 1 131 ? -6.966  10.509  -7.650  1.00 21.50 ? 271 GLY A CA  1 
ATOM   939  C C   . GLY A 1 131 ? -6.975  9.067   -8.088  1.00 19.24 ? 271 GLY A C   1 
ATOM   940  O O   . GLY A 1 131 ? -6.847  8.796   -9.283  1.00 20.11 ? 271 GLY A O   1 
ATOM   941  N N   . ALA A 1 132 ? -7.183  8.122   -7.167  1.00 19.82 ? 272 ALA A N   1 
ATOM   942  C CA  . ALA A 1 132 ? -7.351  6.758   -7.581  1.00 19.98 ? 272 ALA A CA  1 
ATOM   943  C C   . ALA A 1 132 ? -8.665  6.570   -8.406  1.00 20.28 ? 272 ALA A C   1 
ATOM   944  O O   . ALA A 1 132 ? -9.750  7.018   -8.020  1.00 20.76 ? 272 ALA A O   1 
ATOM   945  C CB  . ALA A 1 132 ? -7.312  5.816   -6.400  1.00 20.31 ? 272 ALA A CB  1 
ATOM   946  N N   . ASP A 1 133 ? -8.535  5.930   -9.564  1.00 21.32 ? 273 ASP A N   1 
ATOM   947  C CA  . ASP A 1 133 ? -9.638  5.759   -10.476 1.00 21.92 ? 273 ASP A CA  1 
ATOM   948  C C   . ASP A 1 133 ? -10.296 4.402   -10.255 1.00 20.66 ? 273 ASP A C   1 
ATOM   949  O O   . ASP A 1 133 ? -9.701  3.365   -10.533 1.00 19.29 ? 273 ASP A O   1 
ATOM   950  C CB  . ASP A 1 133 ? -9.098  5.931   -11.895 1.00 22.83 ? 273 ASP A CB  1 
ATOM   951  C CG  . ASP A 1 133 ? -10.135 5.778   -12.970 1.00 24.83 ? 273 ASP A CG  1 
ATOM   952  O OD1 . ASP A 1 133 ? -11.326 5.461   -12.701 1.00 24.05 ? 273 ASP A OD1 1 
ATOM   953  O OD2 . ASP A 1 133 ? -9.708  5.992   -14.145 1.00 23.97 ? 273 ASP A OD2 1 
ATOM   954  N N   . PRO A 1 134 ? -11.568 4.399   -9.802  1.00 21.35 ? 274 PRO A N   1 
ATOM   955  C CA  . PRO A 1 134 ? -12.323 3.131   -9.519  1.00 22.49 ? 274 PRO A CA  1 
ATOM   956  C C   . PRO A 1 134 ? -12.851 2.361   -10.735 1.00 22.43 ? 274 PRO A C   1 
ATOM   957  O O   . PRO A 1 134 ? -13.449 1.270   -10.573 1.00 22.71 ? 274 PRO A O   1 
ATOM   958  C CB  . PRO A 1 134 ? -13.489 3.607   -8.638  1.00 22.97 ? 274 PRO A CB  1 
ATOM   959  C CG  . PRO A 1 134 ? -13.715 5.025   -9.065  1.00 21.41 ? 274 PRO A CG  1 
ATOM   960  C CD  . PRO A 1 134 ? -12.409 5.600   -9.591  1.00 21.86 ? 274 PRO A CD  1 
ATOM   961  N N   . THR A 1 135 ? -12.610 2.909   -11.934 1.00 23.37 ? 275 THR A N   1 
ATOM   962  C CA  . THR A 1 135 ? -13.067 2.320   -13.169 1.00 25.50 ? 275 THR A CA  1 
ATOM   963  C C   . THR A 1 135 ? -11.983 1.592   -13.919 1.00 26.00 ? 275 THR A C   1 
ATOM   964  O O   . THR A 1 135 ? -12.282 0.960   -14.893 1.00 27.24 ? 275 THR A O   1 
ATOM   965  C CB  . THR A 1 135 ? -13.659 3.391   -14.109 1.00 26.69 ? 275 THR A CB  1 
ATOM   966  O OG1 . THR A 1 135 ? -12.613 4.228   -14.645 1.00 26.08 ? 275 THR A OG1 1 
ATOM   967  C CG2 . THR A 1 135 ? -14.739 4.207   -13.364 1.00 28.04 ? 275 THR A CG2 1 
ATOM   968  N N   . ILE A 1 136 ? -10.727 1.649   -13.472 1.00 23.58 ? 276 ILE A N   1 
ATOM   969  C CA  . ILE A 1 136 ? -9.669  0.929   -14.192 1.00 24.34 ? 276 ILE A CA  1 
ATOM   970  C C   . ILE A 1 136 ? -9.891  -0.543  -13.900 1.00 23.37 ? 276 ILE A C   1 
ATOM   971  O O   . ILE A 1 136 ? -10.275 -0.897  -12.793 1.00 21.01 ? 276 ILE A O   1 
ATOM   972  C CB  . ILE A 1 136 ? -8.280  1.360   -13.709 1.00 26.09 ? 276 ILE A CB  1 
ATOM   973  C CG1 . ILE A 1 136 ? -7.962  2.785   -14.154 1.00 26.52 ? 276 ILE A CG1 1 
ATOM   974  C CG2 . ILE A 1 136 ? -7.193  0.436   -14.183 1.00 27.61 ? 276 ILE A CG2 1 
ATOM   975  C CD1 . ILE A 1 136 ? -6.902  3.408   -13.288 1.00 28.84 ? 276 ILE A CD1 1 
ATOM   976  N N   . GLU A 1 137 ? -9.646  -1.383  -14.901 1.00 26.66 ? 277 GLU A N   1 
ATOM   977  C CA  . GLU A 1 137 ? -9.974  -2.801  -14.832 1.00 26.78 ? 277 GLU A CA  1 
ATOM   978  C C   . GLU A 1 137 ? -8.778  -3.720  -14.724 1.00 26.38 ? 277 GLU A C   1 
ATOM   979  O O   . GLU A 1 137 ? -7.698  -3.425  -15.202 1.00 27.45 ? 277 GLU A O   1 
ATOM   980  C CB  . GLU A 1 137 ? -10.742 -3.196  -16.073 1.00 28.34 ? 277 GLU A CB  1 
ATOM   981  C CG  . GLU A 1 137 ? -12.091 -2.572  -16.209 1.00 31.88 ? 277 GLU A CG  1 
ATOM   982  C CD  . GLU A 1 137 ? -12.680 -2.851  -17.585 1.00 35.07 ? 277 GLU A CD  1 
ATOM   983  O OE1 . GLU A 1 137 ? -12.172 -3.752  -18.311 1.00 37.04 ? 277 GLU A OE1 1 
ATOM   984  O OE2 . GLU A 1 137 ? -13.645 -2.172  -17.938 1.00 37.32 ? 277 GLU A OE2 1 
ATOM   985  N N   . THR A 1 138 ? -9.001  -4.855  -14.085 1.00 27.33 ? 278 THR A N   1 
ATOM   986  C CA  . THR A 1 138 ? -8.039  -5.945  -14.136 1.00 31.03 ? 278 THR A CA  1 
ATOM   987  C C   . THR A 1 138 ? -8.029  -6.612  -15.536 1.00 31.60 ? 278 THR A C   1 
ATOM   988  O O   . THR A 1 138 ? -8.917  -6.372  -16.399 1.00 28.67 ? 278 THR A O   1 
ATOM   989  C CB  . THR A 1 138 ? -8.392  -7.057  -13.132 1.00 29.89 ? 278 THR A CB  1 
ATOM   990  O OG1 . THR A 1 138 ? -9.641  -7.666  -13.512 1.00 31.91 ? 278 THR A OG1 1 
ATOM   991  C CG2 . THR A 1 138 ? -8.472  -6.506  -11.706 1.00 31.35 ? 278 THR A CG2 1 
ATOM   992  N N   . ASP A 1 139 ? -7.068  -7.509  -15.740 1.00 34.43 ? 279 ASP A N   1 
ATOM   993  C CA  A ASP A 1 139 ? -7.017  -8.248  -17.002 0.50 34.31 ? 279 ASP A CA  1 
ATOM   994  C CA  B ASP A 1 139 ? -6.991  -8.298  -16.963 0.50 34.76 ? 279 ASP A CA  1 
ATOM   995  C C   . ASP A 1 139 ? -8.282  -9.093  -17.182 1.00 35.02 ? 279 ASP A C   1 
ATOM   996  O O   . ASP A 1 139 ? -8.612  -9.448  -18.291 1.00 35.09 ? 279 ASP A O   1 
ATOM   997  C CB  A ASP A 1 139 ? -5.775  -9.132  -17.104 0.50 34.20 ? 279 ASP A CB  1 
ATOM   998  C CB  B ASP A 1 139 ? -5.765  -9.238  -16.930 0.50 35.31 ? 279 ASP A CB  1 
ATOM   999  C CG  A ASP A 1 139 ? -5.888  -10.168 -18.225 0.50 34.52 ? 279 ASP A CG  1 
ATOM   1000 C CG  B ASP A 1 139 ? -5.878  -10.371 -15.870 0.50 35.44 ? 279 ASP A CG  1 
ATOM   1001 O OD1 A ASP A 1 139 ? -6.170  -9.773  -19.384 0.50 35.24 ? 279 ASP A OD1 1 
ATOM   1002 O OD1 B ASP A 1 139 ? -6.771  -10.351 -14.998 0.50 37.29 ? 279 ASP A OD1 1 
ATOM   1003 O OD2 A ASP A 1 139 ? -5.724  -11.380 -17.936 0.50 32.66 ? 279 ASP A OD2 1 
ATOM   1004 O OD2 B ASP A 1 139 ? -5.049  -11.296 -15.916 0.50 37.48 ? 279 ASP A OD2 1 
ATOM   1005 N N   . SER A 1 140 ? -8.990  -9.374  -16.091 1.00 36.17 ? 280 SER A N   1 
ATOM   1006 C CA  . SER A 1 140 ? -10.253 -10.091 -16.148 1.00 39.76 ? 280 SER A CA  1 
ATOM   1007 C C   . SER A 1 140 ? -11.453 -9.214  -16.502 1.00 37.67 ? 280 SER A C   1 
ATOM   1008 O O   . SER A 1 140 ? -12.522 -9.720  -16.743 1.00 39.26 ? 280 SER A O   1 
ATOM   1009 C CB  . SER A 1 140 ? -10.530 -10.755 -14.811 1.00 43.58 ? 280 SER A CB  1 
ATOM   1010 O OG  . SER A 1 140 ? -11.603 -11.655 -14.948 1.00 50.16 ? 280 SER A OG  1 
ATOM   1011 N N   . GLY A 1 141 ? -11.285 -7.910  -16.493 1.00 32.69 ? 281 GLY A N   1 
ATOM   1012 C CA  . GLY A 1 141 ? -12.350 -6.981  -16.891 1.00 31.69 ? 281 GLY A CA  1 
ATOM   1013 C C   . GLY A 1 141 ? -13.156 -6.363  -15.757 1.00 31.97 ? 281 GLY A C   1 
ATOM   1014 O O   . GLY A 1 141 ? -14.076 -5.560  -16.007 1.00 36.88 ? 281 GLY A O   1 
ATOM   1015 N N   . TYR A 1 142 ? -12.816 -6.677  -14.512 1.00 28.11 ? 282 TYR A N   1 
ATOM   1016 C CA  . TYR A 1 142 ? -13.551 -6.095  -13.392 1.00 26.74 ? 282 TYR A CA  1 
ATOM   1017 C C   . TYR A 1 142 ? -12.816 -4.905  -12.770 1.00 23.72 ? 282 TYR A C   1 
ATOM   1018 O O   . TYR A 1 142 ? -11.581 -4.813  -12.815 1.00 20.69 ? 282 TYR A O   1 
ATOM   1019 C CB  . TYR A 1 142 ? -13.900 -7.162  -12.344 1.00 27.37 ? 282 TYR A CB  1 
ATOM   1020 C CG  . TYR A 1 142 ? -12.770 -7.647  -11.461 1.00 26.89 ? 282 TYR A CG  1 
ATOM   1021 C CD1 . TYR A 1 142 ? -12.339 -6.908  -10.375 1.00 26.22 ? 282 TYR A CD1 1 
ATOM   1022 C CD2 . TYR A 1 142 ? -12.201 -8.911  -11.662 1.00 24.95 ? 282 TYR A CD2 1 
ATOM   1023 C CE1 . TYR A 1 142 ? -11.328 -7.367  -9.532  1.00 26.98 ? 282 TYR A CE1 1 
ATOM   1024 C CE2 . TYR A 1 142 ? -11.189 -9.379  -10.831 1.00 26.72 ? 282 TYR A CE2 1 
ATOM   1025 C CZ  . TYR A 1 142 ? -10.746 -8.614  -9.763  1.00 26.75 ? 282 TYR A CZ  1 
ATOM   1026 O OH  . TYR A 1 142 ? -9.735  -9.111  -8.918  1.00 28.71 ? 282 TYR A OH  1 
ATOM   1027 N N   . ASN A 1 143 ? -13.580 -3.976  -12.219 1.00 22.78 ? 283 ASN A N   1 
ATOM   1028 C CA  . ASN A 1 143 ? -13.007 -2.809  -11.634 1.00 21.95 ? 283 ASN A CA  1 
ATOM   1029 C C   . ASN A 1 143 ? -13.278 -2.787  -10.126 1.00 21.72 ? 283 ASN A C   1 
ATOM   1030 O O   . ASN A 1 143 ? -13.780 -3.791  -9.572  1.00 22.22 ? 283 ASN A O   1 
ATOM   1031 C CB  . ASN A 1 143 ? -13.493 -1.558  -12.384 1.00 22.88 ? 283 ASN A CB  1 
ATOM   1032 C CG  . ASN A 1 143 ? -14.962 -1.297  -12.205 1.00 24.28 ? 283 ASN A CG  1 
ATOM   1033 O OD1 . ASN A 1 143 ? -15.542 -1.568  -11.167 1.00 25.34 ? 283 ASN A OD1 1 
ATOM   1034 N ND2 . ASN A 1 143 ? -15.566 -0.756  -13.221 1.00 27.12 ? 283 ASN A ND2 1 
ATOM   1035 N N   . SER A 1 144 ? -12.979 -1.678  -9.455  1.00 20.70 ? 284 SER A N   1 
ATOM   1036 C CA  A SER A 1 144 ? -13.054 -1.642  -7.985  0.50 20.85 ? 284 SER A CA  1 
ATOM   1037 C CA  B SER A 1 144 ? -13.074 -1.618  -7.978  0.50 20.57 ? 284 SER A CA  1 
ATOM   1038 C C   . SER A 1 144 ? -14.504 -1.703  -7.503  1.00 21.86 ? 284 SER A C   1 
ATOM   1039 O O   . SER A 1 144 ? -14.802 -2.332  -6.475  1.00 22.29 ? 284 SER A O   1 
ATOM   1040 C CB  A SER A 1 144 ? -12.318 -0.425  -7.428  0.50 20.98 ? 284 SER A CB  1 
ATOM   1041 C CB  B SER A 1 144 ? -12.431 -0.354  -7.438  0.50 20.55 ? 284 SER A CB  1 
ATOM   1042 O OG  A SER A 1 144 ? -10.919 -0.429  -7.764  0.50 20.43 ? 284 SER A OG  1 
ATOM   1043 O OG  B SER A 1 144 ? -13.179 0.806   -7.791  0.50 19.15 ? 284 SER A OG  1 
ATOM   1044 N N   . MET A 1 145 ? -15.409 -1.049  -8.241  1.00 24.83 ? 285 MET A N   1 
ATOM   1045 C CA  . MET A 1 145 ? -16.840 -1.110  -7.904  1.00 25.03 ? 285 MET A CA  1 
ATOM   1046 C C   . MET A 1 145 ? -17.341 -2.550  -7.987  1.00 25.24 ? 285 MET A C   1 
ATOM   1047 O O   . MET A 1 145 ? -18.045 -3.060  -7.068  1.00 26.57 ? 285 MET A O   1 
ATOM   1048 C CB  A MET A 1 145 ? -17.672 -0.184  -8.795  0.50 25.44 ? 285 MET A CB  1 
ATOM   1049 C CB  B MET A 1 145 ? -17.665 -0.223  -8.870  0.50 25.21 ? 285 MET A CB  1 
ATOM   1050 C CG  A MET A 1 145 ? -19.139 -0.111  -8.377  0.50 26.47 ? 285 MET A CG  1 
ATOM   1051 C CG  B MET A 1 145 ? -16.961 1.025   -9.399  0.50 26.16 ? 285 MET A CG  1 
ATOM   1052 S SD  A MET A 1 145 ? -19.431 0.519   -6.702  0.50 26.50 ? 285 MET A SD  1 
ATOM   1053 C CE  A MET A 1 145 ? -21.061 -0.157  -6.396  0.50 27.85 ? 285 MET A CE  1 
ATOM   1054 N N   . ASP A 1 146 ? -16.960 -3.213  -9.084  1.00 25.41 ? 286 ASP A N   1 
ATOM   1055 C CA  . ASP A 1 146 ? -17.334 -4.613  -9.318  1.00 25.46 ? 286 ASP A CA  1 
ATOM   1056 C C   . ASP A 1 146 ? -16.900 -5.479  -8.167  1.00 24.94 ? 286 ASP A C   1 
ATOM   1057 O O   . ASP A 1 146 ? -17.682 -6.307  -7.670  1.00 24.90 ? 286 ASP A O   1 
ATOM   1058 C CB  . ASP A 1 146 ? -16.723 -5.145  -10.628 1.00 27.02 ? 286 ASP A CB  1 
ATOM   1059 C CG  . ASP A 1 146 ? -17.169 -4.351  -11.868 1.00 29.84 ? 286 ASP A CG  1 
ATOM   1060 O OD1 . ASP A 1 146 ? -18.279 -3.756  -11.880 1.00 33.23 ? 286 ASP A OD1 1 
ATOM   1061 O OD2 . ASP A 1 146 ? -16.399 -4.325  -12.847 1.00 28.63 ? 286 ASP A OD2 1 
ATOM   1062 N N   . LEU A 1 147 ? -15.635 -5.311  -7.746  1.00 22.96 ? 287 LEU A N   1 
ATOM   1063 C CA  . LEU A 1 147 ? -15.085 -6.118  -6.677  1.00 23.23 ? 287 LEU A CA  1 
ATOM   1064 C C   . LEU A 1 147 ? -15.838 -5.903  -5.332  1.00 25.44 ? 287 LEU A C   1 
ATOM   1065 O O   . LEU A 1 147 ? -16.125 -6.877  -4.590  1.00 24.19 ? 287 LEU A O   1 
ATOM   1066 C CB  . LEU A 1 147 ? -13.566 -5.846  -6.525  1.00 22.86 ? 287 LEU A CB  1 
ATOM   1067 C CG  . LEU A 1 147 ? -12.842 -6.673  -5.466  1.00 23.45 ? 287 LEU A CG  1 
ATOM   1068 C CD1 . LEU A 1 147 ? -12.899 -8.185  -5.752  1.00 23.87 ? 287 LEU A CD1 1 
ATOM   1069 C CD2 . LEU A 1 147 ? -11.399 -6.230  -5.353  1.00 24.67 ? 287 LEU A CD2 1 
ATOM   1070 N N   . ALA A 1 148 ? -16.143 -4.634  -5.010  1.00 24.12 ? 288 ALA A N   1 
ATOM   1071 C CA  . ALA A 1 148 ? -16.850 -4.322  -3.784  1.00 23.15 ? 288 ALA A CA  1 
ATOM   1072 C C   . ALA A 1 148 ? -18.240 -4.953  -3.785  1.00 24.44 ? 288 ALA A C   1 
ATOM   1073 O O   . ALA A 1 148 ? -18.736 -5.349  -2.713  1.00 27.02 ? 288 ALA A O   1 
ATOM   1074 C CB  . ALA A 1 148 ? -16.960 -2.815  -3.593  1.00 23.48 ? 288 ALA A CB  1 
ATOM   1075 N N   . VAL A 1 149 ? -18.879 -5.012  -4.973  1.00 27.31 ? 289 VAL A N   1 
ATOM   1076 C CA  . VAL A 1 149 ? -20.214 -5.627  -5.136  1.00 27.49 ? 289 VAL A CA  1 
ATOM   1077 C C   . VAL A 1 149 ? -20.046 -7.142  -4.956  1.00 29.61 ? 289 VAL A C   1 
ATOM   1078 O O   . VAL A 1 149 ? -20.690 -7.755  -4.106  1.00 30.52 ? 289 VAL A O   1 
ATOM   1079 C CB  . VAL A 1 149 ? -20.853 -5.320  -6.504  1.00 28.22 ? 289 VAL A CB  1 
ATOM   1080 C CG1 . VAL A 1 149 ? -22.131 -6.117  -6.695  1.00 29.35 ? 289 VAL A CG1 1 
ATOM   1081 C CG2 . VAL A 1 149 ? -21.161 -3.847  -6.653  1.00 29.56 ? 289 VAL A CG2 1 
ATOM   1082 N N   . ALA A 1 150 ? -19.108 -7.717  -5.696  1.00 29.21 ? 290 ALA A N   1 
ATOM   1083 C CA  . ALA A 1 150 ? -18.800 -9.136  -5.593  1.00 29.32 ? 290 ALA A CA  1 
ATOM   1084 C C   . ALA A 1 150 ? -18.561 -9.604  -4.159  1.00 29.20 ? 290 ALA A C   1 
ATOM   1085 O O   . ALA A 1 150 ? -19.013 -10.683 -3.779  1.00 30.23 ? 290 ALA A O   1 
ATOM   1086 C CB  . ALA A 1 150 ? -17.591 -9.463  -6.458  1.00 29.60 ? 290 ALA A CB  1 
ATOM   1087 N N   . LEU A 1 151 ? -17.870 -8.796  -3.356  1.00 27.97 ? 291 LEU A N   1 
ATOM   1088 C CA  . LEU A 1 151 ? -17.476 -9.188  -2.007  1.00 27.27 ? 291 LEU A CA  1 
ATOM   1089 C C   . LEU A 1 151 ? -18.494 -8.821  -0.938  1.00 28.79 ? 291 LEU A C   1 
ATOM   1090 O O   . LEU A 1 151 ? -18.358 -9.252  0.225   1.00 27.26 ? 291 LEU A O   1 
ATOM   1091 C CB  . LEU A 1 151 ? -16.082 -8.619  -1.636  1.00 29.17 ? 291 LEU A CB  1 
ATOM   1092 C CG  . LEU A 1 151 ? -14.891 -9.058  -2.524  1.00 30.87 ? 291 LEU A CG  1 
ATOM   1093 C CD1 . LEU A 1 151 ? -13.665 -8.238  -2.191  1.00 31.52 ? 291 LEU A CD1 1 
ATOM   1094 C CD2 . LEU A 1 151 ? -14.585 -10.533 -2.353  1.00 31.74 ? 291 LEU A CD2 1 
ATOM   1095 N N   . GLY A 1 152 ? -19.502 -8.037  -1.319  1.00 27.80 ? 292 GLY A N   1 
ATOM   1096 C CA  . GLY A 1 152 ? -20.582 -7.662  -0.422  1.00 28.84 ? 292 GLY A CA  1 
ATOM   1097 C C   . GLY A 1 152 ? -20.219 -6.591  0.575   1.00 28.72 ? 292 GLY A C   1 
ATOM   1098 O O   . GLY A 1 152 ? -20.786 -6.543  1.683   1.00 27.00 ? 292 GLY A O   1 
ATOM   1099 N N   . TYR A 1 153 ? -19.279 -5.722  0.191   1.00 25.25 ? 293 TYR A N   1 
ATOM   1100 C CA  . TYR A 1 153 ? -18.822 -4.674  1.067   1.00 25.65 ? 293 TYR A CA  1 
ATOM   1101 C C   . TYR A 1 153 ? -19.579 -3.399  0.754   1.00 24.07 ? 293 TYR A C   1 
ATOM   1102 O O   . TYR A 1 153 ? -19.174 -2.589  -0.068  1.00 21.25 ? 293 TYR A O   1 
ATOM   1103 C CB  . TYR A 1 153 ? -17.314 -4.472  0.939   1.00 26.82 ? 293 TYR A CB  1 
ATOM   1104 C CG  . TYR A 1 153 ? -16.475 -5.647  1.402   1.00 27.37 ? 293 TYR A CG  1 
ATOM   1105 C CD1 . TYR A 1 153 ? -16.959 -6.577  2.308   1.00 29.11 ? 293 TYR A CD1 1 
ATOM   1106 C CD2 . TYR A 1 153 ? -15.198 -5.825  0.907   1.00 27.82 ? 293 TYR A CD2 1 
ATOM   1107 C CE1 . TYR A 1 153 ? -16.184 -7.649  2.716   1.00 30.52 ? 293 TYR A CE1 1 
ATOM   1108 C CE2 . TYR A 1 153 ? -14.410 -6.901  1.309   1.00 30.33 ? 293 TYR A CE2 1 
ATOM   1109 C CZ  . TYR A 1 153 ? -14.907 -7.801  2.218   1.00 31.88 ? 293 TYR A CZ  1 
ATOM   1110 O OH  . TYR A 1 153 ? -14.125 -8.882  2.620   1.00 33.16 ? 293 TYR A OH  1 
ATOM   1111 N N   . ARG A 1 154 ? -20.700 -3.236  1.444   1.00 23.66 ? 294 ARG A N   1 
ATOM   1112 C CA  . ARG A 1 154 ? -21.660 -2.226  1.060   1.00 24.62 ? 294 ARG A CA  1 
ATOM   1113 C C   . ARG A 1 154 ? -21.231 -0.815  1.338   1.00 20.39 ? 294 ARG A C   1 
ATOM   1114 O O   . ARG A 1 154 ? -21.499 0.080   0.502   1.00 21.80 ? 294 ARG A O   1 
ATOM   1115 C CB  . ARG A 1 154 ? -23.027 -2.551  1.701   1.00 26.01 ? 294 ARG A CB  1 
ATOM   1116 C CG  . ARG A 1 154 ? -23.688 -3.767  1.037   1.00 29.01 ? 294 ARG A CG  1 
ATOM   1117 C CD  . ARG A 1 154 ? -25.030 -4.177  1.664   1.00 32.61 ? 294 ARG A CD  1 
ATOM   1118 N NE  . ARG A 1 154 ? -25.544 -5.471  1.168   1.00 34.69 ? 294 ARG A NE  1 
ATOM   1119 C CZ  . ARG A 1 154 ? -26.172 -5.655  -0.008  1.00 39.32 ? 294 ARG A CZ  1 
ATOM   1120 N NH1 . ARG A 1 154 ? -26.608 -6.863  -0.343  1.00 43.82 ? 294 ARG A NH1 1 
ATOM   1121 N NH2 . ARG A 1 154 ? -26.380 -4.652  -0.856  1.00 40.27 ? 294 ARG A NH2 1 
ATOM   1122 N N   . SER A 1 155 ? -20.606 -0.567  2.489   1.00 20.76 ? 295 SER A N   1 
ATOM   1123 C CA  . SER A 1 155 ? -20.108 0.812   2.821   1.00 22.01 ? 295 SER A CA  1 
ATOM   1124 C C   . SER A 1 155 ? -19.050 1.241   1.764   1.00 21.24 ? 295 SER A C   1 
ATOM   1125 O O   . SER A 1 155 ? -19.056 2.374   1.247   1.00 19.46 ? 295 SER A O   1 
ATOM   1126 C CB  . SER A 1 155 ? -19.490 0.867   4.214   1.00 23.94 ? 295 SER A CB  1 
ATOM   1127 O OG  . SER A 1 155 ? -20.428 0.667   5.263   1.00 26.02 ? 295 SER A OG  1 
ATOM   1128 N N   . VAL A 1 156 ? -18.184 0.308   1.398   1.00 20.15 ? 296 VAL A N   1 
ATOM   1129 C CA  . VAL A 1 156 ? -17.201 0.549   0.326   1.00 22.95 ? 296 VAL A CA  1 
ATOM   1130 C C   . VAL A 1 156 ? -17.878 0.840   -1.041  1.00 24.64 ? 296 VAL A C   1 
ATOM   1131 O O   . VAL A 1 156 ? -17.478 1.772   -1.741  1.00 22.40 ? 296 VAL A O   1 
ATOM   1132 C CB  . VAL A 1 156 ? -16.228 -0.641  0.192   1.00 22.20 ? 296 VAL A CB  1 
ATOM   1133 C CG1 . VAL A 1 156 ? -15.325 -0.498  -1.023  1.00 23.52 ? 296 VAL A CG1 1 
ATOM   1134 C CG2 . VAL A 1 156 ? -15.387 -0.772  1.456   1.00 22.64 ? 296 VAL A CG2 1 
ATOM   1135 N N   . GLN A 1 157 ? -18.871 0.023   -1.415  1.00 23.73 ? 297 GLN A N   1 
ATOM   1136 C CA  . GLN A 1 157 ? -19.588 0.208   -2.689  1.00 23.41 ? 297 GLN A CA  1 
ATOM   1137 C C   . GLN A 1 157 ? -20.139 1.636   -2.708  1.00 23.21 ? 297 GLN A C   1 
ATOM   1138 O O   . GLN A 1 157 ? -20.023 2.348   -3.708  1.00 22.87 ? 297 GLN A O   1 
ATOM   1139 C CB  A GLN A 1 157 ? -20.745 -0.771  -2.846  0.70 23.92 ? 297 GLN A CB  1 
ATOM   1140 C CB  B GLN A 1 157 ? -20.723 -0.801  -2.861  0.30 23.00 ? 297 GLN A CB  1 
ATOM   1141 C CG  A GLN A 1 157 ? -20.377 -2.255  -2.996  0.70 24.27 ? 297 GLN A CG  1 
ATOM   1142 C CG  B GLN A 1 157 ? -21.407 -0.762  -4.228  0.30 22.05 ? 297 GLN A CG  1 
ATOM   1143 C CD  A GLN A 1 157 ? -21.573 -3.156  -2.770  0.70 23.02 ? 297 GLN A CD  1 
ATOM   1144 O OE1 A GLN A 1 157 ? -21.488 -4.238  -2.119  0.70 20.73 ? 297 GLN A OE1 1 
ATOM   1145 N NE2 A GLN A 1 157 ? -22.707 -2.724  -3.293  0.70 21.34 ? 297 GLN A NE2 1 
ATOM   1146 N N   . GLN A 1 158 ? -20.687 2.058   -1.584  1.00 21.96 ? 298 GLN A N   1 
ATOM   1147 C CA  . GLN A 1 158 ? -21.321 3.375   -1.516  1.00 23.71 ? 298 GLN A CA  1 
ATOM   1148 C C   . GLN A 1 158 ? -20.347 4.570   -1.620  1.00 23.60 ? 298 GLN A C   1 
ATOM   1149 O O   . GLN A 1 158 ? -20.659 5.597   -2.262  1.00 21.27 ? 298 GLN A O   1 
ATOM   1150 C CB  . GLN A 1 158 ? -22.219 3.438   -0.266  1.00 26.87 ? 298 GLN A CB  1 
ATOM   1151 C CG  . GLN A 1 158 ? -22.777 4.821   0.056   1.00 28.45 ? 298 GLN A CG  1 
ATOM   1152 C CD  . GLN A 1 158 ? -23.663 5.466   -1.034  1.00 32.51 ? 298 GLN A CD  1 
ATOM   1153 O OE1 . GLN A 1 158 ? -24.148 4.820   -2.003  1.00 34.36 ? 298 GLN A OE1 1 
ATOM   1154 N NE2 . GLN A 1 158 ? -23.883 6.771   -0.865  1.00 32.57 ? 298 GLN A NE2 1 
ATOM   1155 N N   . VAL A 1 159 ? -19.178 4.433   -1.021  1.00 23.18 ? 299 VAL A N   1 
ATOM   1156 C CA  . VAL A 1 159 ? -18.099 5.443   -1.155  1.00 22.07 ? 299 VAL A CA  1 
ATOM   1157 C C   . VAL A 1 159 ? -17.689 5.585   -2.619  1.00 21.52 ? 299 VAL A C   1 
ATOM   1158 O O   . VAL A 1 159 ? -17.502 6.718   -3.161  1.00 21.12 ? 299 VAL A O   1 
ATOM   1159 C CB  . VAL A 1 159 ? -16.898 5.042   -0.255  1.00 22.00 ? 299 VAL A CB  1 
ATOM   1160 C CG1 . VAL A 1 159 ? -15.661 5.905   -0.551  1.00 21.50 ? 299 VAL A CG1 1 
ATOM   1161 C CG2 . VAL A 1 159 ? -17.333 5.164   1.211   1.00 21.93 ? 299 VAL A CG2 1 
ATOM   1162 N N   . ILE A 1 160 ? -17.554 4.446   -3.281  1.00 21.29 ? 300 ILE A N   1 
ATOM   1163 C CA  . ILE A 1 160 ? -17.145 4.439   -4.659  1.00 22.06 ? 300 ILE A CA  1 
ATOM   1164 C C   . ILE A 1 160 ? -18.230 5.028   -5.563  1.00 22.79 ? 300 ILE A C   1 
ATOM   1165 O O   . ILE A 1 160 ? -17.939 5.889   -6.418  1.00 21.58 ? 300 ILE A O   1 
ATOM   1166 C CB  . ILE A 1 160 ? -16.778 3.037   -5.126  1.00 22.09 ? 300 ILE A CB  1 
ATOM   1167 C CG1 . ILE A 1 160 ? -15.491 2.557   -4.421  1.00 22.96 ? 300 ILE A CG1 1 
ATOM   1168 C CG2 . ILE A 1 160 ? -16.550 3.056   -6.642  1.00 23.84 ? 300 ILE A CG2 1 
ATOM   1169 C CD1 . ILE A 1 160 ? -15.111 1.097   -4.710  1.00 24.32 ? 300 ILE A CD1 1 
ATOM   1170 N N   . GLU A 1 161 ? -19.467 4.560   -5.396  1.00 25.66 ? 301 GLU A N   1 
ATOM   1171 C CA  . GLU A 1 161 ? -20.585 5.086   -6.185  1.00 28.45 ? 301 GLU A CA  1 
ATOM   1172 C C   . GLU A 1 161 ? -20.768 6.568   -5.954  1.00 27.63 ? 301 GLU A C   1 
ATOM   1173 O O   . GLU A 1 161 ? -20.940 7.329   -6.908  1.00 26.32 ? 301 GLU A O   1 
ATOM   1174 C CB  . GLU A 1 161 ? -21.886 4.404   -5.829  1.00 32.14 ? 301 GLU A CB  1 
ATOM   1175 C CG  . GLU A 1 161 ? -22.026 2.989   -6.358  1.00 37.58 ? 301 GLU A CG  1 
ATOM   1176 C CD  . GLU A 1 161 ? -23.490 2.519   -6.391  1.00 43.12 ? 301 GLU A CD  1 
ATOM   1177 O OE1 . GLU A 1 161 ? -23.705 1.282   -6.419  1.00 47.78 ? 301 GLU A OE1 1 
ATOM   1178 O OE2 . GLU A 1 161 ? -24.413 3.390   -6.370  1.00 45.62 ? 301 GLU A OE2 1 
ATOM   1179 N N   . SER A 1 162 ? -20.722 6.985   -4.695  1.00 26.47 ? 302 SER A N   1 
ATOM   1180 C CA  . SER A 1 162 ? -20.871 8.386   -4.369  1.00 28.61 ? 302 SER A CA  1 
ATOM   1181 C C   . SER A 1 162 ? -19.829 9.263   -5.070  1.00 28.64 ? 302 SER A C   1 
ATOM   1182 O O   . SER A 1 162 ? -20.153 10.331  -5.614  1.00 26.38 ? 302 SER A O   1 
ATOM   1183 C CB  . SER A 1 162 ? -20.808 8.596   -2.868  1.00 29.60 ? 302 SER A CB  1 
ATOM   1184 O OG  . SER A 1 162 ? -20.767 9.971   -2.620  1.00 33.00 ? 302 SER A OG  1 
ATOM   1185 N N   . HIS A 1 163 ? -18.586 8.805   -5.068  1.00 24.70 ? 303 HIS A N   1 
ATOM   1186 C CA  . HIS A 1 163 ? -17.527 9.432   -5.823  1.00 25.33 ? 303 HIS A CA  1 
ATOM   1187 C C   . HIS A 1 163 ? -17.814 9.534   -7.345  1.00 25.92 ? 303 HIS A C   1 
ATOM   1188 O O   . HIS A 1 163 ? -17.692 10.607  -7.944  1.00 27.34 ? 303 HIS A O   1 
ATOM   1189 C CB  . HIS A 1 163 ? -16.258 8.630   -5.598  1.00 25.25 ? 303 HIS A CB  1 
ATOM   1190 C CG  . HIS A 1 163 ? -15.091 9.125   -6.363  1.00 25.37 ? 303 HIS A CG  1 
ATOM   1191 N ND1 . HIS A 1 163 ? -14.279 10.153  -5.912  1.00 26.66 ? 303 HIS A ND1 1 
ATOM   1192 C CD2 . HIS A 1 163 ? -14.575 8.728   -7.544  1.00 26.21 ? 303 HIS A CD2 1 
ATOM   1193 C CE1 . HIS A 1 163 ? -13.320 10.370  -6.792  1.00 25.73 ? 303 HIS A CE1 1 
ATOM   1194 N NE2 . HIS A 1 163 ? -13.476 9.513   -7.787  1.00 27.02 ? 303 HIS A NE2 1 
ATOM   1195 N N   . LEU A 1 164 ? -18.183 8.425   -7.958  1.00 25.72 ? 304 LEU A N   1 
ATOM   1196 C CA  . LEU A 1 164 ? -18.527 8.443   -9.357  1.00 27.57 ? 304 LEU A CA  1 
ATOM   1197 C C   . LEU A 1 164 ? -19.682 9.435   -9.621  1.00 28.46 ? 304 LEU A C   1 
ATOM   1198 O O   . LEU A 1 164 ? -19.635 10.209  -10.597 1.00 31.15 ? 304 LEU A O   1 
ATOM   1199 C CB  . LEU A 1 164 ? -18.918 7.058   -9.823  1.00 28.65 ? 304 LEU A CB  1 
ATOM   1200 C CG  . LEU A 1 164 ? -17.797 6.034   -9.937  1.00 32.53 ? 304 LEU A CG  1 
ATOM   1201 C CD1 . LEU A 1 164 ? -18.404 4.627   -10.027 1.00 34.20 ? 304 LEU A CD1 1 
ATOM   1202 C CD2 . LEU A 1 164 ? -16.874 6.310   -11.131 1.00 32.95 ? 304 LEU A CD2 1 
ATOM   1203 N N   . LEU A 1 165 ? -20.711 9.401   -8.775  1.00 26.91 ? 305 LEU A N   1 
ATOM   1204 C CA  . LEU A 1 165 ? -21.902 10.241  -8.994  1.00 28.23 ? 305 LEU A CA  1 
ATOM   1205 C C   . LEU A 1 165 ? -21.493 11.715  -8.946  1.00 31.71 ? 305 LEU A C   1 
ATOM   1206 O O   . LEU A 1 165 ? -21.885 12.529  -9.814  1.00 29.74 ? 305 LEU A O   1 
ATOM   1207 C CB  . LEU A 1 165 ? -23.003 9.912   -7.962  1.00 30.00 ? 305 LEU A CB  1 
ATOM   1208 C CG  . LEU A 1 165 ? -24.366 10.635  -8.055  1.00 31.73 ? 305 LEU A CG  1 
ATOM   1209 N N   . LYS A 1 166 ? -20.676 12.061  -7.962  1.00 32.98 ? 306 LYS A N   1 
ATOM   1210 C CA  . LYS A 1 166 ? -20.281 13.476  -7.788  1.00 34.62 ? 306 LYS A CA  1 
ATOM   1211 C C   . LYS A 1 166 ? -19.398 13.964  -8.928  1.00 37.10 ? 306 LYS A C   1 
ATOM   1212 O O   . LYS A 1 166 ? -19.482 15.139  -9.317  1.00 38.38 ? 306 LYS A O   1 
ATOM   1213 C CB  . LYS A 1 166 ? -19.642 13.712  -6.413  1.00 34.81 ? 306 LYS A CB  1 
ATOM   1214 C CG  . LYS A 1 166 ? -20.639 13.513  -5.267  1.00 36.21 ? 306 LYS A CG  1 
ATOM   1215 C CD  . LYS A 1 166 ? -20.088 13.868  -3.884  1.00 38.31 ? 306 LYS A CD  1 
ATOM   1216 C CE  . LYS A 1 166 ? -20.849 13.145  -2.774  1.00 38.85 ? 306 LYS A CE  1 
ATOM   1217 N N   . LEU A 1 167 ? -18.598 13.078  -9.495  1.00 36.71 ? 307 LEU A N   1 
ATOM   1218 C CA  . LEU A 1 167 ? -17.889 13.418  -10.723 1.00 40.37 ? 307 LEU A CA  1 
ATOM   1219 C C   . LEU A 1 167 ? -18.873 13.755  -11.822 1.00 44.76 ? 307 LEU A C   1 
ATOM   1220 O O   . LEU A 1 167 ? -18.736 14.778  -12.474 1.00 53.82 ? 307 LEU A O   1 
ATOM   1221 C CB  . LEU A 1 167 ? -16.971 12.298  -11.179 1.00 41.11 ? 307 LEU A CB  1 
ATOM   1222 C CG  . LEU A 1 167 ? -15.655 12.298  -10.408 1.00 44.24 ? 307 LEU A CG  1 
ATOM   1223 C CD1 . LEU A 1 167 ? -14.883 11.009  -10.658 1.00 44.96 ? 307 LEU A CD1 1 
ATOM   1224 C CD2 . LEU A 1 167 ? -14.825 13.540  -10.752 1.00 45.88 ? 307 LEU A CD2 1 
ATOM   1225 N N   . LEU A 1 168 ? -19.886 12.929  -12.014 1.00 45.27 ? 308 LEU A N   1 
ATOM   1226 C CA  . LEU A 1 168 ? -20.864 13.191  -13.081 1.00 47.60 ? 308 LEU A CA  1 
ATOM   1227 C C   . LEU A 1 168 ? -21.744 14.426  -12.805 1.00 49.90 ? 308 LEU A C   1 
ATOM   1228 O O   . LEU A 1 168 ? -22.083 15.155  -13.736 1.00 48.36 ? 308 LEU A O   1 
ATOM   1229 C CB  . LEU A 1 168 ? -21.715 11.968  -13.318 1.00 48.15 ? 308 LEU A CB  1 
ATOM   1230 C CG  . LEU A 1 168 ? -20.892 10.821  -13.895 1.00 48.76 ? 308 LEU A CG  1 
ATOM   1231 C CD1 . LEU A 1 168 ? -21.648 9.516   -13.678 1.00 51.77 ? 308 LEU A CD1 1 
ATOM   1232 C CD2 . LEU A 1 168 ? -20.549 11.051  -15.370 1.00 50.23 ? 308 LEU A CD2 1 
ATOM   1233 N N   . GLN A 1 169 ? -22.083 14.666  -11.536 1.00 51.67 ? 309 GLN A N   1 
ATOM   1234 C CA  . GLN A 1 169 ? -22.835 15.863  -11.145 1.00 55.66 ? 309 GLN A CA  1 
ATOM   1235 C C   . GLN A 1 169 ? -21.958 17.131  -11.002 1.00 59.84 ? 309 GLN A C   1 
ATOM   1236 O O   . GLN A 1 169 ? -22.485 18.207  -10.704 1.00 61.39 ? 309 GLN A O   1 
ATOM   1237 C CB  . GLN A 1 169 ? -23.584 15.602  -9.834  1.00 56.50 ? 309 GLN A CB  1 
ATOM   1238 C CG  . GLN A 1 169 ? -24.583 14.457  -9.926  1.00 58.60 ? 309 GLN A CG  1 
ATOM   1239 C CD  . GLN A 1 169 ? -25.138 14.032  -8.572  1.00 61.78 ? 309 GLN A CD  1 
ATOM   1240 O OE1 . GLN A 1 169 ? -24.443 14.082  -7.556  1.00 64.04 ? 309 GLN A OE1 1 
ATOM   1241 N NE2 . GLN A 1 169 ? -26.400 13.603  -8.558  1.00 61.72 ? 309 GLN A NE2 1 
ATOM   1242 N N   . ASN A 1 170 ? -20.640 17.002  -11.224 1.00 62.27 ? 310 ASN A N   1 
ATOM   1243 C CA  . ASN A 1 170 ? -19.666 18.106  -11.060 1.00 63.97 ? 310 ASN A CA  1 
ATOM   1244 C C   . ASN A 1 170 ? -19.635 18.665  -9.623  1.00 61.73 ? 310 ASN A C   1 
ATOM   1245 O O   . ASN A 1 170 ? -20.300 19.649  -9.304  1.00 59.13 ? 310 ASN A O   1 
ATOM   1246 C CB  . ASN A 1 170 ? -19.904 19.230  -12.096 1.00 63.99 ? 310 ASN A CB  1 
ATOM   1247 N N   . HIS B 2 5   ? 7.740   -14.333 7.354   1.00 55.27 ? 498 HIS B N   1 
ATOM   1248 C CA  . HIS B 2 5   ? 7.638   -14.228 5.862   1.00 54.17 ? 498 HIS B CA  1 
ATOM   1249 C C   . HIS B 2 5   ? 7.969   -12.804 5.398   1.00 52.95 ? 498 HIS B C   1 
ATOM   1250 O O   . HIS B 2 5   ? 7.823   -11.818 6.162   1.00 49.79 ? 498 HIS B O   1 
ATOM   1251 C CB  . HIS B 2 5   ? 6.217   -14.625 5.390   1.00 49.90 ? 498 HIS B CB  1 
ATOM   1252 N N   . THR B 2 6   ? 8.426   -12.680 4.154   1.00 51.41 ? 499 THR B N   1 
ATOM   1253 C CA  . THR B 2 6   ? 8.358   -11.376 3.501   1.00 50.40 ? 499 THR B CA  1 
ATOM   1254 C C   . THR B 2 6   ? 6.881   -10.997 3.589   1.00 47.55 ? 499 THR B C   1 
ATOM   1255 O O   . THR B 2 6   ? 5.999   -11.873 3.449   1.00 52.49 ? 499 THR B O   1 
ATOM   1256 C CB  . THR B 2 6   ? 8.816   -11.407 2.032   1.00 48.91 ? 499 THR B CB  1 
ATOM   1257 O OG1 . THR B 2 6   ? 10.052  -12.114 1.948   1.00 52.56 ? 499 THR B OG1 1 
ATOM   1258 C CG2 . THR B 2 6   ? 9.018   -9.973  1.475   1.00 47.89 ? 499 THR B CG2 1 
ATOM   1259 N N   . PRO B 2 7   ? 6.584   -9.715  3.875   1.00 39.38 ? 500 PRO B N   1 
ATOM   1260 C CA  . PRO B 2 7   ? 5.165   -9.414  3.777   1.00 39.32 ? 500 PRO B CA  1 
ATOM   1261 C C   . PRO B 2 7   ? 4.655   -9.715  2.335   1.00 37.78 ? 500 PRO B C   1 
ATOM   1262 O O   . PRO B 2 7   ? 5.414   -9.630  1.365   1.00 40.03 ? 500 PRO B O   1 
ATOM   1263 C CB  . PRO B 2 7   ? 5.070   -7.930  4.158   1.00 35.19 ? 500 PRO B CB  1 
ATOM   1264 C CG  . PRO B 2 7   ? 6.450   -7.429  4.308   1.00 36.19 ? 500 PRO B CG  1 
ATOM   1265 C CD  . PRO B 2 7   ? 7.405   -8.577  4.317   1.00 38.08 ? 500 PRO B CD  1 
ATOM   1266 N N   . ARG B 2 8   ? 3.412   -10.135 2.210   1.00 38.54 ? 501 ARG B N   1 
ATOM   1267 C CA  . ARG B 2 8   ? 2.868   -10.446 0.894   1.00 35.37 ? 501 ARG B CA  1 
ATOM   1268 C C   . ARG B 2 8   ? 1.537   -9.798  0.748   1.00 29.99 ? 501 ARG B C   1 
ATOM   1269 O O   . ARG B 2 8   ? 0.896   -9.435  1.712   1.00 30.80 ? 501 ARG B O   1 
ATOM   1270 C CB  . ARG B 2 8   ? 2.826   -11.965 0.592   1.00 38.76 ? 501 ARG B CB  1 
ATOM   1271 C CG  . ARG B 2 8   ? 1.949   -12.824 1.495   1.00 40.30 ? 501 ARG B CG  1 
ATOM   1272 C CD  . ARG B 2 8   ? 2.498   -14.254 1.623   1.00 42.60 ? 501 ARG B CD  1 
ATOM   1273 N N   . LEU B 2 9   ? 1.132   -9.610  -0.480  1.00 28.14 ? 502 LEU B N   1 
ATOM   1274 C CA  . LEU B 2 9   ? -0.152  -9.010  -0.751  1.00 26.66 ? 502 LEU B CA  1 
ATOM   1275 C C   . LEU B 2 9   ? -1.115  -10.168 -0.919  1.00 26.46 ? 502 LEU B C   1 
ATOM   1276 O O   . LEU B 2 9   ? -0.722  -11.220 -1.341  1.00 25.41 ? 502 LEU B O   1 
ATOM   1277 C CB  . LEU B 2 9   ? -0.077  -8.155  -2.004  1.00 25.51 ? 502 LEU B CB  1 
ATOM   1278 C CG  . LEU B 2 9   ? 0.746   -6.885  -1.808  1.00 25.32 ? 502 LEU B CG  1 
ATOM   1279 C CD1 . LEU B 2 9   ? 1.188   -6.308  -3.118  1.00 23.82 ? 502 LEU B CD1 1 
ATOM   1280 C CD2 . LEU B 2 9   ? -0.041  -5.860  -1.026  1.00 25.58 ? 502 LEU B CD2 1 
ATOM   1281 N N   . PRO B 2 10  ? -2.374  -9.981  -0.555  1.00 27.21 ? 503 PRO B N   1 
ATOM   1282 C CA  . PRO B 2 10  ? -3.377  -11.025 -0.833  1.00 28.40 ? 503 PRO B CA  1 
ATOM   1283 C C   . PRO B 2 10  ? -3.623  -11.289 -2.323  1.00 29.50 ? 503 PRO B C   1 
ATOM   1284 O O   . PRO B 2 10  ? -3.538  -10.375 -3.158  1.00 27.12 ? 503 PRO B O   1 
ATOM   1285 C CB  . PRO B 2 10  ? -4.638  -10.459 -0.206  1.00 28.96 ? 503 PRO B CB  1 
ATOM   1286 C CG  . PRO B 2 10  ? -4.426  -8.968  -0.173  1.00 28.99 ? 503 PRO B CG  1 
ATOM   1287 C CD  . PRO B 2 10  ? -2.963  -8.770  0.038   1.00 28.94 ? 503 PRO B CD  1 
ATOM   1288 N N   . THR B 2 11  ? -3.916  -12.544 -2.652  1.00 28.47 ? 504 THR B N   1 
ATOM   1289 C CA  . THR B 2 11  ? -4.347  -12.939 -3.985  1.00 28.51 ? 504 THR B CA  1 
ATOM   1290 C C   . THR B 2 11  ? -5.718  -12.346 -4.284  1.00 27.74 ? 504 THR B C   1 
ATOM   1291 O O   . THR B 2 11  ? -6.674  -12.550 -3.519  1.00 29.65 ? 504 THR B O   1 
ATOM   1292 C CB  . THR B 2 11  ? -4.406  -14.481 -4.065  1.00 29.79 ? 504 THR B CB  1 
ATOM   1293 O OG1 . THR B 2 11  ? -3.097  -14.979 -3.811  1.00 29.83 ? 504 THR B OG1 1 
ATOM   1294 C CG2 . THR B 2 11  ? -4.838  -14.946 -5.420  1.00 31.46 ? 504 THR B CG2 1 
ATOM   1295 N N   . LEU B 2 12  ? -5.838  -11.593 -5.372  1.00 24.24 ? 505 LEU B N   1 
ATOM   1296 C CA  . LEU B 2 12  ? -7.160  -11.076 -5.765  1.00 25.13 ? 505 LEU B CA  1 
ATOM   1297 C C   . LEU B 2 12  ? -7.907  -12.057 -6.715  1.00 25.64 ? 505 LEU B C   1 
ATOM   1298 O O   . LEU B 2 12  ? -7.265  -12.912 -7.371  1.00 26.26 ? 505 LEU B O   1 
ATOM   1299 C CB  . LEU B 2 12  ? -7.026  -9.709  -6.445  1.00 25.95 ? 505 LEU B CB  1 
ATOM   1300 C CG  . LEU B 2 12  ? -6.354  -8.613  -5.597  1.00 27.08 ? 505 LEU B CG  1 
ATOM   1301 C CD1 . LEU B 2 12  ? -6.013  -7.427  -6.487  1.00 26.54 ? 505 LEU B CD1 1 
ATOM   1302 C CD2 . LEU B 2 12  ? -7.258  -8.184  -4.450  1.00 28.39 ? 505 LEU B CD2 1 
ATOM   1303 N N   . PRO B 2 13  ? -9.251  -11.941 -6.808  1.00 23.72 ? 506 PRO B N   1 
ATOM   1304 C CA  . PRO B 2 13  ? -9.972  -12.795 -7.767  1.00 25.74 ? 506 PRO B CA  1 
ATOM   1305 C C   . PRO B 2 13  ? -9.447  -12.714 -9.209  1.00 29.46 ? 506 PRO B C   1 
ATOM   1306 O O   . PRO B 2 13  ? -9.124  -11.601 -9.700  1.00 24.70 ? 506 PRO B O   1 
ATOM   1307 C CB  . PRO B 2 13  ? -11.424 -12.259 -7.692  1.00 24.48 ? 506 PRO B CB  1 
ATOM   1308 C CG  . PRO B 2 13  ? -11.534 -11.735 -6.299  1.00 25.34 ? 506 PRO B CG  1 
ATOM   1309 C CD  . PRO B 2 13  ? -10.178 -11.118 -5.997  1.00 25.30 ? 506 PRO B CD  1 
ATOM   1310 N N   . LYS B 2 14  ? -9.339  -13.871 -9.878  1.00 29.32 ? 507 LYS B N   1 
ATOM   1311 C CA  . LYS B 2 14  ? -9.064  -13.884 -11.325 1.00 34.62 ? 507 LYS B CA  1 
ATOM   1312 C C   . LYS B 2 14  ? -10.371 -13.672 -12.132 1.00 38.72 ? 507 LYS B C   1 
ATOM   1313 O O   . LYS B 2 14  ? -10.337 -13.550 -13.362 1.00 46.92 ? 507 LYS B O   1 
ATOM   1314 C CB  . LYS B 2 14  ? -8.304  -15.157 -11.763 1.00 34.28 ? 507 LYS B CB  1 
ATOM   1315 C CG  . LYS B 2 14  ? -6.783  -15.069 -11.570 1.00 38.38 ? 507 LYS B CG  1 
ATOM   1316 C CD  . LYS B 2 14  ? -5.990  -15.907 -12.586 1.00 39.81 ? 507 LYS B CD  1 
ATOM   1317 N N   . ARG B 2 15  ? -11.517 -13.601 -11.451 1.00 38.92 ? 508 ARG B N   1 
ATOM   1318 C CA  . ARG B 2 15  ? -12.778 -13.293 -12.115 1.00 40.29 ? 508 ARG B CA  1 
ATOM   1319 C C   . ARG B 2 15  ? -13.871 -13.105 -11.069 1.00 41.90 ? 508 ARG B C   1 
ATOM   1320 O O   . ARG B 2 15  ? -13.868 -13.768 -10.038 1.00 38.55 ? 508 ARG B O   1 
ATOM   1321 C CB  . ARG B 2 15  ? -13.169 -14.407 -13.118 1.00 42.31 ? 508 ARG B CB  1 
ATOM   1322 N N   . VAL B 2 16  ? -14.780 -12.164 -11.327 1.00 46.52 ? 509 VAL B N   1 
ATOM   1323 C CA  . VAL B 2 16  ? -16.058 -12.069 -10.586 1.00 50.78 ? 509 VAL B CA  1 
ATOM   1324 C C   . VAL B 2 16  ? -17.236 -11.956 -11.576 1.00 55.28 ? 509 VAL B C   1 
ATOM   1325 O O   . VAL B 2 16  ? -17.038 -11.557 -12.724 1.00 54.49 ? 509 VAL B O   1 
ATOM   1326 C CB  . VAL B 2 16  ? -16.075 -10.890 -9.583  1.00 50.29 ? 509 VAL B CB  1 
ATOM   1327 C CG1 . VAL B 2 16  ? -15.127 -11.177 -8.426  1.00 51.33 ? 509 VAL B CG1 1 
ATOM   1328 C CG2 . VAL B 2 16  ? -15.748 -9.558  -10.254 1.00 50.70 ? 509 VAL B CG2 1 
ATOM   1329 N N   . PRO B 2 17  ? -18.464 -12.304 -11.136 1.00 62.41 ? 510 PRO B N   1 
ATOM   1330 C CA  . PRO B 2 17  ? -19.615 -12.168 -12.049 1.00 65.89 ? 510 PRO B CA  1 
ATOM   1331 C CB  . PRO B 2 17  ? -20.745 -12.872 -11.296 1.00 64.63 ? 510 PRO B CB  1 
ATOM   1332 C CG  . PRO B 2 17  ? -20.381 -12.748 -9.855  1.00 64.19 ? 510 PRO B CG  1 
ATOM   1333 C CD  . PRO B 2 17  ? -18.875 -12.769 -9.794  1.00 64.43 ? 510 PRO B CD  1 
HETATM 1334 X UNK . UNX C 3 .   ? 14.145  -9.101  4.187   1.00 32.23 ? 401 UNX A UNK 1 
HETATM 1335 X UNK . UNX D 3 .   ? 1.457   -3.413  -5.277  1.00 18.60 ? 402 UNX A UNK 1 
HETATM 1336 X UNK . UNX E 3 .   ? -6.133  -17.664 -2.275  1.00 36.42 ? 601 UNX B UNK 1 
HETATM 1337 O O   . HOH F 4 .   ? 20.548  2.883   1.421   1.00 36.04 ? 501 HOH A O   1 
HETATM 1338 O O   . HOH F 4 .   ? 13.353  2.120   3.341   1.00 19.92 ? 502 HOH A O   1 
HETATM 1339 O O   . HOH F 4 .   ? 12.967  2.923   0.485   1.00 26.33 ? 503 HOH A O   1 
HETATM 1340 O O   . HOH F 4 .   ? 11.541  0.192   -7.957  1.00 26.95 ? 504 HOH A O   1 
HETATM 1341 O O   . HOH F 4 .   ? 10.068  1.695   -0.625  1.00 21.11 ? 505 HOH A O   1 
HETATM 1342 O O   . HOH F 4 .   ? -17.980 -2.187  3.203   1.00 21.23 ? 506 HOH A O   1 
HETATM 1343 O O   . HOH F 4 .   ? 4.331   3.471   -2.289  1.00 18.67 ? 507 HOH A O   1 
HETATM 1344 O O   . HOH F 4 .   ? -10.483 0.100   -10.174 1.00 20.70 ? 508 HOH A O   1 
HETATM 1345 O O   . HOH F 4 .   ? -7.663  -0.004  -9.499  1.00 22.54 ? 509 HOH A O   1 
HETATM 1346 O O   . HOH F 4 .   ? -6.845  -6.524  6.326   1.00 31.23 ? 510 HOH A O   1 
HETATM 1347 O O   . HOH F 4 .   ? -5.432  2.324   -6.889  1.00 20.52 ? 511 HOH A O   1 
HETATM 1348 O O   . HOH F 4 .   ? 16.289  5.699   -4.170  1.00 31.60 ? 512 HOH A O   1 
HETATM 1349 O O   . HOH F 4 .   ? -0.971  9.293   -8.462  1.00 36.54 ? 513 HOH A O   1 
HETATM 1350 O O   . HOH F 4 .   ? -6.498  -6.445  1.077   1.00 24.71 ? 514 HOH A O   1 
HETATM 1351 O O   . HOH F 4 .   ? -0.885  1.351   12.330  1.00 33.22 ? 515 HOH A O   1 
HETATM 1352 O O   . HOH F 4 .   ? 17.085  -6.224  -4.432  1.00 29.99 ? 516 HOH A O   1 
HETATM 1353 O O   . HOH F 4 .   ? -14.448 -0.150  -16.021 1.00 29.77 ? 517 HOH A O   1 
HETATM 1354 O O   . HOH F 4 .   ? -18.986 -0.123  7.595   1.00 31.47 ? 518 HOH A O   1 
HETATM 1355 O O   . HOH F 4 .   ? 7.241   1.411   -2.186  1.00 26.27 ? 519 HOH A O   1 
HETATM 1356 O O   . HOH F 4 .   ? -16.905 8.898   -1.879  1.00 27.87 ? 520 HOH A O   1 
HETATM 1357 O O   . HOH F 4 .   ? -21.242 -4.626  4.210   1.00 29.49 ? 521 HOH A O   1 
HETATM 1358 O O   . HOH F 4 .   ? -20.466 -2.418  4.758   1.00 30.26 ? 522 HOH A O   1 
HETATM 1359 O O   . HOH F 4 .   ? 12.468  6.484   -7.113  1.00 34.10 ? 523 HOH A O   1 
HETATM 1360 O O   . HOH F 4 .   ? 0.067   -6.447  9.397   1.00 36.69 ? 524 HOH A O   1 
HETATM 1361 O O   . HOH F 4 .   ? 7.284   -1.422  18.573  1.00 40.49 ? 525 HOH A O   1 
HETATM 1362 O O   . HOH F 4 .   ? 13.010  -1.677  -4.602  1.00 33.76 ? 526 HOH A O   1 
HETATM 1363 O O   . HOH F 4 .   ? 28.305  -5.367  4.585   1.00 27.19 ? 527 HOH A O   1 
HETATM 1364 O O   . HOH F 4 .   ? -5.583  -5.295  9.195   1.00 34.29 ? 528 HOH A O   1 
HETATM 1365 O O   . HOH F 4 .   ? 6.712   2.241   14.538  1.00 26.17 ? 529 HOH A O   1 
HETATM 1366 O O   . HOH F 4 .   ? 13.492  1.646   20.645  1.00 29.22 ? 530 HOH A O   1 
HETATM 1367 O O   . HOH F 4 .   ? 21.250  4.260   5.506   1.00 38.98 ? 531 HOH A O   1 
HETATM 1368 O O   . HOH F 4 .   ? 20.200  -5.612  7.426   1.00 37.77 ? 532 HOH A O   1 
HETATM 1369 O O   . HOH F 4 .   ? 19.672  -2.530  -2.455  1.00 39.09 ? 533 HOH A O   1 
HETATM 1370 O O   . HOH F 4 .   ? 12.200  10.344  2.030   1.00 35.44 ? 534 HOH A O   1 
HETATM 1371 O O   . HOH F 4 .   ? 3.056   3.664   -5.184  1.00 39.15 ? 535 HOH A O   1 
HETATM 1372 O O   . HOH F 4 .   ? -7.063  2.591   -9.401  1.00 33.97 ? 536 HOH A O   1 
HETATM 1373 O O   . HOH F 4 .   ? -10.243 9.622   -7.995  1.00 31.51 ? 537 HOH A O   1 
HETATM 1374 O O   . HOH F 4 .   ? -9.754  -5.349  -18.790 1.00 37.27 ? 538 HOH A O   1 
HETATM 1375 O O   . HOH F 4 .   ? -0.362  5.973   -10.731 0.50 13.25 ? 539 HOH A O   1 
HETATM 1376 O O   . HOH F 4 .   ? -25.311 6.181   -4.131  1.00 37.27 ? 540 HOH A O   1 
HETATM 1377 O O   . HOH F 4 .   ? -6.016  11.614  0.065   1.00 41.62 ? 541 HOH A O   1 
HETATM 1378 O O   . HOH F 4 .   ? -6.837  6.373   -15.026 1.00 35.15 ? 542 HOH A O   1 
HETATM 1379 O O   . HOH F 4 .   ? -16.119 -3.409  -15.690 1.00 43.22 ? 543 HOH A O   1 
HETATM 1380 O O   . HOH F 4 .   ? -1.629  3.119   10.184  1.00 33.90 ? 544 HOH A O   1 
HETATM 1381 O O   . HOH F 4 .   ? -24.084 1.907   -2.917  1.00 30.81 ? 545 HOH A O   1 
HETATM 1382 O O   . HOH F 4 .   ? 1.004   0.156   -13.624 1.00 36.45 ? 546 HOH A O   1 
HETATM 1383 O O   . HOH F 4 .   ? -20.868 -4.205  -10.504 1.00 40.86 ? 547 HOH A O   1 
HETATM 1384 O O   . HOH F 4 .   ? 2.057   13.128  5.883   1.00 38.45 ? 548 HOH A O   1 
HETATM 1385 O O   . HOH F 4 .   ? 11.339  9.370   -4.269  1.00 45.01 ? 549 HOH A O   1 
HETATM 1386 O O   . HOH F 4 .   ? 1.289   0.698   -6.006  1.00 31.14 ? 550 HOH A O   1 
HETATM 1387 O O   . HOH F 4 .   ? 28.008  -4.780  7.032   1.00 40.50 ? 551 HOH A O   1 
HETATM 1388 O O   . HOH G 4 .   ? -7.438  -15.508 -7.900  1.00 33.74 ? 701 HOH B O   1 
HETATM 1389 O O   . HOH G 4 .   ? -1.996  -9.865  -5.243  1.00 35.75 ? 702 HOH B O   1 
# 
loop_
_pdbx_poly_seq_scheme.asym_id 
_pdbx_poly_seq_scheme.entity_id 
_pdbx_poly_seq_scheme.seq_id 
_pdbx_poly_seq_scheme.mon_id 
_pdbx_poly_seq_scheme.ndb_seq_num 
_pdbx_poly_seq_scheme.pdb_seq_num 
_pdbx_poly_seq_scheme.auth_seq_num 
_pdbx_poly_seq_scheme.pdb_mon_id 
_pdbx_poly_seq_scheme.auth_mon_id 
_pdbx_poly_seq_scheme.pdb_strand_id 
_pdbx_poly_seq_scheme.pdb_ins_code 
_pdbx_poly_seq_scheme.hetero 
A 1 1   GLY 1   141 ?   ?   ?   A . n 
A 1 2   SER 2   142 ?   ?   ?   A . n 
A 1 3   THR 3   143 ?   ?   ?   A . n 
A 1 4   THR 4   144 ?   ?   ?   A . n 
A 1 5   PRO 5   145 ?   ?   ?   A . n 
A 1 6   LEU 6   146 ?   ?   ?   A . n 
A 1 7   LEU 7   147 ?   ?   ?   A . n 
A 1 8   ALA 8   148 148 ALA ALA A . n 
A 1 9   ASN 9   149 149 ASN ASN A . n 
A 1 10  SER 10  150 150 SER SER A . n 
A 1 11  LEU 11  151 151 LEU LEU A . n 
A 1 12  SER 12  152 152 SER SER A . n 
A 1 13  VAL 13  153 153 VAL VAL A . n 
A 1 14  HIS 14  154 154 HIS HIS A . n 
A 1 15  GLN 15  155 155 GLN GLN A . n 
A 1 16  LEU 16  156 156 LEU LEU A . n 
A 1 17  ALA 17  157 157 ALA ALA A . n 
A 1 18  ALA 18  158 158 ALA ALA A . n 
A 1 19  GLN 19  159 159 GLN GLN A . n 
A 1 20  GLY 20  160 160 GLY GLY A . n 
A 1 21  GLU 21  161 161 GLU GLU A . n 
A 1 22  MET 22  162 162 MET MET A . n 
A 1 23  LEU 23  163 163 LEU LEU A . n 
A 1 24  TYR 24  164 164 TYR TYR A . n 
A 1 25  LEU 25  165 165 LEU LEU A . n 
A 1 26  ALA 26  166 166 ALA ALA A . n 
A 1 27  THR 27  167 167 THR THR A . n 
A 1 28  ARG 28  168 168 ARG ARG A . n 
A 1 29  ILE 29  169 169 ILE ILE A . n 
A 1 30  GLU 30  170 170 GLU GLU A . n 
A 1 31  GLN 31  171 171 GLN GLN A . n 
A 1 32  GLU 32  172 172 GLU GLU A . n 
A 1 33  ASN 33  173 173 ASN ASN A . n 
A 1 34  VAL 34  174 174 VAL VAL A . n 
A 1 35  ILE 35  175 175 ILE ILE A . n 
A 1 36  ASN 36  176 176 ASN ASN A . n 
A 1 37  HIS 37  177 177 HIS HIS A . n 
A 1 38  THR 38  178 178 THR THR A . n 
A 1 39  ASP 39  179 179 ASP ASP A . n 
A 1 40  GLU 40  180 180 GLU GLU A . n 
A 1 41  GLU 41  181 181 GLU GLU A . n 
A 1 42  GLY 42  182 182 GLY GLY A . n 
A 1 43  PHE 43  183 183 PHE PHE A . n 
A 1 44  THR 44  184 184 THR THR A . n 
A 1 45  PRO 45  185 185 PRO PRO A . n 
A 1 46  LEU 46  186 186 LEU LEU A . n 
A 1 47  MET 47  187 187 MET MET A . n 
A 1 48  TRP 48  188 188 TRP TRP A . n 
A 1 49  ALA 49  189 189 ALA ALA A . n 
A 1 50  ALA 50  190 190 ALA ALA A . n 
A 1 51  ALA 51  191 191 ALA ALA A . n 
A 1 52  HIS 52  192 192 HIS HIS A . n 
A 1 53  GLY 53  193 193 GLY GLY A . n 
A 1 54  GLN 54  194 194 GLN GLN A . n 
A 1 55  ILE 55  195 195 ILE ILE A . n 
A 1 56  ALA 56  196 196 ALA ALA A . n 
A 1 57  VAL 57  197 197 VAL VAL A . n 
A 1 58  VAL 58  198 198 VAL VAL A . n 
A 1 59  GLU 59  199 199 GLU GLU A . n 
A 1 60  PHE 60  200 200 PHE PHE A . n 
A 1 61  LEU 61  201 201 LEU LEU A . n 
A 1 62  LEU 62  202 202 LEU LEU A . n 
A 1 63  GLN 63  203 203 GLN GLN A . n 
A 1 64  ASN 64  204 204 ASN ASN A . n 
A 1 65  GLY 65  205 205 GLY GLY A . n 
A 1 66  ALA 66  206 206 ALA ALA A . n 
A 1 67  ASP 67  207 207 ASP ASP A . n 
A 1 68  PRO 68  208 208 PRO PRO A . n 
A 1 69  GLN 69  209 209 GLN GLN A . n 
A 1 70  LEU 70  210 210 LEU LEU A . n 
A 1 71  LEU 71  211 211 LEU LEU A . n 
A 1 72  GLY 72  212 212 GLY GLY A . n 
A 1 73  LYS 73  213 213 LYS LYS A . n 
A 1 74  GLY 74  214 214 GLY GLY A . n 
A 1 75  ARG 75  215 215 ARG ARG A . n 
A 1 76  GLU 76  216 216 GLU GLU A . n 
A 1 77  SER 77  217 217 SER SER A . n 
A 1 78  ALA 78  218 218 ALA ALA A . n 
A 1 79  LEU 79  219 219 LEU LEU A . n 
A 1 80  SER 80  220 220 SER SER A . n 
A 1 81  LEU 81  221 221 LEU LEU A . n 
A 1 82  ALA 82  222 222 ALA ALA A . n 
A 1 83  CYS 83  223 223 CYS CYS A . n 
A 1 84  SER 84  224 224 SER SER A . n 
A 1 85  LYS 85  225 225 LYS LYS A . n 
A 1 86  GLY 86  226 226 GLY GLY A . n 
A 1 87  TYR 87  227 227 TYR TYR A . n 
A 1 88  THR 88  228 228 THR THR A . n 
A 1 89  ASP 89  229 229 ASP ASP A . n 
A 1 90  ILE 90  230 230 ILE ILE A . n 
A 1 91  VAL 91  231 231 VAL VAL A . n 
A 1 92  LYS 92  232 232 LYS LYS A . n 
A 1 93  MET 93  233 233 MET MET A . n 
A 1 94  LEU 94  234 234 LEU LEU A . n 
A 1 95  LEU 95  235 235 LEU LEU A . n 
A 1 96  ASP 96  236 236 ASP ASP A . n 
A 1 97  CYS 97  237 237 CYS CYS A . n 
A 1 98  GLY 98  238 238 GLY GLY A . n 
A 1 99  VAL 99  239 239 VAL VAL A . n 
A 1 100 ASP 100 240 240 ASP ASP A . n 
A 1 101 VAL 101 241 241 VAL VAL A . n 
A 1 102 ASN 102 242 242 ASN ASN A . n 
A 1 103 GLU 103 243 243 GLU GLU A . n 
A 1 104 TYR 104 244 244 TYR TYR A . n 
A 1 105 ASP 105 245 245 ASP ASP A . n 
A 1 106 TRP 106 246 246 TRP TRP A . n 
A 1 107 ASN 107 247 247 ASN ASN A . n 
A 1 108 GLY 108 248 248 GLY GLY A . n 
A 1 109 GLY 109 249 249 GLY GLY A . n 
A 1 110 THR 110 250 250 THR THR A . n 
A 1 111 PRO 111 251 251 PRO PRO A . n 
A 1 112 LEU 112 252 252 LEU LEU A . n 
A 1 113 LEU 113 253 253 LEU LEU A . n 
A 1 114 TYR 114 254 254 TYR TYR A . n 
A 1 115 ALA 115 255 255 ALA ALA A . n 
A 1 116 VAL 116 256 256 VAL VAL A . n 
A 1 117 HIS 117 257 257 HIS HIS A . n 
A 1 118 GLY 118 258 258 GLY GLY A . n 
A 1 119 ASN 119 259 259 ASN ASN A . n 
A 1 120 HIS 120 260 260 HIS HIS A . n 
A 1 121 VAL 121 261 261 VAL VAL A . n 
A 1 122 LYS 122 262 262 LYS LYS A . n 
A 1 123 CYS 123 263 263 CYS CYS A . n 
A 1 124 VAL 124 264 264 VAL VAL A . n 
A 1 125 LYS 125 265 265 LYS LYS A . n 
A 1 126 MET 126 266 266 MET MET A . n 
A 1 127 LEU 127 267 267 LEU LEU A . n 
A 1 128 LEU 128 268 268 LEU LEU A . n 
A 1 129 GLU 129 269 269 GLU GLU A . n 
A 1 130 SER 130 270 270 SER SER A . n 
A 1 131 GLY 131 271 271 GLY GLY A . n 
A 1 132 ALA 132 272 272 ALA ALA A . n 
A 1 133 ASP 133 273 273 ASP ASP A . n 
A 1 134 PRO 134 274 274 PRO PRO A . n 
A 1 135 THR 135 275 275 THR THR A . n 
A 1 136 ILE 136 276 276 ILE ILE A . n 
A 1 137 GLU 137 277 277 GLU GLU A . n 
A 1 138 THR 138 278 278 THR THR A . n 
A 1 139 ASP 139 279 279 ASP ASP A . n 
A 1 140 SER 140 280 280 SER SER A . n 
A 1 141 GLY 141 281 281 GLY GLY A . n 
A 1 142 TYR 142 282 282 TYR TYR A . n 
A 1 143 ASN 143 283 283 ASN ASN A . n 
A 1 144 SER 144 284 284 SER SER A . n 
A 1 145 MET 145 285 285 MET MET A . n 
A 1 146 ASP 146 286 286 ASP ASP A . n 
A 1 147 LEU 147 287 287 LEU LEU A . n 
A 1 148 ALA 148 288 288 ALA ALA A . n 
A 1 149 VAL 149 289 289 VAL VAL A . n 
A 1 150 ALA 150 290 290 ALA ALA A . n 
A 1 151 LEU 151 291 291 LEU LEU A . n 
A 1 152 GLY 152 292 292 GLY GLY A . n 
A 1 153 TYR 153 293 293 TYR TYR A . n 
A 1 154 ARG 154 294 294 ARG ARG A . n 
A 1 155 SER 155 295 295 SER SER A . n 
A 1 156 VAL 156 296 296 VAL VAL A . n 
A 1 157 GLN 157 297 297 GLN GLN A . n 
A 1 158 GLN 158 298 298 GLN GLN A . n 
A 1 159 VAL 159 299 299 VAL VAL A . n 
A 1 160 ILE 160 300 300 ILE ILE A . n 
A 1 161 GLU 161 301 301 GLU GLU A . n 
A 1 162 SER 162 302 302 SER SER A . n 
A 1 163 HIS 163 303 303 HIS HIS A . n 
A 1 164 LEU 164 304 304 LEU LEU A . n 
A 1 165 LEU 165 305 305 LEU LEU A . n 
A 1 166 LYS 166 306 306 LYS LYS A . n 
A 1 167 LEU 167 307 307 LEU LEU A . n 
A 1 168 LEU 168 308 308 LEU LEU A . n 
A 1 169 GLN 169 309 309 GLN GLN A . n 
A 1 170 ASN 170 310 310 ASN ASN A . n 
A 1 171 ILE 171 311 ?   ?   ?   A . n 
A 1 172 LYS 172 312 ?   ?   ?   A . n 
A 1 173 GLU 173 313 ?   ?   ?   A . n 
B 2 1   ARG 1   494 ?   ?   ?   B . n 
B 2 2   ALA 2   495 ?   ?   ?   B . n 
B 2 3   PHE 3   496 ?   ?   ?   B . n 
B 2 4   TRP 4   497 ?   ?   ?   B . n 
B 2 5   HIS 5   498 498 HIS HIS B . n 
B 2 6   THR 6   499 499 THR THR B . n 
B 2 7   PRO 7   500 500 PRO PRO B . n 
B 2 8   ARG 8   501 501 ARG ARG B . n 
B 2 9   LEU 9   502 502 LEU LEU B . n 
B 2 10  PRO 10  503 503 PRO PRO B . n 
B 2 11  THR 11  504 504 THR THR B . n 
B 2 12  LEU 12  505 505 LEU LEU B . n 
B 2 13  PRO 13  506 506 PRO PRO B . n 
B 2 14  LYS 14  507 507 LYS LYS B . n 
B 2 15  ARG 15  508 508 ARG ARG B . n 
B 2 16  VAL 16  509 509 VAL VAL B . n 
B 2 17  PRO 17  510 510 PRO PRO B . n 
# 
_pdbx_SG_project.id                    1 
_pdbx_SG_project.project_name          ? 
_pdbx_SG_project.full_name_of_center   'Structural Genomics Consortium' 
_pdbx_SG_project.initial_of_center     SGC 
# 
loop_
_pdbx_nonpoly_scheme.asym_id 
_pdbx_nonpoly_scheme.entity_id 
_pdbx_nonpoly_scheme.mon_id 
_pdbx_nonpoly_scheme.ndb_seq_num 
_pdbx_nonpoly_scheme.pdb_seq_num 
_pdbx_nonpoly_scheme.auth_seq_num 
_pdbx_nonpoly_scheme.pdb_mon_id 
_pdbx_nonpoly_scheme.auth_mon_id 
_pdbx_nonpoly_scheme.pdb_strand_id 
_pdbx_nonpoly_scheme.pdb_ins_code 
C 3 UNX 1  401 1  UNX UNX A . 
D 3 UNX 1  402 2  UNX UNX A . 
E 3 UNX 1  601 1  UNX UNX B . 
F 4 HOH 1  501 1  HOH HOH A . 
F 4 HOH 2  502 2  HOH HOH A . 
F 4 HOH 3  503 3  HOH HOH A . 
F 4 HOH 4  504 4  HOH HOH A . 
F 4 HOH 5  505 5  HOH HOH A . 
F 4 HOH 6  506 6  HOH HOH A . 
F 4 HOH 7  507 7  HOH HOH A . 
F 4 HOH 8  508 8  HOH HOH A . 
F 4 HOH 9  509 10 HOH HOH A . 
F 4 HOH 10 510 11 HOH HOH A . 
F 4 HOH 11 511 12 HOH HOH A . 
F 4 HOH 12 512 16 HOH HOH A . 
F 4 HOH 13 513 17 HOH HOH A . 
F 4 HOH 14 514 18 HOH HOH A . 
F 4 HOH 15 515 19 HOH HOH A . 
F 4 HOH 16 516 20 HOH HOH A . 
F 4 HOH 17 517 22 HOH HOH A . 
F 4 HOH 18 518 24 HOH HOH A . 
F 4 HOH 19 519 25 HOH HOH A . 
F 4 HOH 20 520 26 HOH HOH A . 
F 4 HOH 21 521 27 HOH HOH A . 
F 4 HOH 22 522 28 HOH HOH A . 
F 4 HOH 23 523 29 HOH HOH A . 
F 4 HOH 24 524 30 HOH HOH A . 
F 4 HOH 25 525 31 HOH HOH A . 
F 4 HOH 26 526 32 HOH HOH A . 
F 4 HOH 27 527 33 HOH HOH A . 
F 4 HOH 28 528 34 HOH HOH A . 
F 4 HOH 29 529 36 HOH HOH A . 
F 4 HOH 30 530 37 HOH HOH A . 
F 4 HOH 31 531 38 HOH HOH A . 
F 4 HOH 32 532 39 HOH HOH A . 
F 4 HOH 33 533 40 HOH HOH A . 
F 4 HOH 34 534 41 HOH HOH A . 
F 4 HOH 35 535 42 HOH HOH A . 
F 4 HOH 36 536 46 HOH HOH A . 
F 4 HOH 37 537 47 HOH HOH A . 
F 4 HOH 38 538 48 HOH HOH A . 
F 4 HOH 39 539 49 HOH HOH A . 
F 4 HOH 40 540 50 HOH HOH A . 
F 4 HOH 41 541 51 HOH HOH A . 
F 4 HOH 42 542 52 HOH HOH A . 
F 4 HOH 43 543 53 HOH HOH A . 
F 4 HOH 44 544 54 HOH HOH A . 
F 4 HOH 45 545 56 HOH HOH A . 
F 4 HOH 46 546 57 HOH HOH A . 
F 4 HOH 47 547 58 HOH HOH A . 
F 4 HOH 48 548 59 HOH HOH A . 
F 4 HOH 49 549 60 HOH HOH A . 
F 4 HOH 50 550 61 HOH HOH A . 
F 4 HOH 51 551 62 HOH HOH A . 
G 4 HOH 1  701 21 HOH HOH B . 
G 4 HOH 2  702 23 HOH HOH B . 
# 
_pdbx_struct_assembly.id                   1 
_pdbx_struct_assembly.details              author_and_software_defined_assembly 
_pdbx_struct_assembly.method_details       PISA 
_pdbx_struct_assembly.oligomeric_details   dimeric 
_pdbx_struct_assembly.oligomeric_count     2 
# 
_pdbx_struct_assembly_gen.assembly_id       1 
_pdbx_struct_assembly_gen.oper_expression   1 
_pdbx_struct_assembly_gen.asym_id_list      A,B,C,D,E,F,G 
# 
loop_
_pdbx_struct_assembly_prop.biol_id 
_pdbx_struct_assembly_prop.type 
_pdbx_struct_assembly_prop.value 
_pdbx_struct_assembly_prop.details 
1 'ABSA (A^2)' 1320 ? 
1 MORE         -14  ? 
1 'SSA (A^2)'  8890 ? 
# 
_pdbx_struct_oper_list.id                   1 
_pdbx_struct_oper_list.type                 'identity operation' 
_pdbx_struct_oper_list.name                 1_555 
_pdbx_struct_oper_list.symmetry_operation   x,y,z 
_pdbx_struct_oper_list.matrix[1][1]         1.0000000000 
_pdbx_struct_oper_list.matrix[1][2]         0.0000000000 
_pdbx_struct_oper_list.matrix[1][3]         0.0000000000 
_pdbx_struct_oper_list.vector[1]            0.0000000000 
_pdbx_struct_oper_list.matrix[2][1]         0.0000000000 
_pdbx_struct_oper_list.matrix[2][2]         1.0000000000 
_pdbx_struct_oper_list.matrix[2][3]         0.0000000000 
_pdbx_struct_oper_list.vector[2]            0.0000000000 
_pdbx_struct_oper_list.matrix[3][1]         0.0000000000 
_pdbx_struct_oper_list.matrix[3][2]         0.0000000000 
_pdbx_struct_oper_list.matrix[3][3]         1.0000000000 
_pdbx_struct_oper_list.vector[3]            0.0000000000 
# 
loop_
_pdbx_audit_revision_history.ordinal 
_pdbx_audit_revision_history.data_content_type 
_pdbx_audit_revision_history.major_revision 
_pdbx_audit_revision_history.minor_revision 
_pdbx_audit_revision_history.revision_date 
1 'Structure model' 1 0 2013-09-25 
2 'Structure model' 1 1 2015-03-18 
3 'Structure model' 1 2 2015-04-29 
4 'Structure model' 1 3 2023-09-20 
# 
_pdbx_audit_revision_details.ordinal             1 
_pdbx_audit_revision_details.revision_ordinal    1 
_pdbx_audit_revision_details.data_content_type   'Structure model' 
_pdbx_audit_revision_details.provider            repository 
_pdbx_audit_revision_details.type                'Initial release' 
_pdbx_audit_revision_details.description         ? 
_pdbx_audit_revision_details.details             ? 
# 
loop_
_pdbx_audit_revision_group.ordinal 
_pdbx_audit_revision_group.revision_ordinal 
_pdbx_audit_revision_group.data_content_type 
_pdbx_audit_revision_group.group 
1 2 'Structure model' 'Database references'    
2 3 'Structure model' 'Database references'    
3 4 'Structure model' 'Data collection'        
4 4 'Structure model' 'Database references'    
5 4 'Structure model' 'Refinement description' 
# 
loop_
_pdbx_audit_revision_category.ordinal 
_pdbx_audit_revision_category.revision_ordinal 
_pdbx_audit_revision_category.data_content_type 
_pdbx_audit_revision_category.category 
1 4 'Structure model' chem_comp_atom                
2 4 'Structure model' chem_comp_bond                
3 4 'Structure model' database_2                    
4 4 'Structure model' diffrn_source                 
5 4 'Structure model' pdbx_initial_refinement_model 
6 4 'Structure model' struct_ref_seq_dif            
# 
loop_
_pdbx_audit_revision_item.ordinal 
_pdbx_audit_revision_item.revision_ordinal 
_pdbx_audit_revision_item.data_content_type 
_pdbx_audit_revision_item.item 
1 4 'Structure model' '_database_2.pdbx_DOI'                
2 4 'Structure model' '_database_2.pdbx_database_accession' 
3 4 'Structure model' '_diffrn_source.type'                 
4 4 'Structure model' '_struct_ref_seq_dif.details'         
# 
_phasing.method   MR 
# 
loop_
_software.pdbx_ordinal 
_software.name 
_software.version 
_software.date 
_software.type 
_software.contact_author 
_software.contact_author_email 
_software.classification 
_software.location 
_software.language 
_software.citation_id 
1 SCALA       3.3.20   2011/05/18       other   'Phil R. Evans'      pre@mrc-lmb.cam.ac.uk       'data scaling'    
http://www.ccp4.ac.uk/dist/html/scala.html   Fortran_77 ? 
2 PHASER      .        ?                program 'Randy J. Read'      cimr-phaser@lists.cam.ac.uk phasing           
http://www-structmed.cimr.cam.ac.uk/phaser/  ?          ? 
3 REFMAC      5.7.0032 ?                program 'Garib N. Murshudov' garib@ysbl.york.ac.uk       refinement        
http://www.ccp4.ac.uk/dist/html/refmac5.html Fortran_77 ? 
4 PDB_EXTRACT 3.11     'August 3, 2011' package PDB                  deposit@deposit.rcsb.org    'data extraction' 
http://sw-tools.pdb.org/apps/PDB_EXTRACT/    C++        ? 
5 XDS         .        ?                ?       ?                    ?                           'data reduction'  ? ?          ? 
# 
loop_
_pdbx_validate_torsion.id 
_pdbx_validate_torsion.PDB_model_num 
_pdbx_validate_torsion.auth_comp_id 
_pdbx_validate_torsion.auth_asym_id 
_pdbx_validate_torsion.auth_seq_id 
_pdbx_validate_torsion.PDB_ins_code 
_pdbx_validate_torsion.label_alt_id 
_pdbx_validate_torsion.phi 
_pdbx_validate_torsion.psi 
1 1 ASP A 179 ? ? -79.22  -169.91 
2 1 ARG B 508 ? ? -172.81 143.46  
# 
loop_
_pdbx_unobs_or_zero_occ_atoms.id 
_pdbx_unobs_or_zero_occ_atoms.PDB_model_num 
_pdbx_unobs_or_zero_occ_atoms.polymer_flag 
_pdbx_unobs_or_zero_occ_atoms.occupancy_flag 
_pdbx_unobs_or_zero_occ_atoms.auth_asym_id 
_pdbx_unobs_or_zero_occ_atoms.auth_comp_id 
_pdbx_unobs_or_zero_occ_atoms.auth_seq_id 
_pdbx_unobs_or_zero_occ_atoms.PDB_ins_code 
_pdbx_unobs_or_zero_occ_atoms.auth_atom_id 
_pdbx_unobs_or_zero_occ_atoms.label_alt_id 
_pdbx_unobs_or_zero_occ_atoms.label_asym_id 
_pdbx_unobs_or_zero_occ_atoms.label_comp_id 
_pdbx_unobs_or_zero_occ_atoms.label_seq_id 
_pdbx_unobs_or_zero_occ_atoms.label_atom_id 
1  1 Y 1 A GLN 159 ? CD  ? A GLN 19  CD  
2  1 Y 1 A GLN 159 ? OE1 ? A GLN 19  OE1 
3  1 Y 1 A GLN 159 ? NE2 ? A GLN 19  NE2 
4  1 Y 1 A GLU 170 ? CG  ? A GLU 30  CG  
5  1 Y 1 A GLU 170 ? CD  ? A GLU 30  CD  
6  1 Y 1 A GLU 170 ? OE1 ? A GLU 30  OE1 
7  1 Y 1 A GLU 170 ? OE2 ? A GLU 30  OE2 
8  1 Y 1 A GLN 171 ? CD  ? A GLN 31  CD  
9  1 Y 1 A GLN 171 ? OE1 ? A GLN 31  OE1 
10 1 Y 1 A GLN 171 ? NE2 ? A GLN 31  NE2 
11 1 Y 1 A GLU 180 ? CG  ? A GLU 40  CG  
12 1 Y 1 A GLU 180 ? CD  ? A GLU 40  CD  
13 1 Y 1 A GLU 180 ? OE1 ? A GLU 40  OE1 
14 1 Y 1 A GLU 180 ? OE2 ? A GLU 40  OE2 
15 1 Y 1 A ARG 215 ? NE  ? A ARG 75  NE  
16 1 Y 1 A ARG 215 ? CZ  ? A ARG 75  CZ  
17 1 Y 1 A ARG 215 ? NH1 ? A ARG 75  NH1 
18 1 Y 1 A ARG 215 ? NH2 ? A ARG 75  NH2 
19 1 Y 1 A LYS 232 ? NZ  ? A LYS 92  NZ  
20 1 Y 1 A LYS 262 ? CE  ? A LYS 122 CE  
21 1 Y 1 A LYS 262 ? NZ  ? A LYS 122 NZ  
22 1 Y 1 A LYS 265 ? CE  ? A LYS 125 CE  
23 1 Y 1 A LYS 265 ? NZ  ? A LYS 125 NZ  
24 1 Y 1 A LEU 305 ? CD1 ? A LEU 165 CD1 
25 1 Y 1 A LEU 305 ? CD2 ? A LEU 165 CD2 
26 1 Y 1 A LYS 306 ? NZ  ? A LYS 166 NZ  
27 1 Y 1 A ASN 310 ? CG  ? A ASN 170 CG  
28 1 Y 1 A ASN 310 ? OD1 ? A ASN 170 OD1 
29 1 Y 1 A ASN 310 ? ND2 ? A ASN 170 ND2 
30 1 Y 1 B HIS 498 ? CG  ? B HIS 5   CG  
31 1 Y 1 B HIS 498 ? ND1 ? B HIS 5   ND1 
32 1 Y 1 B HIS 498 ? CD2 ? B HIS 5   CD2 
33 1 Y 1 B HIS 498 ? CE1 ? B HIS 5   CE1 
34 1 Y 1 B HIS 498 ? NE2 ? B HIS 5   NE2 
35 1 Y 1 B ARG 501 ? NE  ? B ARG 8   NE  
36 1 Y 1 B ARG 501 ? CZ  ? B ARG 8   CZ  
37 1 Y 1 B ARG 501 ? NH1 ? B ARG 8   NH1 
38 1 Y 1 B ARG 501 ? NH2 ? B ARG 8   NH2 
39 1 Y 1 B LYS 507 ? CE  ? B LYS 14  CE  
40 1 Y 1 B LYS 507 ? NZ  ? B LYS 14  NZ  
41 1 Y 1 B ARG 508 ? CG  ? B ARG 15  CG  
42 1 Y 1 B ARG 508 ? CD  ? B ARG 15  CD  
43 1 Y 1 B ARG 508 ? NE  ? B ARG 15  NE  
44 1 Y 1 B ARG 508 ? CZ  ? B ARG 15  CZ  
45 1 Y 1 B ARG 508 ? NH1 ? B ARG 15  NH1 
46 1 Y 1 B ARG 508 ? NH2 ? B ARG 15  NH2 
47 1 Y 1 B PRO 510 ? C   ? B PRO 17  C   
48 1 Y 1 B PRO 510 ? O   ? B PRO 17  O   
# 
loop_
_pdbx_unobs_or_zero_occ_residues.id 
_pdbx_unobs_or_zero_occ_residues.PDB_model_num 
_pdbx_unobs_or_zero_occ_residues.polymer_flag 
_pdbx_unobs_or_zero_occ_residues.occupancy_flag 
_pdbx_unobs_or_zero_occ_residues.auth_asym_id 
_pdbx_unobs_or_zero_occ_residues.auth_comp_id 
_pdbx_unobs_or_zero_occ_residues.auth_seq_id 
_pdbx_unobs_or_zero_occ_residues.PDB_ins_code 
_pdbx_unobs_or_zero_occ_residues.label_asym_id 
_pdbx_unobs_or_zero_occ_residues.label_comp_id 
_pdbx_unobs_or_zero_occ_residues.label_seq_id 
1  1 Y 1 A GLY 141 ? A GLY 1   
2  1 Y 1 A SER 142 ? A SER 2   
3  1 Y 1 A THR 143 ? A THR 3   
4  1 Y 1 A THR 144 ? A THR 4   
5  1 Y 1 A PRO 145 ? A PRO 5   
6  1 Y 1 A LEU 146 ? A LEU 6   
7  1 Y 1 A LEU 147 ? A LEU 7   
8  1 Y 1 A ILE 311 ? A ILE 171 
9  1 Y 1 A LYS 312 ? A LYS 172 
10 1 Y 1 A GLU 313 ? A GLU 173 
11 1 Y 1 B ARG 494 ? B ARG 1   
12 1 Y 1 B ALA 495 ? B ALA 2   
13 1 Y 1 B PHE 496 ? B PHE 3   
14 1 Y 1 B TRP 497 ? B TRP 4   
# 
loop_
_chem_comp_atom.comp_id 
_chem_comp_atom.atom_id 
_chem_comp_atom.type_symbol 
_chem_comp_atom.pdbx_aromatic_flag 
_chem_comp_atom.pdbx_stereo_config 
_chem_comp_atom.pdbx_ordinal 
ALA N    N N N 1   
ALA CA   C N S 2   
ALA C    C N N 3   
ALA O    O N N 4   
ALA CB   C N N 5   
ALA OXT  O N N 6   
ALA H    H N N 7   
ALA H2   H N N 8   
ALA HA   H N N 9   
ALA HB1  H N N 10  
ALA HB2  H N N 11  
ALA HB3  H N N 12  
ALA HXT  H N N 13  
ARG N    N N N 14  
ARG CA   C N S 15  
ARG C    C N N 16  
ARG O    O N N 17  
ARG CB   C N N 18  
ARG CG   C N N 19  
ARG CD   C N N 20  
ARG NE   N N N 21  
ARG CZ   C N N 22  
ARG NH1  N N N 23  
ARG NH2  N N N 24  
ARG OXT  O N N 25  
ARG H    H N N 26  
ARG H2   H N N 27  
ARG HA   H N N 28  
ARG HB2  H N N 29  
ARG HB3  H N N 30  
ARG HG2  H N N 31  
ARG HG3  H N N 32  
ARG HD2  H N N 33  
ARG HD3  H N N 34  
ARG HE   H N N 35  
ARG HH11 H N N 36  
ARG HH12 H N N 37  
ARG HH21 H N N 38  
ARG HH22 H N N 39  
ARG HXT  H N N 40  
ASN N    N N N 41  
ASN CA   C N S 42  
ASN C    C N N 43  
ASN O    O N N 44  
ASN CB   C N N 45  
ASN CG   C N N 46  
ASN OD1  O N N 47  
ASN ND2  N N N 48  
ASN OXT  O N N 49  
ASN H    H N N 50  
ASN H2   H N N 51  
ASN HA   H N N 52  
ASN HB2  H N N 53  
ASN HB3  H N N 54  
ASN HD21 H N N 55  
ASN HD22 H N N 56  
ASN HXT  H N N 57  
ASP N    N N N 58  
ASP CA   C N S 59  
ASP C    C N N 60  
ASP O    O N N 61  
ASP CB   C N N 62  
ASP CG   C N N 63  
ASP OD1  O N N 64  
ASP OD2  O N N 65  
ASP OXT  O N N 66  
ASP H    H N N 67  
ASP H2   H N N 68  
ASP HA   H N N 69  
ASP HB2  H N N 70  
ASP HB3  H N N 71  
ASP HD2  H N N 72  
ASP HXT  H N N 73  
CYS N    N N N 74  
CYS CA   C N R 75  
CYS C    C N N 76  
CYS O    O N N 77  
CYS CB   C N N 78  
CYS SG   S N N 79  
CYS OXT  O N N 80  
CYS H    H N N 81  
CYS H2   H N N 82  
CYS HA   H N N 83  
CYS HB2  H N N 84  
CYS HB3  H N N 85  
CYS HG   H N N 86  
CYS HXT  H N N 87  
GLN N    N N N 88  
GLN CA   C N S 89  
GLN C    C N N 90  
GLN O    O N N 91  
GLN CB   C N N 92  
GLN CG   C N N 93  
GLN CD   C N N 94  
GLN OE1  O N N 95  
GLN NE2  N N N 96  
GLN OXT  O N N 97  
GLN H    H N N 98  
GLN H2   H N N 99  
GLN HA   H N N 100 
GLN HB2  H N N 101 
GLN HB3  H N N 102 
GLN HG2  H N N 103 
GLN HG3  H N N 104 
GLN HE21 H N N 105 
GLN HE22 H N N 106 
GLN HXT  H N N 107 
GLU N    N N N 108 
GLU CA   C N S 109 
GLU C    C N N 110 
GLU O    O N N 111 
GLU CB   C N N 112 
GLU CG   C N N 113 
GLU CD   C N N 114 
GLU OE1  O N N 115 
GLU OE2  O N N 116 
GLU OXT  O N N 117 
GLU H    H N N 118 
GLU H2   H N N 119 
GLU HA   H N N 120 
GLU HB2  H N N 121 
GLU HB3  H N N 122 
GLU HG2  H N N 123 
GLU HG3  H N N 124 
GLU HE2  H N N 125 
GLU HXT  H N N 126 
GLY N    N N N 127 
GLY CA   C N N 128 
GLY C    C N N 129 
GLY O    O N N 130 
GLY OXT  O N N 131 
GLY H    H N N 132 
GLY H2   H N N 133 
GLY HA2  H N N 134 
GLY HA3  H N N 135 
GLY HXT  H N N 136 
HIS N    N N N 137 
HIS CA   C N S 138 
HIS C    C N N 139 
HIS O    O N N 140 
HIS CB   C N N 141 
HIS CG   C Y N 142 
HIS ND1  N Y N 143 
HIS CD2  C Y N 144 
HIS CE1  C Y N 145 
HIS NE2  N Y N 146 
HIS OXT  O N N 147 
HIS H    H N N 148 
HIS H2   H N N 149 
HIS HA   H N N 150 
HIS HB2  H N N 151 
HIS HB3  H N N 152 
HIS HD1  H N N 153 
HIS HD2  H N N 154 
HIS HE1  H N N 155 
HIS HE2  H N N 156 
HIS HXT  H N N 157 
HOH O    O N N 158 
HOH H1   H N N 159 
HOH H2   H N N 160 
ILE N    N N N 161 
ILE CA   C N S 162 
ILE C    C N N 163 
ILE O    O N N 164 
ILE CB   C N S 165 
ILE CG1  C N N 166 
ILE CG2  C N N 167 
ILE CD1  C N N 168 
ILE OXT  O N N 169 
ILE H    H N N 170 
ILE H2   H N N 171 
ILE HA   H N N 172 
ILE HB   H N N 173 
ILE HG12 H N N 174 
ILE HG13 H N N 175 
ILE HG21 H N N 176 
ILE HG22 H N N 177 
ILE HG23 H N N 178 
ILE HD11 H N N 179 
ILE HD12 H N N 180 
ILE HD13 H N N 181 
ILE HXT  H N N 182 
LEU N    N N N 183 
LEU CA   C N S 184 
LEU C    C N N 185 
LEU O    O N N 186 
LEU CB   C N N 187 
LEU CG   C N N 188 
LEU CD1  C N N 189 
LEU CD2  C N N 190 
LEU OXT  O N N 191 
LEU H    H N N 192 
LEU H2   H N N 193 
LEU HA   H N N 194 
LEU HB2  H N N 195 
LEU HB3  H N N 196 
LEU HG   H N N 197 
LEU HD11 H N N 198 
LEU HD12 H N N 199 
LEU HD13 H N N 200 
LEU HD21 H N N 201 
LEU HD22 H N N 202 
LEU HD23 H N N 203 
LEU HXT  H N N 204 
LYS N    N N N 205 
LYS CA   C N S 206 
LYS C    C N N 207 
LYS O    O N N 208 
LYS CB   C N N 209 
LYS CG   C N N 210 
LYS CD   C N N 211 
LYS CE   C N N 212 
LYS NZ   N N N 213 
LYS OXT  O N N 214 
LYS H    H N N 215 
LYS H2   H N N 216 
LYS HA   H N N 217 
LYS HB2  H N N 218 
LYS HB3  H N N 219 
LYS HG2  H N N 220 
LYS HG3  H N N 221 
LYS HD2  H N N 222 
LYS HD3  H N N 223 
LYS HE2  H N N 224 
LYS HE3  H N N 225 
LYS HZ1  H N N 226 
LYS HZ2  H N N 227 
LYS HZ3  H N N 228 
LYS HXT  H N N 229 
MET N    N N N 230 
MET CA   C N S 231 
MET C    C N N 232 
MET O    O N N 233 
MET CB   C N N 234 
MET CG   C N N 235 
MET SD   S N N 236 
MET CE   C N N 237 
MET OXT  O N N 238 
MET H    H N N 239 
MET H2   H N N 240 
MET HA   H N N 241 
MET HB2  H N N 242 
MET HB3  H N N 243 
MET HG2  H N N 244 
MET HG3  H N N 245 
MET HE1  H N N 246 
MET HE2  H N N 247 
MET HE3  H N N 248 
MET HXT  H N N 249 
PHE N    N N N 250 
PHE CA   C N S 251 
PHE C    C N N 252 
PHE O    O N N 253 
PHE CB   C N N 254 
PHE CG   C Y N 255 
PHE CD1  C Y N 256 
PHE CD2  C Y N 257 
PHE CE1  C Y N 258 
PHE CE2  C Y N 259 
PHE CZ   C Y N 260 
PHE OXT  O N N 261 
PHE H    H N N 262 
PHE H2   H N N 263 
PHE HA   H N N 264 
PHE HB2  H N N 265 
PHE HB3  H N N 266 
PHE HD1  H N N 267 
PHE HD2  H N N 268 
PHE HE1  H N N 269 
PHE HE2  H N N 270 
PHE HZ   H N N 271 
PHE HXT  H N N 272 
PRO N    N N N 273 
PRO CA   C N S 274 
PRO C    C N N 275 
PRO O    O N N 276 
PRO CB   C N N 277 
PRO CG   C N N 278 
PRO CD   C N N 279 
PRO OXT  O N N 280 
PRO H    H N N 281 
PRO HA   H N N 282 
PRO HB2  H N N 283 
PRO HB3  H N N 284 
PRO HG2  H N N 285 
PRO HG3  H N N 286 
PRO HD2  H N N 287 
PRO HD3  H N N 288 
PRO HXT  H N N 289 
SER N    N N N 290 
SER CA   C N S 291 
SER C    C N N 292 
SER O    O N N 293 
SER CB   C N N 294 
SER OG   O N N 295 
SER OXT  O N N 296 
SER H    H N N 297 
SER H2   H N N 298 
SER HA   H N N 299 
SER HB2  H N N 300 
SER HB3  H N N 301 
SER HG   H N N 302 
SER HXT  H N N 303 
THR N    N N N 304 
THR CA   C N S 305 
THR C    C N N 306 
THR O    O N N 307 
THR CB   C N R 308 
THR OG1  O N N 309 
THR CG2  C N N 310 
THR OXT  O N N 311 
THR H    H N N 312 
THR H2   H N N 313 
THR HA   H N N 314 
THR HB   H N N 315 
THR HG1  H N N 316 
THR HG21 H N N 317 
THR HG22 H N N 318 
THR HG23 H N N 319 
THR HXT  H N N 320 
TRP N    N N N 321 
TRP CA   C N S 322 
TRP C    C N N 323 
TRP O    O N N 324 
TRP CB   C N N 325 
TRP CG   C Y N 326 
TRP CD1  C Y N 327 
TRP CD2  C Y N 328 
TRP NE1  N Y N 329 
TRP CE2  C Y N 330 
TRP CE3  C Y N 331 
TRP CZ2  C Y N 332 
TRP CZ3  C Y N 333 
TRP CH2  C Y N 334 
TRP OXT  O N N 335 
TRP H    H N N 336 
TRP H2   H N N 337 
TRP HA   H N N 338 
TRP HB2  H N N 339 
TRP HB3  H N N 340 
TRP HD1  H N N 341 
TRP HE1  H N N 342 
TRP HE3  H N N 343 
TRP HZ2  H N N 344 
TRP HZ3  H N N 345 
TRP HH2  H N N 346 
TRP HXT  H N N 347 
TYR N    N N N 348 
TYR CA   C N S 349 
TYR C    C N N 350 
TYR O    O N N 351 
TYR CB   C N N 352 
TYR CG   C Y N 353 
TYR CD1  C Y N 354 
TYR CD2  C Y N 355 
TYR CE1  C Y N 356 
TYR CE2  C Y N 357 
TYR CZ   C Y N 358 
TYR OH   O N N 359 
TYR OXT  O N N 360 
TYR H    H N N 361 
TYR H2   H N N 362 
TYR HA   H N N 363 
TYR HB2  H N N 364 
TYR HB3  H N N 365 
TYR HD1  H N N 366 
TYR HD2  H N N 367 
TYR HE1  H N N 368 
TYR HE2  H N N 369 
TYR HH   H N N 370 
TYR HXT  H N N 371 
VAL N    N N N 372 
VAL CA   C N S 373 
VAL C    C N N 374 
VAL O    O N N 375 
VAL CB   C N N 376 
VAL CG1  C N N 377 
VAL CG2  C N N 378 
VAL OXT  O N N 379 
VAL H    H N N 380 
VAL H2   H N N 381 
VAL HA   H N N 382 
VAL HB   H N N 383 
VAL HG11 H N N 384 
VAL HG12 H N N 385 
VAL HG13 H N N 386 
VAL HG21 H N N 387 
VAL HG22 H N N 388 
VAL HG23 H N N 389 
VAL HXT  H N N 390 
# 
loop_
_chem_comp_bond.comp_id 
_chem_comp_bond.atom_id_1 
_chem_comp_bond.atom_id_2 
_chem_comp_bond.value_order 
_chem_comp_bond.pdbx_aromatic_flag 
_chem_comp_bond.pdbx_stereo_config 
_chem_comp_bond.pdbx_ordinal 
ALA N   CA   sing N N 1   
ALA N   H    sing N N 2   
ALA N   H2   sing N N 3   
ALA CA  C    sing N N 4   
ALA CA  CB   sing N N 5   
ALA CA  HA   sing N N 6   
ALA C   O    doub N N 7   
ALA C   OXT  sing N N 8   
ALA CB  HB1  sing N N 9   
ALA CB  HB2  sing N N 10  
ALA CB  HB3  sing N N 11  
ALA OXT HXT  sing N N 12  
ARG N   CA   sing N N 13  
ARG N   H    sing N N 14  
ARG N   H2   sing N N 15  
ARG CA  C    sing N N 16  
ARG CA  CB   sing N N 17  
ARG CA  HA   sing N N 18  
ARG C   O    doub N N 19  
ARG C   OXT  sing N N 20  
ARG CB  CG   sing N N 21  
ARG CB  HB2  sing N N 22  
ARG CB  HB3  sing N N 23  
ARG CG  CD   sing N N 24  
ARG CG  HG2  sing N N 25  
ARG CG  HG3  sing N N 26  
ARG CD  NE   sing N N 27  
ARG CD  HD2  sing N N 28  
ARG CD  HD3  sing N N 29  
ARG NE  CZ   sing N N 30  
ARG NE  HE   sing N N 31  
ARG CZ  NH1  sing N N 32  
ARG CZ  NH2  doub N N 33  
ARG NH1 HH11 sing N N 34  
ARG NH1 HH12 sing N N 35  
ARG NH2 HH21 sing N N 36  
ARG NH2 HH22 sing N N 37  
ARG OXT HXT  sing N N 38  
ASN N   CA   sing N N 39  
ASN N   H    sing N N 40  
ASN N   H2   sing N N 41  
ASN CA  C    sing N N 42  
ASN CA  CB   sing N N 43  
ASN CA  HA   sing N N 44  
ASN C   O    doub N N 45  
ASN C   OXT  sing N N 46  
ASN CB  CG   sing N N 47  
ASN CB  HB2  sing N N 48  
ASN CB  HB3  sing N N 49  
ASN CG  OD1  doub N N 50  
ASN CG  ND2  sing N N 51  
ASN ND2 HD21 sing N N 52  
ASN ND2 HD22 sing N N 53  
ASN OXT HXT  sing N N 54  
ASP N   CA   sing N N 55  
ASP N   H    sing N N 56  
ASP N   H2   sing N N 57  
ASP CA  C    sing N N 58  
ASP CA  CB   sing N N 59  
ASP CA  HA   sing N N 60  
ASP C   O    doub N N 61  
ASP C   OXT  sing N N 62  
ASP CB  CG   sing N N 63  
ASP CB  HB2  sing N N 64  
ASP CB  HB3  sing N N 65  
ASP CG  OD1  doub N N 66  
ASP CG  OD2  sing N N 67  
ASP OD2 HD2  sing N N 68  
ASP OXT HXT  sing N N 69  
CYS N   CA   sing N N 70  
CYS N   H    sing N N 71  
CYS N   H2   sing N N 72  
CYS CA  C    sing N N 73  
CYS CA  CB   sing N N 74  
CYS CA  HA   sing N N 75  
CYS C   O    doub N N 76  
CYS C   OXT  sing N N 77  
CYS CB  SG   sing N N 78  
CYS CB  HB2  sing N N 79  
CYS CB  HB3  sing N N 80  
CYS SG  HG   sing N N 81  
CYS OXT HXT  sing N N 82  
GLN N   CA   sing N N 83  
GLN N   H    sing N N 84  
GLN N   H2   sing N N 85  
GLN CA  C    sing N N 86  
GLN CA  CB   sing N N 87  
GLN CA  HA   sing N N 88  
GLN C   O    doub N N 89  
GLN C   OXT  sing N N 90  
GLN CB  CG   sing N N 91  
GLN CB  HB2  sing N N 92  
GLN CB  HB3  sing N N 93  
GLN CG  CD   sing N N 94  
GLN CG  HG2  sing N N 95  
GLN CG  HG3  sing N N 96  
GLN CD  OE1  doub N N 97  
GLN CD  NE2  sing N N 98  
GLN NE2 HE21 sing N N 99  
GLN NE2 HE22 sing N N 100 
GLN OXT HXT  sing N N 101 
GLU N   CA   sing N N 102 
GLU N   H    sing N N 103 
GLU N   H2   sing N N 104 
GLU CA  C    sing N N 105 
GLU CA  CB   sing N N 106 
GLU CA  HA   sing N N 107 
GLU C   O    doub N N 108 
GLU C   OXT  sing N N 109 
GLU CB  CG   sing N N 110 
GLU CB  HB2  sing N N 111 
GLU CB  HB3  sing N N 112 
GLU CG  CD   sing N N 113 
GLU CG  HG2  sing N N 114 
GLU CG  HG3  sing N N 115 
GLU CD  OE1  doub N N 116 
GLU CD  OE2  sing N N 117 
GLU OE2 HE2  sing N N 118 
GLU OXT HXT  sing N N 119 
GLY N   CA   sing N N 120 
GLY N   H    sing N N 121 
GLY N   H2   sing N N 122 
GLY CA  C    sing N N 123 
GLY CA  HA2  sing N N 124 
GLY CA  HA3  sing N N 125 
GLY C   O    doub N N 126 
GLY C   OXT  sing N N 127 
GLY OXT HXT  sing N N 128 
HIS N   CA   sing N N 129 
HIS N   H    sing N N 130 
HIS N   H2   sing N N 131 
HIS CA  C    sing N N 132 
HIS CA  CB   sing N N 133 
HIS CA  HA   sing N N 134 
HIS C   O    doub N N 135 
HIS C   OXT  sing N N 136 
HIS CB  CG   sing N N 137 
HIS CB  HB2  sing N N 138 
HIS CB  HB3  sing N N 139 
HIS CG  ND1  sing Y N 140 
HIS CG  CD2  doub Y N 141 
HIS ND1 CE1  doub Y N 142 
HIS ND1 HD1  sing N N 143 
HIS CD2 NE2  sing Y N 144 
HIS CD2 HD2  sing N N 145 
HIS CE1 NE2  sing Y N 146 
HIS CE1 HE1  sing N N 147 
HIS NE2 HE2  sing N N 148 
HIS OXT HXT  sing N N 149 
HOH O   H1   sing N N 150 
HOH O   H2   sing N N 151 
ILE N   CA   sing N N 152 
ILE N   H    sing N N 153 
ILE N   H2   sing N N 154 
ILE CA  C    sing N N 155 
ILE CA  CB   sing N N 156 
ILE CA  HA   sing N N 157 
ILE C   O    doub N N 158 
ILE C   OXT  sing N N 159 
ILE CB  CG1  sing N N 160 
ILE CB  CG2  sing N N 161 
ILE CB  HB   sing N N 162 
ILE CG1 CD1  sing N N 163 
ILE CG1 HG12 sing N N 164 
ILE CG1 HG13 sing N N 165 
ILE CG2 HG21 sing N N 166 
ILE CG2 HG22 sing N N 167 
ILE CG2 HG23 sing N N 168 
ILE CD1 HD11 sing N N 169 
ILE CD1 HD12 sing N N 170 
ILE CD1 HD13 sing N N 171 
ILE OXT HXT  sing N N 172 
LEU N   CA   sing N N 173 
LEU N   H    sing N N 174 
LEU N   H2   sing N N 175 
LEU CA  C    sing N N 176 
LEU CA  CB   sing N N 177 
LEU CA  HA   sing N N 178 
LEU C   O    doub N N 179 
LEU C   OXT  sing N N 180 
LEU CB  CG   sing N N 181 
LEU CB  HB2  sing N N 182 
LEU CB  HB3  sing N N 183 
LEU CG  CD1  sing N N 184 
LEU CG  CD2  sing N N 185 
LEU CG  HG   sing N N 186 
LEU CD1 HD11 sing N N 187 
LEU CD1 HD12 sing N N 188 
LEU CD1 HD13 sing N N 189 
LEU CD2 HD21 sing N N 190 
LEU CD2 HD22 sing N N 191 
LEU CD2 HD23 sing N N 192 
LEU OXT HXT  sing N N 193 
LYS N   CA   sing N N 194 
LYS N   H    sing N N 195 
LYS N   H2   sing N N 196 
LYS CA  C    sing N N 197 
LYS CA  CB   sing N N 198 
LYS CA  HA   sing N N 199 
LYS C   O    doub N N 200 
LYS C   OXT  sing N N 201 
LYS CB  CG   sing N N 202 
LYS CB  HB2  sing N N 203 
LYS CB  HB3  sing N N 204 
LYS CG  CD   sing N N 205 
LYS CG  HG2  sing N N 206 
LYS CG  HG3  sing N N 207 
LYS CD  CE   sing N N 208 
LYS CD  HD2  sing N N 209 
LYS CD  HD3  sing N N 210 
LYS CE  NZ   sing N N 211 
LYS CE  HE2  sing N N 212 
LYS CE  HE3  sing N N 213 
LYS NZ  HZ1  sing N N 214 
LYS NZ  HZ2  sing N N 215 
LYS NZ  HZ3  sing N N 216 
LYS OXT HXT  sing N N 217 
MET N   CA   sing N N 218 
MET N   H    sing N N 219 
MET N   H2   sing N N 220 
MET CA  C    sing N N 221 
MET CA  CB   sing N N 222 
MET CA  HA   sing N N 223 
MET C   O    doub N N 224 
MET C   OXT  sing N N 225 
MET CB  CG   sing N N 226 
MET CB  HB2  sing N N 227 
MET CB  HB3  sing N N 228 
MET CG  SD   sing N N 229 
MET CG  HG2  sing N N 230 
MET CG  HG3  sing N N 231 
MET SD  CE   sing N N 232 
MET CE  HE1  sing N N 233 
MET CE  HE2  sing N N 234 
MET CE  HE3  sing N N 235 
MET OXT HXT  sing N N 236 
PHE N   CA   sing N N 237 
PHE N   H    sing N N 238 
PHE N   H2   sing N N 239 
PHE CA  C    sing N N 240 
PHE CA  CB   sing N N 241 
PHE CA  HA   sing N N 242 
PHE C   O    doub N N 243 
PHE C   OXT  sing N N 244 
PHE CB  CG   sing N N 245 
PHE CB  HB2  sing N N 246 
PHE CB  HB3  sing N N 247 
PHE CG  CD1  doub Y N 248 
PHE CG  CD2  sing Y N 249 
PHE CD1 CE1  sing Y N 250 
PHE CD1 HD1  sing N N 251 
PHE CD2 CE2  doub Y N 252 
PHE CD2 HD2  sing N N 253 
PHE CE1 CZ   doub Y N 254 
PHE CE1 HE1  sing N N 255 
PHE CE2 CZ   sing Y N 256 
PHE CE2 HE2  sing N N 257 
PHE CZ  HZ   sing N N 258 
PHE OXT HXT  sing N N 259 
PRO N   CA   sing N N 260 
PRO N   CD   sing N N 261 
PRO N   H    sing N N 262 
PRO CA  C    sing N N 263 
PRO CA  CB   sing N N 264 
PRO CA  HA   sing N N 265 
PRO C   O    doub N N 266 
PRO C   OXT  sing N N 267 
PRO CB  CG   sing N N 268 
PRO CB  HB2  sing N N 269 
PRO CB  HB3  sing N N 270 
PRO CG  CD   sing N N 271 
PRO CG  HG2  sing N N 272 
PRO CG  HG3  sing N N 273 
PRO CD  HD2  sing N N 274 
PRO CD  HD3  sing N N 275 
PRO OXT HXT  sing N N 276 
SER N   CA   sing N N 277 
SER N   H    sing N N 278 
SER N   H2   sing N N 279 
SER CA  C    sing N N 280 
SER CA  CB   sing N N 281 
SER CA  HA   sing N N 282 
SER C   O    doub N N 283 
SER C   OXT  sing N N 284 
SER CB  OG   sing N N 285 
SER CB  HB2  sing N N 286 
SER CB  HB3  sing N N 287 
SER OG  HG   sing N N 288 
SER OXT HXT  sing N N 289 
THR N   CA   sing N N 290 
THR N   H    sing N N 291 
THR N   H2   sing N N 292 
THR CA  C    sing N N 293 
THR CA  CB   sing N N 294 
THR CA  HA   sing N N 295 
THR C   O    doub N N 296 
THR C   OXT  sing N N 297 
THR CB  OG1  sing N N 298 
THR CB  CG2  sing N N 299 
THR CB  HB   sing N N 300 
THR OG1 HG1  sing N N 301 
THR CG2 HG21 sing N N 302 
THR CG2 HG22 sing N N 303 
THR CG2 HG23 sing N N 304 
THR OXT HXT  sing N N 305 
TRP N   CA   sing N N 306 
TRP N   H    sing N N 307 
TRP N   H2   sing N N 308 
TRP CA  C    sing N N 309 
TRP CA  CB   sing N N 310 
TRP CA  HA   sing N N 311 
TRP C   O    doub N N 312 
TRP C   OXT  sing N N 313 
TRP CB  CG   sing N N 314 
TRP CB  HB2  sing N N 315 
TRP CB  HB3  sing N N 316 
TRP CG  CD1  doub Y N 317 
TRP CG  CD2  sing Y N 318 
TRP CD1 NE1  sing Y N 319 
TRP CD1 HD1  sing N N 320 
TRP CD2 CE2  doub Y N 321 
TRP CD2 CE3  sing Y N 322 
TRP NE1 CE2  sing Y N 323 
TRP NE1 HE1  sing N N 324 
TRP CE2 CZ2  sing Y N 325 
TRP CE3 CZ3  doub Y N 326 
TRP CE3 HE3  sing N N 327 
TRP CZ2 CH2  doub Y N 328 
TRP CZ2 HZ2  sing N N 329 
TRP CZ3 CH2  sing Y N 330 
TRP CZ3 HZ3  sing N N 331 
TRP CH2 HH2  sing N N 332 
TRP OXT HXT  sing N N 333 
TYR N   CA   sing N N 334 
TYR N   H    sing N N 335 
TYR N   H2   sing N N 336 
TYR CA  C    sing N N 337 
TYR CA  CB   sing N N 338 
TYR CA  HA   sing N N 339 
TYR C   O    doub N N 340 
TYR C   OXT  sing N N 341 
TYR CB  CG   sing N N 342 
TYR CB  HB2  sing N N 343 
TYR CB  HB3  sing N N 344 
TYR CG  CD1  doub Y N 345 
TYR CG  CD2  sing Y N 346 
TYR CD1 CE1  sing Y N 347 
TYR CD1 HD1  sing N N 348 
TYR CD2 CE2  doub Y N 349 
TYR CD2 HD2  sing N N 350 
TYR CE1 CZ   doub Y N 351 
TYR CE1 HE1  sing N N 352 
TYR CE2 CZ   sing Y N 353 
TYR CE2 HE2  sing N N 354 
TYR CZ  OH   sing N N 355 
TYR OH  HH   sing N N 356 
TYR OXT HXT  sing N N 357 
VAL N   CA   sing N N 358 
VAL N   H    sing N N 359 
VAL N   H2   sing N N 360 
VAL CA  C    sing N N 361 
VAL CA  CB   sing N N 362 
VAL CA  HA   sing N N 363 
VAL C   O    doub N N 364 
VAL C   OXT  sing N N 365 
VAL CB  CG1  sing N N 366 
VAL CB  CG2  sing N N 367 
VAL CB  HB   sing N N 368 
VAL CG1 HG11 sing N N 369 
VAL CG1 HG12 sing N N 370 
VAL CG1 HG13 sing N N 371 
VAL CG2 HG21 sing N N 372 
VAL CG2 HG22 sing N N 373 
VAL CG2 HG23 sing N N 374 
VAL OXT HXT  sing N N 375 
# 
loop_
_pdbx_entity_nonpoly.entity_id 
_pdbx_entity_nonpoly.name 
_pdbx_entity_nonpoly.comp_id 
3 'UNKNOWN ATOM OR ION' UNX 
4 water                 HOH 
# 
_pdbx_initial_refinement_model.id               1 
_pdbx_initial_refinement_model.entity_id_list   ? 
_pdbx_initial_refinement_model.type             'experimental model' 
_pdbx_initial_refinement_model.source_name      PDB 
_pdbx_initial_refinement_model.accession_code   3SO8 
_pdbx_initial_refinement_model.details          'PDB ENTRY 3SO8' 
# 
